data_1SDZ
# 
_entry.id   1SDZ 
# 
_audit_conform.dict_name       mmcif_pdbx.dic 
_audit_conform.dict_version    5.386 
_audit_conform.dict_location   http://mmcif.pdb.org/dictionaries/ascii/mmcif_pdbx.dic 
# 
loop_
_database_2.database_id 
_database_2.database_code 
_database_2.pdbx_database_accession 
_database_2.pdbx_DOI 
PDB   1SDZ         pdb_00001sdz 10.2210/pdb1sdz/pdb 
RCSB  RCSB021628   ?            ?                   
WWPDB D_1000021628 ?            ?                   
# 
loop_
_pdbx_audit_revision_history.ordinal 
_pdbx_audit_revision_history.data_content_type 
_pdbx_audit_revision_history.major_revision 
_pdbx_audit_revision_history.minor_revision 
_pdbx_audit_revision_history.revision_date 
1 'Structure model' 1 0 2004-04-27 
2 'Structure model' 1 1 2008-04-29 
3 'Structure model' 1 2 2011-07-13 
4 'Structure model' 1 3 2024-02-14 
# 
_pdbx_audit_revision_details.ordinal             1 
_pdbx_audit_revision_details.revision_ordinal    1 
_pdbx_audit_revision_details.data_content_type   'Structure model' 
_pdbx_audit_revision_details.provider            repository 
_pdbx_audit_revision_details.type                'Initial release' 
_pdbx_audit_revision_details.description         ? 
_pdbx_audit_revision_details.details             ? 
# 
loop_
_pdbx_audit_revision_group.ordinal 
_pdbx_audit_revision_group.revision_ordinal 
_pdbx_audit_revision_group.data_content_type 
_pdbx_audit_revision_group.group 
1 2 'Structure model' 'Version format compliance' 
2 3 'Structure model' 'Version format compliance' 
3 4 'Structure model' 'Data collection'           
4 4 'Structure model' 'Database references'       
5 4 'Structure model' 'Derived calculations'      
# 
loop_
_pdbx_audit_revision_category.ordinal 
_pdbx_audit_revision_category.revision_ordinal 
_pdbx_audit_revision_category.data_content_type 
_pdbx_audit_revision_category.category 
1 4 'Structure model' chem_comp_atom         
2 4 'Structure model' chem_comp_bond         
3 4 'Structure model' database_2             
4 4 'Structure model' pdbx_struct_conn_angle 
5 4 'Structure model' struct_conn            
6 4 'Structure model' struct_ref_seq_dif     
7 4 'Structure model' struct_site            
# 
loop_
_pdbx_audit_revision_item.ordinal 
_pdbx_audit_revision_item.revision_ordinal 
_pdbx_audit_revision_item.data_content_type 
_pdbx_audit_revision_item.item 
1  4 'Structure model' '_database_2.pdbx_DOI'                        
2  4 'Structure model' '_database_2.pdbx_database_accession'         
3  4 'Structure model' '_pdbx_struct_conn_angle.ptnr1_auth_comp_id'  
4  4 'Structure model' '_pdbx_struct_conn_angle.ptnr1_auth_seq_id'   
5  4 'Structure model' '_pdbx_struct_conn_angle.ptnr1_label_atom_id' 
6  4 'Structure model' '_pdbx_struct_conn_angle.ptnr1_label_comp_id' 
7  4 'Structure model' '_pdbx_struct_conn_angle.ptnr1_label_seq_id'  
8  4 'Structure model' '_pdbx_struct_conn_angle.ptnr3_auth_comp_id'  
9  4 'Structure model' '_pdbx_struct_conn_angle.ptnr3_auth_seq_id'   
10 4 'Structure model' '_pdbx_struct_conn_angle.ptnr3_label_atom_id' 
11 4 'Structure model' '_pdbx_struct_conn_angle.ptnr3_label_comp_id' 
12 4 'Structure model' '_pdbx_struct_conn_angle.ptnr3_label_seq_id'  
13 4 'Structure model' '_pdbx_struct_conn_angle.value'               
14 4 'Structure model' '_struct_conn.pdbx_dist_value'                
15 4 'Structure model' '_struct_conn.ptnr1_auth_comp_id'             
16 4 'Structure model' '_struct_conn.ptnr1_auth_seq_id'              
17 4 'Structure model' '_struct_conn.ptnr1_label_asym_id'            
18 4 'Structure model' '_struct_conn.ptnr1_label_atom_id'            
19 4 'Structure model' '_struct_conn.ptnr1_label_comp_id'            
20 4 'Structure model' '_struct_conn.ptnr1_label_seq_id'             
21 4 'Structure model' '_struct_conn.ptnr2_auth_comp_id'             
22 4 'Structure model' '_struct_conn.ptnr2_auth_seq_id'              
23 4 'Structure model' '_struct_conn.ptnr2_label_asym_id'            
24 4 'Structure model' '_struct_conn.ptnr2_label_atom_id'            
25 4 'Structure model' '_struct_conn.ptnr2_label_comp_id'            
26 4 'Structure model' '_struct_conn.ptnr2_label_seq_id'             
27 4 'Structure model' '_struct_ref_seq_dif.details'                 
28 4 'Structure model' '_struct_site.pdbx_auth_asym_id'              
29 4 'Structure model' '_struct_site.pdbx_auth_comp_id'              
30 4 'Structure model' '_struct_site.pdbx_auth_seq_id'               
# 
_pdbx_database_status.status_code                     REL 
_pdbx_database_status.entry_id                        1SDZ 
_pdbx_database_status.recvd_initial_deposition_date   2004-02-15 
_pdbx_database_status.deposit_site                    RCSB 
_pdbx_database_status.process_site                    RCSB 
_pdbx_database_status.SG_entry                        . 
_pdbx_database_status.pdb_format_compatible           Y 
_pdbx_database_status.status_code_mr                  ? 
_pdbx_database_status.status_code_sf                  ? 
_pdbx_database_status.status_code_cs                  ? 
_pdbx_database_status.status_code_nmr_data            ? 
_pdbx_database_status.methods_development_category    ? 
# 
loop_
_audit_author.name 
_audit_author.pdbx_ordinal 
'Yan, N.'  1 
'Wu, J.W.' 2 
'Shi, Y.'  3 
# 
_citation.id                        primary 
_citation.title                     
'Molecular mechanisms of DrICE inhibition by DIAP1 and removal of inhibition by Reaper, Hid and Grim.' 
_citation.journal_abbrev            Nat.Struct.Mol.Biol. 
_citation.journal_volume            11 
_citation.page_first                420 
_citation.page_last                 428 
_citation.year                      2004 
_citation.journal_id_ASTM           ? 
_citation.country                   US 
_citation.journal_id_ISSN           1545-9993 
_citation.journal_id_CSD            ? 
_citation.book_publisher            ? 
_citation.pdbx_database_id_PubMed   15107838 
_citation.pdbx_database_id_DOI      10.1038/nsmb764 
# 
loop_
_citation_author.citation_id 
_citation_author.name 
_citation_author.ordinal 
_citation_author.identifier_ORCID 
primary 'Yan, N.'  1 ? 
primary 'Wu, J.W.' 2 ? 
primary 'Chai, J.' 3 ? 
primary 'Li, W.'   4 ? 
primary 'Shi, Y.'  5 ? 
# 
loop_
_entity.id 
_entity.type 
_entity.src_method 
_entity.pdbx_description 
_entity.formula_weight 
_entity.pdbx_number_of_molecules 
_entity.pdbx_ec 
_entity.pdbx_mutation 
_entity.pdbx_fragment 
_entity.details 
1 polymer     man 'Apoptosis 1 inhibitor' 13552.203 1   ? ? 'DIAP1 BIR1 domain'         ? 
2 polymer     syn Reaper                  1094.216  1   ? ? 'Reaper N-terminal peptide' ? 
3 non-polymer syn 'ZINC ION'              65.409    1   ? ? ?                           ? 
4 water       nat water                   18.015    154 ? ? ?                           ? 
# 
_entity_name_com.entity_id   1 
_entity_name_com.name        'Inhibitor of apoptosis 1, dIAP1, Thread protein' 
# 
loop_
_entity_poly.entity_id 
_entity_poly.type 
_entity_poly.nstd_linkage 
_entity_poly.nstd_monomer 
_entity_poly.pdbx_seq_one_letter_code 
_entity_poly.pdbx_seq_one_letter_code_can 
_entity_poly.pdbx_strand_id 
_entity_poly.pdbx_target_identifier 
1 'polypeptide(L)' no no 
;KNNINKTRMNDLNREETRLKTFTDWPLDWLDKRQLAQTGMYFTHAGDKVKCFFCGVEIGSWEQEDQPVPEHQRWSPNCPL
LRRRTTNNVPINAEALDRILPPISYDICGANDSTLE
;
;KNNINKTRMNDLNREETRLKTFTDWPLDWLDKRQLAQTGMYFTHAGDKVKCFFCGVEIGSWEQEDQPVPEHQRWSPNCPL
LRRRTTNNVPINAEALDRILPPISYDICGANDSTLE
;
A ? 
2 'polypeptide(L)' no no AVAFYIPDQA AVAFYIPDQA B ? 
# 
loop_
_pdbx_entity_nonpoly.entity_id 
_pdbx_entity_nonpoly.name 
_pdbx_entity_nonpoly.comp_id 
3 'ZINC ION' ZN  
4 water      HOH 
# 
loop_
_entity_poly_seq.entity_id 
_entity_poly_seq.num 
_entity_poly_seq.mon_id 
_entity_poly_seq.hetero 
1 1   LYS n 
1 2   ASN n 
1 3   ASN n 
1 4   ILE n 
1 5   ASN n 
1 6   LYS n 
1 7   THR n 
1 8   ARG n 
1 9   MET n 
1 10  ASN n 
1 11  ASP n 
1 12  LEU n 
1 13  ASN n 
1 14  ARG n 
1 15  GLU n 
1 16  GLU n 
1 17  THR n 
1 18  ARG n 
1 19  LEU n 
1 20  LYS n 
1 21  THR n 
1 22  PHE n 
1 23  THR n 
1 24  ASP n 
1 25  TRP n 
1 26  PRO n 
1 27  LEU n 
1 28  ASP n 
1 29  TRP n 
1 30  LEU n 
1 31  ASP n 
1 32  LYS n 
1 33  ARG n 
1 34  GLN n 
1 35  LEU n 
1 36  ALA n 
1 37  GLN n 
1 38  THR n 
1 39  GLY n 
1 40  MET n 
1 41  TYR n 
1 42  PHE n 
1 43  THR n 
1 44  HIS n 
1 45  ALA n 
1 46  GLY n 
1 47  ASP n 
1 48  LYS n 
1 49  VAL n 
1 50  LYS n 
1 51  CYS n 
1 52  PHE n 
1 53  PHE n 
1 54  CYS n 
1 55  GLY n 
1 56  VAL n 
1 57  GLU n 
1 58  ILE n 
1 59  GLY n 
1 60  SER n 
1 61  TRP n 
1 62  GLU n 
1 63  GLN n 
1 64  GLU n 
1 65  ASP n 
1 66  GLN n 
1 67  PRO n 
1 68  VAL n 
1 69  PRO n 
1 70  GLU n 
1 71  HIS n 
1 72  GLN n 
1 73  ARG n 
1 74  TRP n 
1 75  SER n 
1 76  PRO n 
1 77  ASN n 
1 78  CYS n 
1 79  PRO n 
1 80  LEU n 
1 81  LEU n 
1 82  ARG n 
1 83  ARG n 
1 84  ARG n 
1 85  THR n 
1 86  THR n 
1 87  ASN n 
1 88  ASN n 
1 89  VAL n 
1 90  PRO n 
1 91  ILE n 
1 92  ASN n 
1 93  ALA n 
1 94  GLU n 
1 95  ALA n 
1 96  LEU n 
1 97  ASP n 
1 98  ARG n 
1 99  ILE n 
1 100 LEU n 
1 101 PRO n 
1 102 PRO n 
1 103 ILE n 
1 104 SER n 
1 105 TYR n 
1 106 ASP n 
1 107 ILE n 
1 108 CYS n 
1 109 GLY n 
1 110 ALA n 
1 111 ASN n 
1 112 ASP n 
1 113 SER n 
1 114 THR n 
1 115 LEU n 
1 116 GLU n 
2 1   ALA n 
2 2   VAL n 
2 3   ALA n 
2 4   PHE n 
2 5   TYR n 
2 6   ILE n 
2 7   PRO n 
2 8   ASP n 
2 9   GLN n 
2 10  ALA n 
# 
_entity_src_gen.entity_id                          1 
_entity_src_gen.pdbx_src_id                        1 
_entity_src_gen.pdbx_alt_source_flag               sample 
_entity_src_gen.pdbx_seq_type                      ? 
_entity_src_gen.pdbx_beg_seq_num                   ? 
_entity_src_gen.pdbx_end_seq_num                   ? 
_entity_src_gen.gene_src_common_name               'fruit fly' 
_entity_src_gen.gene_src_genus                     Drosophila 
_entity_src_gen.pdbx_gene_src_gene                 'IAP1, TH' 
_entity_src_gen.gene_src_species                   ? 
_entity_src_gen.gene_src_strain                    ? 
_entity_src_gen.gene_src_tissue                    ? 
_entity_src_gen.gene_src_tissue_fraction           ? 
_entity_src_gen.gene_src_details                   ? 
_entity_src_gen.pdbx_gene_src_fragment             ? 
_entity_src_gen.pdbx_gene_src_scientific_name      'Drosophila melanogaster' 
_entity_src_gen.pdbx_gene_src_ncbi_taxonomy_id     7227 
_entity_src_gen.pdbx_gene_src_variant              ? 
_entity_src_gen.pdbx_gene_src_cell_line            ? 
_entity_src_gen.pdbx_gene_src_atcc                 ? 
_entity_src_gen.pdbx_gene_src_organ                ? 
_entity_src_gen.pdbx_gene_src_organelle            ? 
_entity_src_gen.pdbx_gene_src_cell                 ? 
_entity_src_gen.pdbx_gene_src_cellular_location    ? 
_entity_src_gen.host_org_common_name               ? 
_entity_src_gen.pdbx_host_org_scientific_name      'Escherichia coli' 
_entity_src_gen.pdbx_host_org_ncbi_taxonomy_id     562 
_entity_src_gen.host_org_genus                     Escherichia 
_entity_src_gen.pdbx_host_org_gene                 ? 
_entity_src_gen.pdbx_host_org_organ                ? 
_entity_src_gen.host_org_species                   ? 
_entity_src_gen.pdbx_host_org_tissue               ? 
_entity_src_gen.pdbx_host_org_tissue_fraction      ? 
_entity_src_gen.pdbx_host_org_strain               ? 
_entity_src_gen.pdbx_host_org_variant              ? 
_entity_src_gen.pdbx_host_org_cell_line            ? 
_entity_src_gen.pdbx_host_org_atcc                 ? 
_entity_src_gen.pdbx_host_org_culture_collection   ? 
_entity_src_gen.pdbx_host_org_cell                 ? 
_entity_src_gen.pdbx_host_org_organelle            ? 
_entity_src_gen.pdbx_host_org_cellular_location    ? 
_entity_src_gen.pdbx_host_org_vector_type          ? 
_entity_src_gen.pdbx_host_org_vector               ? 
_entity_src_gen.host_org_details                   ? 
_entity_src_gen.expression_system_id               ? 
_entity_src_gen.plasmid_name                       ? 
_entity_src_gen.plasmid_details                    ? 
_entity_src_gen.pdbx_description                   ? 
# 
_pdbx_entity_src_syn.entity_id              2 
_pdbx_entity_src_syn.pdbx_src_id            1 
_pdbx_entity_src_syn.pdbx_alt_source_flag   sample 
_pdbx_entity_src_syn.pdbx_beg_seq_num       ? 
_pdbx_entity_src_syn.pdbx_end_seq_num       ? 
_pdbx_entity_src_syn.organism_scientific    ? 
_pdbx_entity_src_syn.organism_common_name   ? 
_pdbx_entity_src_syn.ncbi_taxonomy_id       ? 
_pdbx_entity_src_syn.details                'The sequence of this peptide occurs naturally in Drosophila (fruit flies).' 
# 
loop_
_chem_comp.id 
_chem_comp.type 
_chem_comp.mon_nstd_flag 
_chem_comp.name 
_chem_comp.pdbx_synonyms 
_chem_comp.formula 
_chem_comp.formula_weight 
ALA 'L-peptide linking' y ALANINE         ? 'C3 H7 N O2'     89.093  
ARG 'L-peptide linking' y ARGININE        ? 'C6 H15 N4 O2 1' 175.209 
ASN 'L-peptide linking' y ASPARAGINE      ? 'C4 H8 N2 O3'    132.118 
ASP 'L-peptide linking' y 'ASPARTIC ACID' ? 'C4 H7 N O4'     133.103 
CYS 'L-peptide linking' y CYSTEINE        ? 'C3 H7 N O2 S'   121.158 
GLN 'L-peptide linking' y GLUTAMINE       ? 'C5 H10 N2 O3'   146.144 
GLU 'L-peptide linking' y 'GLUTAMIC ACID' ? 'C5 H9 N O4'     147.129 
GLY 'peptide linking'   y GLYCINE         ? 'C2 H5 N O2'     75.067  
HIS 'L-peptide linking' y HISTIDINE       ? 'C6 H10 N3 O2 1' 156.162 
HOH non-polymer         . WATER           ? 'H2 O'           18.015  
ILE 'L-peptide linking' y ISOLEUCINE      ? 'C6 H13 N O2'    131.173 
LEU 'L-peptide linking' y LEUCINE         ? 'C6 H13 N O2'    131.173 
LYS 'L-peptide linking' y LYSINE          ? 'C6 H15 N2 O2 1' 147.195 
MET 'L-peptide linking' y METHIONINE      ? 'C5 H11 N O2 S'  149.211 
PHE 'L-peptide linking' y PHENYLALANINE   ? 'C9 H11 N O2'    165.189 
PRO 'L-peptide linking' y PROLINE         ? 'C5 H9 N O2'     115.130 
SER 'L-peptide linking' y SERINE          ? 'C3 H7 N O3'     105.093 
THR 'L-peptide linking' y THREONINE       ? 'C4 H9 N O3'     119.119 
TRP 'L-peptide linking' y TRYPTOPHAN      ? 'C11 H12 N2 O2'  204.225 
TYR 'L-peptide linking' y TYROSINE        ? 'C9 H11 N O3'    181.189 
VAL 'L-peptide linking' y VALINE          ? 'C5 H11 N O2'    117.146 
ZN  non-polymer         . 'ZINC ION'      ? 'Zn 2'           65.409  
# 
loop_
_pdbx_poly_seq_scheme.asym_id 
_pdbx_poly_seq_scheme.entity_id 
_pdbx_poly_seq_scheme.seq_id 
_pdbx_poly_seq_scheme.mon_id 
_pdbx_poly_seq_scheme.ndb_seq_num 
_pdbx_poly_seq_scheme.pdb_seq_num 
_pdbx_poly_seq_scheme.auth_seq_num 
_pdbx_poly_seq_scheme.pdb_mon_id 
_pdbx_poly_seq_scheme.auth_mon_id 
_pdbx_poly_seq_scheme.pdb_strand_id 
_pdbx_poly_seq_scheme.pdb_ins_code 
_pdbx_poly_seq_scheme.hetero 
A 1 1   LYS 1   30  ?   ?   ?   A . n 
A 1 2   ASN 2   31  ?   ?   ?   A . n 
A 1 3   ASN 3   32  ?   ?   ?   A . n 
A 1 4   ILE 4   33  ?   ?   ?   A . n 
A 1 5   ASN 5   34  ?   ?   ?   A . n 
A 1 6   LYS 6   35  ?   ?   ?   A . n 
A 1 7   THR 7   36  ?   ?   ?   A . n 
A 1 8   ARG 8   37  ?   ?   ?   A . n 
A 1 9   MET 9   38  ?   ?   ?   A . n 
A 1 10  ASN 10  39  39  ASN ASN A . n 
A 1 11  ASP 11  40  40  ASP ASP A . n 
A 1 12  LEU 12  41  41  LEU LEU A . n 
A 1 13  ASN 13  42  42  ASN ASN A . n 
A 1 14  ARG 14  43  43  ARG ARG A . n 
A 1 15  GLU 15  44  44  GLU GLU A . n 
A 1 16  GLU 16  45  45  GLU GLU A . n 
A 1 17  THR 17  46  46  THR THR A . n 
A 1 18  ARG 18  47  47  ARG ARG A . n 
A 1 19  LEU 19  48  48  LEU LEU A . n 
A 1 20  LYS 20  49  49  LYS LYS A . n 
A 1 21  THR 21  50  50  THR THR A . n 
A 1 22  PHE 22  51  51  PHE PHE A . n 
A 1 23  THR 23  52  52  THR THR A . n 
A 1 24  ASP 24  53  53  ASP ASP A . n 
A 1 25  TRP 25  54  54  TRP TRP A . n 
A 1 26  PRO 26  55  55  PRO PRO A . n 
A 1 27  LEU 27  56  56  LEU LEU A . n 
A 1 28  ASP 28  57  57  ASP ASP A . n 
A 1 29  TRP 29  58  58  TRP TRP A . n 
A 1 30  LEU 30  59  59  LEU LEU A . n 
A 1 31  ASP 31  60  60  ASP ASP A . n 
A 1 32  LYS 32  61  61  LYS LYS A . n 
A 1 33  ARG 33  62  62  ARG ARG A . n 
A 1 34  GLN 34  63  63  GLN GLN A . n 
A 1 35  LEU 35  64  64  LEU LEU A . n 
A 1 36  ALA 36  65  65  ALA ALA A . n 
A 1 37  GLN 37  66  66  GLN GLN A . n 
A 1 38  THR 38  67  67  THR THR A . n 
A 1 39  GLY 39  68  68  GLY GLY A . n 
A 1 40  MET 40  69  69  MET MET A . n 
A 1 41  TYR 41  70  70  TYR TYR A . n 
A 1 42  PHE 42  71  71  PHE PHE A . n 
A 1 43  THR 43  72  72  THR THR A . n 
A 1 44  HIS 44  73  73  HIS HIS A . n 
A 1 45  ALA 45  74  74  ALA ALA A . n 
A 1 46  GLY 46  75  75  GLY GLY A . n 
A 1 47  ASP 47  76  76  ASP ASP A . n 
A 1 48  LYS 48  77  77  LYS LYS A . n 
A 1 49  VAL 49  78  78  VAL VAL A . n 
A 1 50  LYS 50  79  79  LYS LYS A . n 
A 1 51  CYS 51  80  80  CYS CYS A . n 
A 1 52  PHE 52  81  81  PHE PHE A . n 
A 1 53  PHE 53  82  82  PHE PHE A . n 
A 1 54  CYS 54  83  83  CYS CYS A . n 
A 1 55  GLY 55  84  84  GLY GLY A . n 
A 1 56  VAL 56  85  85  VAL VAL A . n 
A 1 57  GLU 57  86  86  GLU GLU A . n 
A 1 58  ILE 58  87  87  ILE ILE A . n 
A 1 59  GLY 59  88  88  GLY GLY A . n 
A 1 60  SER 60  89  89  SER SER A . n 
A 1 61  TRP 61  90  90  TRP TRP A . n 
A 1 62  GLU 62  91  91  GLU GLU A . n 
A 1 63  GLN 63  92  92  GLN GLN A . n 
A 1 64  GLU 64  93  93  GLU GLU A . n 
A 1 65  ASP 65  94  94  ASP ASP A . n 
A 1 66  GLN 66  95  95  GLN GLN A . n 
A 1 67  PRO 67  96  96  PRO PRO A . n 
A 1 68  VAL 68  97  97  VAL VAL A . n 
A 1 69  PRO 69  98  98  PRO PRO A . n 
A 1 70  GLU 70  99  99  GLU GLU A . n 
A 1 71  HIS 71  100 100 HIS HIS A . n 
A 1 72  GLN 72  101 101 GLN GLN A . n 
A 1 73  ARG 73  102 102 ARG ARG A . n 
A 1 74  TRP 74  103 103 TRP TRP A . n 
A 1 75  SER 75  104 104 SER SER A . n 
A 1 76  PRO 76  105 105 PRO PRO A . n 
A 1 77  ASN 77  106 106 ASN ASN A . n 
A 1 78  CYS 78  107 107 CYS CYS A . n 
A 1 79  PRO 79  108 108 PRO PRO A . n 
A 1 80  LEU 80  109 109 LEU LEU A . n 
A 1 81  LEU 81  110 110 LEU LEU A . n 
A 1 82  ARG 82  111 111 ARG ARG A . n 
A 1 83  ARG 83  112 112 ARG ARG A . n 
A 1 84  ARG 84  113 113 ARG ARG A . n 
A 1 85  THR 85  114 114 THR THR A . n 
A 1 86  THR 86  115 115 THR THR A . n 
A 1 87  ASN 87  116 116 ASN ASN A . n 
A 1 88  ASN 88  117 117 ASN ASN A . n 
A 1 89  VAL 89  118 118 VAL VAL A . n 
A 1 90  PRO 90  119 119 PRO PRO A . n 
A 1 91  ILE 91  120 120 ILE ILE A . n 
A 1 92  ASN 92  121 121 ASN ASN A . n 
A 1 93  ALA 93  122 122 ALA ALA A . n 
A 1 94  GLU 94  123 123 GLU GLU A . n 
A 1 95  ALA 95  124 124 ALA ALA A . n 
A 1 96  LEU 96  125 125 LEU LEU A . n 
A 1 97  ASP 97  126 126 ASP ASP A . n 
A 1 98  ARG 98  127 127 ARG ARG A . n 
A 1 99  ILE 99  128 128 ILE ILE A . n 
A 1 100 LEU 100 129 129 LEU LEU A . n 
A 1 101 PRO 101 130 130 PRO PRO A . n 
A 1 102 PRO 102 131 131 PRO PRO A . n 
A 1 103 ILE 103 132 132 ILE ILE A . n 
A 1 104 SER 104 133 133 SER SER A . n 
A 1 105 TYR 105 134 134 TYR TYR A . n 
A 1 106 ASP 106 135 135 ASP ASP A . n 
A 1 107 ILE 107 136 ?   ?   ?   A . n 
A 1 108 CYS 108 137 ?   ?   ?   A . n 
A 1 109 GLY 109 138 ?   ?   ?   A . n 
A 1 110 ALA 110 139 ?   ?   ?   A . n 
A 1 111 ASN 111 140 ?   ?   ?   A . n 
A 1 112 ASP 112 141 ?   ?   ?   A . n 
A 1 113 SER 113 142 ?   ?   ?   A . n 
A 1 114 THR 114 143 ?   ?   ?   A . n 
A 1 115 LEU 115 144 ?   ?   ?   A . n 
A 1 116 GLU 116 145 ?   ?   ?   A . n 
B 2 1   ALA 1   1   1   ALA ALA B . n 
B 2 2   VAL 2   2   2   VAL VAL B . n 
B 2 3   ALA 3   3   3   ALA ALA B . n 
B 2 4   PHE 4   4   4   PHE PHE B . n 
B 2 5   TYR 5   5   5   TYR TYR B . n 
B 2 6   ILE 6   6   6   ILE ILE B . n 
B 2 7   PRO 7   7   7   PRO PRO B . n 
B 2 8   ASP 8   8   ?   ?   ?   B . n 
B 2 9   GLN 9   9   ?   ?   ?   B . n 
B 2 10  ALA 10  10  ?   ?   ?   B . n 
# 
loop_
_pdbx_nonpoly_scheme.asym_id 
_pdbx_nonpoly_scheme.entity_id 
_pdbx_nonpoly_scheme.mon_id 
_pdbx_nonpoly_scheme.ndb_seq_num 
_pdbx_nonpoly_scheme.pdb_seq_num 
_pdbx_nonpoly_scheme.auth_seq_num 
_pdbx_nonpoly_scheme.pdb_mon_id 
_pdbx_nonpoly_scheme.auth_mon_id 
_pdbx_nonpoly_scheme.pdb_strand_id 
_pdbx_nonpoly_scheme.pdb_ins_code 
C 3 ZN  1   155 1   ZN  ZN2 A . 
D 4 HOH 1   156 1   HOH TIP A . 
D 4 HOH 2   157 2   HOH TIP A . 
D 4 HOH 3   158 3   HOH TIP A . 
D 4 HOH 4   159 4   HOH TIP A . 
D 4 HOH 5   160 5   HOH TIP A . 
D 4 HOH 6   161 6   HOH TIP A . 
D 4 HOH 7   162 7   HOH TIP A . 
D 4 HOH 8   163 8   HOH TIP A . 
D 4 HOH 9   164 9   HOH TIP A . 
D 4 HOH 10  165 10  HOH TIP A . 
D 4 HOH 11  166 11  HOH TIP A . 
D 4 HOH 12  167 12  HOH TIP A . 
D 4 HOH 13  168 13  HOH TIP A . 
D 4 HOH 14  169 14  HOH TIP A . 
D 4 HOH 15  170 15  HOH TIP A . 
D 4 HOH 16  171 16  HOH TIP A . 
D 4 HOH 17  172 17  HOH TIP A . 
D 4 HOH 18  173 18  HOH TIP A . 
D 4 HOH 19  174 19  HOH TIP A . 
D 4 HOH 20  175 20  HOH TIP A . 
D 4 HOH 21  176 21  HOH TIP A . 
D 4 HOH 22  177 22  HOH TIP A . 
D 4 HOH 23  178 23  HOH TIP A . 
D 4 HOH 24  179 24  HOH TIP A . 
D 4 HOH 25  180 25  HOH TIP A . 
D 4 HOH 26  181 26  HOH TIP A . 
D 4 HOH 27  182 27  HOH TIP A . 
D 4 HOH 28  183 28  HOH TIP A . 
D 4 HOH 29  184 29  HOH TIP A . 
D 4 HOH 30  185 30  HOH TIP A . 
D 4 HOH 31  186 31  HOH TIP A . 
D 4 HOH 32  187 32  HOH TIP A . 
D 4 HOH 33  188 33  HOH TIP A . 
D 4 HOH 34  189 34  HOH TIP A . 
D 4 HOH 35  190 35  HOH TIP A . 
D 4 HOH 36  191 36  HOH TIP A . 
D 4 HOH 37  192 37  HOH TIP A . 
D 4 HOH 38  193 38  HOH TIP A . 
D 4 HOH 39  194 39  HOH TIP A . 
D 4 HOH 40  195 40  HOH TIP A . 
D 4 HOH 41  196 41  HOH TIP A . 
D 4 HOH 42  197 42  HOH TIP A . 
D 4 HOH 43  198 43  HOH TIP A . 
D 4 HOH 44  199 44  HOH TIP A . 
D 4 HOH 45  200 45  HOH TIP A . 
D 4 HOH 46  201 46  HOH TIP A . 
D 4 HOH 47  202 47  HOH TIP A . 
D 4 HOH 48  203 48  HOH TIP A . 
D 4 HOH 49  204 49  HOH TIP A . 
D 4 HOH 50  205 50  HOH TIP A . 
D 4 HOH 51  206 51  HOH TIP A . 
D 4 HOH 52  207 52  HOH TIP A . 
D 4 HOH 53  208 53  HOH TIP A . 
D 4 HOH 54  209 54  HOH TIP A . 
D 4 HOH 55  210 56  HOH TIP A . 
D 4 HOH 56  211 57  HOH TIP A . 
D 4 HOH 57  212 58  HOH TIP A . 
D 4 HOH 58  213 59  HOH TIP A . 
D 4 HOH 59  214 60  HOH TIP A . 
D 4 HOH 60  215 61  HOH TIP A . 
D 4 HOH 61  216 62  HOH TIP A . 
D 4 HOH 62  217 63  HOH TIP A . 
D 4 HOH 63  218 64  HOH TIP A . 
D 4 HOH 64  219 65  HOH TIP A . 
D 4 HOH 65  220 66  HOH TIP A . 
D 4 HOH 66  221 67  HOH TIP A . 
D 4 HOH 67  222 68  HOH TIP A . 
D 4 HOH 68  223 69  HOH TIP A . 
D 4 HOH 69  224 70  HOH TIP A . 
D 4 HOH 70  225 71  HOH TIP A . 
D 4 HOH 71  226 72  HOH TIP A . 
D 4 HOH 72  227 73  HOH TIP A . 
D 4 HOH 73  228 74  HOH TIP A . 
D 4 HOH 74  229 75  HOH TIP A . 
D 4 HOH 75  230 76  HOH TIP A . 
D 4 HOH 76  231 77  HOH TIP A . 
D 4 HOH 77  232 78  HOH TIP A . 
D 4 HOH 78  233 79  HOH TIP A . 
D 4 HOH 79  234 80  HOH TIP A . 
D 4 HOH 80  235 81  HOH TIP A . 
D 4 HOH 81  236 82  HOH TIP A . 
D 4 HOH 82  237 83  HOH TIP A . 
D 4 HOH 83  238 84  HOH TIP A . 
D 4 HOH 84  239 85  HOH TIP A . 
D 4 HOH 85  240 86  HOH TIP A . 
D 4 HOH 86  241 87  HOH TIP A . 
D 4 HOH 87  242 88  HOH TIP A . 
D 4 HOH 88  243 90  HOH TIP A . 
D 4 HOH 89  244 92  HOH TIP A . 
D 4 HOH 90  245 93  HOH TIP A . 
D 4 HOH 91  246 94  HOH TIP A . 
D 4 HOH 92  247 95  HOH TIP A . 
D 4 HOH 93  248 96  HOH TIP A . 
D 4 HOH 94  249 97  HOH TIP A . 
D 4 HOH 95  250 98  HOH TIP A . 
D 4 HOH 96  251 100 HOH TIP A . 
D 4 HOH 97  252 101 HOH TIP A . 
D 4 HOH 98  253 103 HOH TIP A . 
D 4 HOH 99  254 104 HOH TIP A . 
D 4 HOH 100 255 105 HOH TIP A . 
D 4 HOH 101 256 106 HOH TIP A . 
D 4 HOH 102 257 107 HOH TIP A . 
D 4 HOH 103 258 108 HOH TIP A . 
D 4 HOH 104 259 109 HOH TIP A . 
D 4 HOH 105 260 110 HOH TIP A . 
D 4 HOH 106 261 111 HOH TIP A . 
D 4 HOH 107 262 112 HOH TIP A . 
D 4 HOH 108 263 113 HOH TIP A . 
D 4 HOH 109 264 114 HOH TIP A . 
D 4 HOH 110 265 115 HOH TIP A . 
D 4 HOH 111 266 116 HOH TIP A . 
D 4 HOH 112 267 117 HOH TIP A . 
D 4 HOH 113 268 118 HOH TIP A . 
D 4 HOH 114 269 119 HOH TIP A . 
D 4 HOH 115 270 120 HOH TIP A . 
D 4 HOH 116 271 121 HOH TIP A . 
D 4 HOH 117 272 122 HOH TIP A . 
D 4 HOH 118 273 123 HOH TIP A . 
D 4 HOH 119 274 124 HOH TIP A . 
D 4 HOH 120 275 125 HOH TIP A . 
D 4 HOH 121 276 126 HOH TIP A . 
D 4 HOH 122 277 127 HOH TIP A . 
D 4 HOH 123 278 128 HOH TIP A . 
D 4 HOH 124 279 129 HOH TIP A . 
D 4 HOH 125 280 130 HOH TIP A . 
D 4 HOH 126 281 131 HOH TIP A . 
D 4 HOH 127 282 133 HOH TIP A . 
D 4 HOH 128 283 134 HOH TIP A . 
D 4 HOH 129 284 135 HOH TIP A . 
D 4 HOH 130 285 136 HOH TIP A . 
D 4 HOH 131 286 137 HOH TIP A . 
D 4 HOH 132 287 139 HOH TIP A . 
D 4 HOH 133 288 140 HOH TIP A . 
D 4 HOH 134 289 141 HOH TIP A . 
D 4 HOH 135 290 142 HOH TIP A . 
D 4 HOH 136 291 143 HOH TIP A . 
D 4 HOH 137 292 144 HOH TIP A . 
D 4 HOH 138 293 145 HOH TIP A . 
D 4 HOH 139 294 146 HOH TIP A . 
D 4 HOH 140 295 147 HOH TIP A . 
D 4 HOH 141 296 148 HOH TIP A . 
D 4 HOH 142 297 149 HOH TIP A . 
D 4 HOH 143 298 150 HOH TIP A . 
D 4 HOH 144 299 151 HOH TIP A . 
D 4 HOH 145 300 152 HOH TIP A . 
D 4 HOH 146 301 153 HOH TIP A . 
D 4 HOH 147 302 154 HOH TIP A . 
E 4 HOH 1   55  55  HOH TIP B . 
E 4 HOH 2   89  89  HOH TIP B . 
E 4 HOH 3   91  91  HOH TIP B . 
E 4 HOH 4   99  99  HOH TIP B . 
E 4 HOH 5   102 102 HOH TIP B . 
E 4 HOH 6   132 132 HOH TIP B . 
E 4 HOH 7   138 138 HOH TIP B . 
# 
loop_
_software.name 
_software.classification 
_software.version 
_software.citation_id 
_software.pdbx_ordinal 
DENZO     'data reduction' . ? 1 
SCALEPACK 'data scaling'   . ? 2 
AMoRE     phasing          . ? 3 
CNS       refinement       . ? 4 
# 
_cell.entry_id           1SDZ 
_cell.length_a           84.8 
_cell.length_b           84.8 
_cell.length_c           49.8 
_cell.angle_alpha        90 
_cell.angle_beta         90 
_cell.angle_gamma        120 
_cell.pdbx_unique_axis   ? 
_cell.Z_PDB              9 
# 
_symmetry.entry_id                         1SDZ 
_symmetry.space_group_name_H-M             'H 3' 
_symmetry.pdbx_full_space_group_name_H-M   ? 
_symmetry.Int_Tables_number                146 
_symmetry.cell_setting                     ? 
# 
_exptl.entry_id          1SDZ 
_exptl.method            'X-RAY DIFFRACTION' 
_exptl.crystals_number   1 
# 
_exptl_crystal.id                    1 
_exptl_crystal.density_meas          ? 
_exptl_crystal.density_percent_sol   47.69 
_exptl_crystal.description           ? 
_exptl_crystal.density_Matthews      2.35 
# 
_exptl_crystal_grow.crystal_id      1 
_exptl_crystal_grow.method          'VAPOR DIFFUSION, HANGING DROP' 
_exptl_crystal_grow.temp            293 
_exptl_crystal_grow.temp_details    ? 
_exptl_crystal_grow.pH              9.5 
_exptl_crystal_grow.pdbx_details    'CHES, sodium citrate, pH 9.5, VAPOR DIFFUSION, HANGING DROP, temperature 293K' 
_exptl_crystal_grow.pdbx_pH_range   . 
# 
_diffrn.id                     1 
_diffrn.ambient_temp           100 
_diffrn.ambient_temp_details   ? 
_diffrn.crystal_id             1 
# 
_diffrn_detector.diffrn_id              1 
_diffrn_detector.detector               'IMAGE PLATE' 
_diffrn_detector.type                   FUJI 
_diffrn_detector.pdbx_collection_date   2003-07-01 
_diffrn_detector.details                ? 
# 
_diffrn_radiation.diffrn_id                        1 
_diffrn_radiation.wavelength_id                    1 
_diffrn_radiation.pdbx_monochromatic_or_laue_m_l   M 
_diffrn_radiation.monochromator                    Graphite 
_diffrn_radiation.pdbx_diffrn_protocol             'SINGLE WAVELENGTH' 
_diffrn_radiation.pdbx_scattering_type             x-ray 
# 
_diffrn_radiation_wavelength.id           1 
_diffrn_radiation_wavelength.wavelength   0.961 
_diffrn_radiation_wavelength.wt           1.0 
# 
_diffrn_source.diffrn_id                   1 
_diffrn_source.source                      SYNCHROTRON 
_diffrn_source.type                        'CHESS BEAMLINE A1' 
_diffrn_source.pdbx_synchrotron_site       CHESS 
_diffrn_source.pdbx_synchrotron_beamline   A1 
_diffrn_source.pdbx_wavelength             0.961 
_diffrn_source.pdbx_wavelength_list        ? 
# 
_reflns.entry_id                     1SDZ 
_reflns.observed_criterion_sigma_F   0.0 
_reflns.observed_criterion_sigma_I   0.0 
_reflns.d_resolution_high            1.78 
_reflns.d_resolution_low             99 
_reflns.number_all                   12748 
_reflns.number_obs                   12620 
_reflns.percent_possible_obs         99 
_reflns.pdbx_Rmerge_I_obs            0.056 
_reflns.pdbx_Rsym_value              0.059 
_reflns.pdbx_netI_over_sigmaI        ? 
_reflns.B_iso_Wilson_estimate        ? 
_reflns.pdbx_redundancy              9 
_reflns.R_free_details               ? 
_reflns.limit_h_max                  ? 
_reflns.limit_h_min                  ? 
_reflns.limit_k_max                  ? 
_reflns.limit_k_min                  ? 
_reflns.limit_l_max                  ? 
_reflns.limit_l_min                  ? 
_reflns.observed_criterion_F_max     ? 
_reflns.observed_criterion_F_min     ? 
_reflns.pdbx_diffrn_id               1 
_reflns.pdbx_ordinal                 1 
# 
_reflns_shell.d_res_high             1.78 
_reflns_shell.d_res_low              1.85 
_reflns_shell.percent_possible_all   92.1 
_reflns_shell.Rmerge_I_obs           ? 
_reflns_shell.pdbx_Rsym_value        ? 
_reflns_shell.meanI_over_sigI_obs    ? 
_reflns_shell.pdbx_redundancy        ? 
_reflns_shell.percent_possible_obs   ? 
_reflns_shell.number_unique_all      ? 
_reflns_shell.pdbx_diffrn_id         ? 
_reflns_shell.pdbx_ordinal           1 
# 
_refine.entry_id                                 1SDZ 
_refine.ls_d_res_high                            1.78 
_refine.ls_d_res_low                             20 
_refine.pdbx_ls_sigma_F                          0 
_refine.pdbx_ls_sigma_I                          ? 
_refine.ls_number_reflns_all                     12347 
_refine.ls_number_reflns_obs                     12293 
_refine.ls_number_reflns_R_free                  594 
_refine.ls_percent_reflns_obs                    ? 
_refine.ls_R_factor_all                          0.24 
_refine.ls_R_factor_obs                          0.232 
_refine.ls_R_factor_R_work                       0.232 
_refine.ls_R_factor_R_free                       0.267 
_refine.ls_redundancy_reflns_obs                 ? 
_refine.pdbx_data_cutoff_high_absF               ? 
_refine.pdbx_data_cutoff_low_absF                ? 
_refine.ls_number_parameters                     ? 
_refine.ls_number_restraints                     ? 
_refine.ls_percent_reflns_R_free                 ? 
_refine.ls_R_factor_R_free_error                 ? 
_refine.ls_R_factor_R_free_error_details         ? 
_refine.pdbx_method_to_determine_struct          'MOLECULAR REPLACEMENT' 
_refine.pdbx_starting_model                      ? 
_refine.pdbx_ls_cross_valid_method               ? 
_refine.pdbx_R_Free_selection_details            random 
_refine.pdbx_stereochem_target_val_spec_case     ? 
_refine.pdbx_stereochemistry_target_values       'Engh & Huber' 
_refine.solvent_model_details                    ? 
_refine.solvent_model_param_bsol                 ? 
_refine.solvent_model_param_ksol                 ? 
_refine.occupancy_max                            ? 
_refine.occupancy_min                            ? 
_refine.pdbx_isotropic_thermal_model             ? 
_refine.B_iso_mean                               ? 
_refine.aniso_B[1][1]                            ? 
_refine.aniso_B[1][2]                            ? 
_refine.aniso_B[1][3]                            ? 
_refine.aniso_B[2][2]                            ? 
_refine.aniso_B[2][3]                            ? 
_refine.aniso_B[3][3]                            ? 
_refine.details                                  ? 
_refine.B_iso_min                                ? 
_refine.B_iso_max                                ? 
_refine.correlation_coeff_Fo_to_Fc               ? 
_refine.correlation_coeff_Fo_to_Fc_free          ? 
_refine.pdbx_solvent_vdw_probe_radii             ? 
_refine.pdbx_solvent_ion_probe_radii             ? 
_refine.pdbx_solvent_shrinkage_radii             ? 
_refine.overall_SU_R_Cruickshank_DPI             ? 
_refine.overall_SU_R_free                        ? 
_refine.overall_SU_B                             ? 
_refine.overall_SU_ML                            ? 
_refine.pdbx_overall_ESU_R                       ? 
_refine.pdbx_overall_ESU_R_Free                  ? 
_refine.pdbx_data_cutoff_high_rms_absF           ? 
_refine.pdbx_refine_id                           'X-RAY DIFFRACTION' 
_refine.pdbx_diffrn_id                           1 
_refine.pdbx_TLS_residual_ADP_flag               ? 
_refine.pdbx_overall_phase_error                 ? 
_refine.pdbx_overall_SU_R_free_Cruickshank_DPI   ? 
_refine.pdbx_overall_SU_R_Blow_DPI               ? 
_refine.pdbx_overall_SU_R_free_Blow_DPI          ? 
# 
_refine_hist.pdbx_refine_id                   'X-RAY DIFFRACTION' 
_refine_hist.cycle_id                         LAST 
_refine_hist.pdbx_number_atoms_protein        860 
_refine_hist.pdbx_number_atoms_nucleic_acid   0 
_refine_hist.pdbx_number_atoms_ligand         1 
_refine_hist.number_atoms_solvent             154 
_refine_hist.number_atoms_total               1015 
_refine_hist.d_res_high                       1.78 
_refine_hist.d_res_low                        20 
# 
loop_
_refine_ls_restr.type 
_refine_ls_restr.dev_ideal 
_refine_ls_restr.dev_ideal_target 
_refine_ls_restr.weight 
_refine_ls_restr.number 
_refine_ls_restr.pdbx_refine_id 
_refine_ls_restr.pdbx_restraint_function 
c_bond_d    0.006 ? ? ? 'X-RAY DIFFRACTION' ? 
c_angle_deg 1.351 ? ? ? 'X-RAY DIFFRACTION' ? 
# 
_struct.entry_id                  1SDZ 
_struct.title                     'Crystal structure of DIAP1 BIR1 bound to a Reaper peptide' 
_struct.pdbx_model_details        ? 
_struct.pdbx_CASP_flag            ? 
_struct.pdbx_model_type_details   ? 
# 
_struct_keywords.entry_id        1SDZ 
_struct_keywords.pdbx_keywords   APOPTOSIS 
_struct_keywords.text            'apoptosis, IAP, Reaper, caspase, interaction' 
# 
loop_
_struct_asym.id 
_struct_asym.pdbx_blank_PDB_chainid_flag 
_struct_asym.pdbx_modified 
_struct_asym.entity_id 
_struct_asym.details 
A N N 1 ? 
B N N 2 ? 
C N N 3 ? 
D N N 4 ? 
E N N 4 ? 
# 
loop_
_struct_ref.id 
_struct_ref.db_name 
_struct_ref.db_code 
_struct_ref.pdbx_db_accession 
_struct_ref.entity_id 
_struct_ref.pdbx_seq_one_letter_code 
_struct_ref.pdbx_align_begin 
_struct_ref.pdbx_db_isoform 
1 UNP IAP1_DROME Q24306 1 
;KNNINKTRMNDLNREETRLKTFTDWPLDWLDKRQLAQTGMYFTHAGDKVKCFFCGVEIGCWEQEDQPVPEHQRWSPNCPL
LRRRTTNNVPINAEALDRILPPISYDICGANDSTLE
;
30 ? 
2 PDB 1SDZ       1SDZ   2 ? ?  ? 
# 
loop_
_struct_ref_seq.align_id 
_struct_ref_seq.ref_id 
_struct_ref_seq.pdbx_PDB_id_code 
_struct_ref_seq.pdbx_strand_id 
_struct_ref_seq.seq_align_beg 
_struct_ref_seq.pdbx_seq_align_beg_ins_code 
_struct_ref_seq.seq_align_end 
_struct_ref_seq.pdbx_seq_align_end_ins_code 
_struct_ref_seq.pdbx_db_accession 
_struct_ref_seq.db_align_beg 
_struct_ref_seq.pdbx_db_align_beg_ins_code 
_struct_ref_seq.db_align_end 
_struct_ref_seq.pdbx_db_align_end_ins_code 
_struct_ref_seq.pdbx_auth_seq_align_beg 
_struct_ref_seq.pdbx_auth_seq_align_end 
1 1 1SDZ A 1 ? 116 ? Q24306 30 ? 145 ? 30 145 
2 2 1SDZ B 1 ? 10  ? 1SDZ   1  ? 10  ? 1  10  
# 
_struct_ref_seq_dif.align_id                     1 
_struct_ref_seq_dif.pdbx_pdb_id_code             1SDZ 
_struct_ref_seq_dif.mon_id                       SER 
_struct_ref_seq_dif.pdbx_pdb_strand_id           A 
_struct_ref_seq_dif.seq_num                      60 
_struct_ref_seq_dif.pdbx_pdb_ins_code            ? 
_struct_ref_seq_dif.pdbx_seq_db_name             UNP 
_struct_ref_seq_dif.pdbx_seq_db_accession_code   Q24306 
_struct_ref_seq_dif.db_mon_id                    CYS 
_struct_ref_seq_dif.pdbx_seq_db_seq_num          89 
_struct_ref_seq_dif.details                      conflict 
_struct_ref_seq_dif.pdbx_auth_seq_num            89 
_struct_ref_seq_dif.pdbx_ordinal                 1 
# 
_pdbx_struct_assembly.id                   1 
_pdbx_struct_assembly.details              author_and_software_defined_assembly 
_pdbx_struct_assembly.method_details       PISA 
_pdbx_struct_assembly.oligomeric_details   dimeric 
_pdbx_struct_assembly.oligomeric_count     2 
# 
loop_
_pdbx_struct_assembly_prop.biol_id 
_pdbx_struct_assembly_prop.type 
_pdbx_struct_assembly_prop.value 
_pdbx_struct_assembly_prop.details 
1 'ABSA (A^2)' 830  ? 
1 MORE         -5   ? 
1 'SSA (A^2)'  6030 ? 
# 
_pdbx_struct_assembly_gen.assembly_id       1 
_pdbx_struct_assembly_gen.oper_expression   1 
_pdbx_struct_assembly_gen.asym_id_list      A,B,C,D,E 
# 
_pdbx_struct_oper_list.id                   1 
_pdbx_struct_oper_list.type                 'identity operation' 
_pdbx_struct_oper_list.name                 1_555 
_pdbx_struct_oper_list.symmetry_operation   x,y,z 
_pdbx_struct_oper_list.matrix[1][1]         1.0000000000 
_pdbx_struct_oper_list.matrix[1][2]         0.0000000000 
_pdbx_struct_oper_list.matrix[1][3]         0.0000000000 
_pdbx_struct_oper_list.vector[1]            0.0000000000 
_pdbx_struct_oper_list.matrix[2][1]         0.0000000000 
_pdbx_struct_oper_list.matrix[2][2]         1.0000000000 
_pdbx_struct_oper_list.matrix[2][3]         0.0000000000 
_pdbx_struct_oper_list.vector[2]            0.0000000000 
_pdbx_struct_oper_list.matrix[3][1]         0.0000000000 
_pdbx_struct_oper_list.matrix[3][2]         0.0000000000 
_pdbx_struct_oper_list.matrix[3][3]         1.0000000000 
_pdbx_struct_oper_list.vector[3]            0.0000000000 
# 
_struct_biol.id                    1 
_struct_biol.pdbx_parent_biol_id   ? 
_struct_biol.details               ? 
# 
loop_
_struct_conf.conf_type_id 
_struct_conf.id 
_struct_conf.pdbx_PDB_helix_id 
_struct_conf.beg_label_comp_id 
_struct_conf.beg_label_asym_id 
_struct_conf.beg_label_seq_id 
_struct_conf.pdbx_beg_PDB_ins_code 
_struct_conf.end_label_comp_id 
_struct_conf.end_label_asym_id 
_struct_conf.end_label_seq_id 
_struct_conf.pdbx_end_PDB_ins_code 
_struct_conf.beg_auth_comp_id 
_struct_conf.beg_auth_asym_id 
_struct_conf.beg_auth_seq_id 
_struct_conf.end_auth_comp_id 
_struct_conf.end_auth_asym_id 
_struct_conf.end_auth_seq_id 
_struct_conf.pdbx_PDB_helix_class 
_struct_conf.details 
_struct_conf.pdbx_PDB_helix_length 
HELX_P HELX_P1 1 ASN A 10 ? ASN A 13  ? ASN A 39  ASN A 42  5 ? 4  
HELX_P HELX_P2 2 ARG A 14 ? THR A 21  ? ARG A 43  THR A 50  1 ? 8  
HELX_P HELX_P3 3 ASP A 31 ? THR A 38  ? ASP A 60  THR A 67  1 ? 8  
HELX_P HELX_P4 4 GLN A 66 ? SER A 75  ? GLN A 95  SER A 104 1 ? 10 
HELX_P HELX_P5 5 ASN A 92 ? LEU A 100 ? ASN A 121 LEU A 129 1 ? 9  
# 
_struct_conf_type.id          HELX_P 
_struct_conf_type.criteria    ? 
_struct_conf_type.reference   ? 
# 
loop_
_struct_conn.id 
_struct_conn.conn_type_id 
_struct_conn.pdbx_leaving_atom_flag 
_struct_conn.pdbx_PDB_id 
_struct_conn.ptnr1_label_asym_id 
_struct_conn.ptnr1_label_comp_id 
_struct_conn.ptnr1_label_seq_id 
_struct_conn.ptnr1_label_atom_id 
_struct_conn.pdbx_ptnr1_label_alt_id 
_struct_conn.pdbx_ptnr1_PDB_ins_code 
_struct_conn.pdbx_ptnr1_standard_comp_id 
_struct_conn.ptnr1_symmetry 
_struct_conn.ptnr2_label_asym_id 
_struct_conn.ptnr2_label_comp_id 
_struct_conn.ptnr2_label_seq_id 
_struct_conn.ptnr2_label_atom_id 
_struct_conn.pdbx_ptnr2_label_alt_id 
_struct_conn.pdbx_ptnr2_PDB_ins_code 
_struct_conn.ptnr1_auth_asym_id 
_struct_conn.ptnr1_auth_comp_id 
_struct_conn.ptnr1_auth_seq_id 
_struct_conn.ptnr2_auth_asym_id 
_struct_conn.ptnr2_auth_comp_id 
_struct_conn.ptnr2_auth_seq_id 
_struct_conn.ptnr2_symmetry 
_struct_conn.pdbx_ptnr3_label_atom_id 
_struct_conn.pdbx_ptnr3_label_seq_id 
_struct_conn.pdbx_ptnr3_label_comp_id 
_struct_conn.pdbx_ptnr3_label_asym_id 
_struct_conn.pdbx_ptnr3_label_alt_id 
_struct_conn.pdbx_ptnr3_PDB_ins_code 
_struct_conn.details 
_struct_conn.pdbx_dist_value 
_struct_conn.pdbx_value_order 
_struct_conn.pdbx_role 
metalc1 metalc ? ? A CYS 51 SG  ? ? ? 1_555 C ZN . ZN ? ? A CYS 80  A ZN 155 1_555 ? ? ? ? ? ? ? 2.115 ? ? 
metalc2 metalc ? ? A CYS 54 SG  ? ? ? 1_555 C ZN . ZN ? ? A CYS 83  A ZN 155 1_555 ? ? ? ? ? ? ? 2.363 ? ? 
metalc3 metalc ? ? A HIS 71 NE2 ? ? ? 1_555 C ZN . ZN ? ? A HIS 100 A ZN 155 1_555 ? ? ? ? ? ? ? 2.274 ? ? 
metalc4 metalc ? ? A CYS 78 SG  ? ? ? 1_555 C ZN . ZN ? ? A CYS 107 A ZN 155 1_555 ? ? ? ? ? ? ? 2.205 ? ? 
# 
_struct_conn_type.id          metalc 
_struct_conn_type.criteria    ? 
_struct_conn_type.reference   ? 
# 
loop_
_pdbx_struct_conn_angle.id 
_pdbx_struct_conn_angle.ptnr1_label_atom_id 
_pdbx_struct_conn_angle.ptnr1_label_alt_id 
_pdbx_struct_conn_angle.ptnr1_label_asym_id 
_pdbx_struct_conn_angle.ptnr1_label_comp_id 
_pdbx_struct_conn_angle.ptnr1_label_seq_id 
_pdbx_struct_conn_angle.ptnr1_auth_atom_id 
_pdbx_struct_conn_angle.ptnr1_auth_asym_id 
_pdbx_struct_conn_angle.ptnr1_auth_comp_id 
_pdbx_struct_conn_angle.ptnr1_auth_seq_id 
_pdbx_struct_conn_angle.ptnr1_PDB_ins_code 
_pdbx_struct_conn_angle.ptnr1_symmetry 
_pdbx_struct_conn_angle.ptnr2_label_atom_id 
_pdbx_struct_conn_angle.ptnr2_label_alt_id 
_pdbx_struct_conn_angle.ptnr2_label_asym_id 
_pdbx_struct_conn_angle.ptnr2_label_comp_id 
_pdbx_struct_conn_angle.ptnr2_label_seq_id 
_pdbx_struct_conn_angle.ptnr2_auth_atom_id 
_pdbx_struct_conn_angle.ptnr2_auth_asym_id 
_pdbx_struct_conn_angle.ptnr2_auth_comp_id 
_pdbx_struct_conn_angle.ptnr2_auth_seq_id 
_pdbx_struct_conn_angle.ptnr2_PDB_ins_code 
_pdbx_struct_conn_angle.ptnr2_symmetry 
_pdbx_struct_conn_angle.ptnr3_label_atom_id 
_pdbx_struct_conn_angle.ptnr3_label_alt_id 
_pdbx_struct_conn_angle.ptnr3_label_asym_id 
_pdbx_struct_conn_angle.ptnr3_label_comp_id 
_pdbx_struct_conn_angle.ptnr3_label_seq_id 
_pdbx_struct_conn_angle.ptnr3_auth_atom_id 
_pdbx_struct_conn_angle.ptnr3_auth_asym_id 
_pdbx_struct_conn_angle.ptnr3_auth_comp_id 
_pdbx_struct_conn_angle.ptnr3_auth_seq_id 
_pdbx_struct_conn_angle.ptnr3_PDB_ins_code 
_pdbx_struct_conn_angle.ptnr3_symmetry 
_pdbx_struct_conn_angle.value 
_pdbx_struct_conn_angle.value_esd 
1 SG  ? A CYS 51 ? A CYS 80  ? 1_555 ZN ? C ZN . ? A ZN 155 ? 1_555 SG  ? A CYS 54 ? A CYS 83  ? 1_555 104.2 ? 
2 SG  ? A CYS 51 ? A CYS 80  ? 1_555 ZN ? C ZN . ? A ZN 155 ? 1_555 NE2 ? A HIS 71 ? A HIS 100 ? 1_555 104.0 ? 
3 SG  ? A CYS 54 ? A CYS 83  ? 1_555 ZN ? C ZN . ? A ZN 155 ? 1_555 NE2 ? A HIS 71 ? A HIS 100 ? 1_555 104.7 ? 
4 SG  ? A CYS 51 ? A CYS 80  ? 1_555 ZN ? C ZN . ? A ZN 155 ? 1_555 SG  ? A CYS 78 ? A CYS 107 ? 1_555 117.5 ? 
5 SG  ? A CYS 54 ? A CYS 83  ? 1_555 ZN ? C ZN . ? A ZN 155 ? 1_555 SG  ? A CYS 78 ? A CYS 107 ? 1_555 109.8 ? 
6 NE2 ? A HIS 71 ? A HIS 100 ? 1_555 ZN ? C ZN . ? A ZN 155 ? 1_555 SG  ? A CYS 78 ? A CYS 107 ? 1_555 115.3 ? 
# 
_struct_sheet.id               A 
_struct_sheet.type             ? 
_struct_sheet.number_strands   4 
_struct_sheet.details          ? 
# 
loop_
_struct_sheet_order.sheet_id 
_struct_sheet_order.range_id_1 
_struct_sheet_order.range_id_2 
_struct_sheet_order.offset 
_struct_sheet_order.sense 
A 1 2 ? anti-parallel 
A 2 3 ? anti-parallel 
A 3 4 ? anti-parallel 
# 
loop_
_struct_sheet_range.sheet_id 
_struct_sheet_range.id 
_struct_sheet_range.beg_label_comp_id 
_struct_sheet_range.beg_label_asym_id 
_struct_sheet_range.beg_label_seq_id 
_struct_sheet_range.pdbx_beg_PDB_ins_code 
_struct_sheet_range.end_label_comp_id 
_struct_sheet_range.end_label_asym_id 
_struct_sheet_range.end_label_seq_id 
_struct_sheet_range.pdbx_end_PDB_ins_code 
_struct_sheet_range.beg_auth_comp_id 
_struct_sheet_range.beg_auth_asym_id 
_struct_sheet_range.beg_auth_seq_id 
_struct_sheet_range.end_auth_comp_id 
_struct_sheet_range.end_auth_asym_id 
_struct_sheet_range.end_auth_seq_id 
A 1 MET A 40 ? PHE A 42 ? MET A 69 PHE A 71 
A 2 VAL A 49 ? CYS A 51 ? VAL A 78 CYS A 80 
A 3 GLU A 57 ? GLY A 59 ? GLU A 86 GLY A 88 
A 4 VAL B 2  ? TYR B 5  ? VAL B 2  TYR B 5  
# 
loop_
_pdbx_struct_sheet_hbond.sheet_id 
_pdbx_struct_sheet_hbond.range_id_1 
_pdbx_struct_sheet_hbond.range_id_2 
_pdbx_struct_sheet_hbond.range_1_label_atom_id 
_pdbx_struct_sheet_hbond.range_1_label_comp_id 
_pdbx_struct_sheet_hbond.range_1_label_asym_id 
_pdbx_struct_sheet_hbond.range_1_label_seq_id 
_pdbx_struct_sheet_hbond.range_1_PDB_ins_code 
_pdbx_struct_sheet_hbond.range_1_auth_atom_id 
_pdbx_struct_sheet_hbond.range_1_auth_comp_id 
_pdbx_struct_sheet_hbond.range_1_auth_asym_id 
_pdbx_struct_sheet_hbond.range_1_auth_seq_id 
_pdbx_struct_sheet_hbond.range_2_label_atom_id 
_pdbx_struct_sheet_hbond.range_2_label_comp_id 
_pdbx_struct_sheet_hbond.range_2_label_asym_id 
_pdbx_struct_sheet_hbond.range_2_label_seq_id 
_pdbx_struct_sheet_hbond.range_2_PDB_ins_code 
_pdbx_struct_sheet_hbond.range_2_auth_atom_id 
_pdbx_struct_sheet_hbond.range_2_auth_comp_id 
_pdbx_struct_sheet_hbond.range_2_auth_asym_id 
_pdbx_struct_sheet_hbond.range_2_auth_seq_id 
A 1 2 N TYR A 41 ? N TYR A 70 O LYS A 50 ? O LYS A 79 
A 2 3 N VAL A 49 ? N VAL A 78 O ILE A 58 ? O ILE A 87 
A 3 4 N GLY A 59 ? N GLY A 88 O VAL B 2  ? O VAL B 2  
# 
_struct_site.id                   AC1 
_struct_site.pdbx_evidence_code   Software 
_struct_site.pdbx_auth_asym_id    A 
_struct_site.pdbx_auth_comp_id    ZN 
_struct_site.pdbx_auth_seq_id     155 
_struct_site.pdbx_auth_ins_code   ? 
_struct_site.pdbx_num_residues    4 
_struct_site.details              'BINDING SITE FOR RESIDUE ZN A 155' 
# 
loop_
_struct_site_gen.id 
_struct_site_gen.site_id 
_struct_site_gen.pdbx_num_res 
_struct_site_gen.label_comp_id 
_struct_site_gen.label_asym_id 
_struct_site_gen.label_seq_id 
_struct_site_gen.pdbx_auth_ins_code 
_struct_site_gen.auth_comp_id 
_struct_site_gen.auth_asym_id 
_struct_site_gen.auth_seq_id 
_struct_site_gen.label_atom_id 
_struct_site_gen.label_alt_id 
_struct_site_gen.symmetry 
_struct_site_gen.details 
1 AC1 4 CYS A 51 ? CYS A 80  . ? 1_555 ? 
2 AC1 4 CYS A 54 ? CYS A 83  . ? 1_555 ? 
3 AC1 4 HIS A 71 ? HIS A 100 . ? 1_555 ? 
4 AC1 4 CYS A 78 ? CYS A 107 . ? 1_555 ? 
# 
loop_
_pdbx_validate_torsion.id 
_pdbx_validate_torsion.PDB_model_num 
_pdbx_validate_torsion.auth_comp_id 
_pdbx_validate_torsion.auth_asym_id 
_pdbx_validate_torsion.auth_seq_id 
_pdbx_validate_torsion.PDB_ins_code 
_pdbx_validate_torsion.label_alt_id 
_pdbx_validate_torsion.phi 
_pdbx_validate_torsion.psi 
1 1 PHE A 51 ? ? -86.20 37.79 
2 1 THR A 67 ? ? -98.01 34.75 
# 
loop_
_pdbx_unobs_or_zero_occ_residues.id 
_pdbx_unobs_or_zero_occ_residues.PDB_model_num 
_pdbx_unobs_or_zero_occ_residues.polymer_flag 
_pdbx_unobs_or_zero_occ_residues.occupancy_flag 
_pdbx_unobs_or_zero_occ_residues.auth_asym_id 
_pdbx_unobs_or_zero_occ_residues.auth_comp_id 
_pdbx_unobs_or_zero_occ_residues.auth_seq_id 
_pdbx_unobs_or_zero_occ_residues.PDB_ins_code 
_pdbx_unobs_or_zero_occ_residues.label_asym_id 
_pdbx_unobs_or_zero_occ_residues.label_comp_id 
_pdbx_unobs_or_zero_occ_residues.label_seq_id 
1  1 Y 1 A LYS 30  ? A LYS 1   
2  1 Y 1 A ASN 31  ? A ASN 2   
3  1 Y 1 A ASN 32  ? A ASN 3   
4  1 Y 1 A ILE 33  ? A ILE 4   
5  1 Y 1 A ASN 34  ? A ASN 5   
6  1 Y 1 A LYS 35  ? A LYS 6   
7  1 Y 1 A THR 36  ? A THR 7   
8  1 Y 1 A ARG 37  ? A ARG 8   
9  1 Y 1 A MET 38  ? A MET 9   
10 1 Y 1 A ILE 136 ? A ILE 107 
11 1 Y 1 A CYS 137 ? A CYS 108 
12 1 Y 1 A GLY 138 ? A GLY 109 
13 1 Y 1 A ALA 139 ? A ALA 110 
14 1 Y 1 A ASN 140 ? A ASN 111 
15 1 Y 1 A ASP 141 ? A ASP 112 
16 1 Y 1 A SER 142 ? A SER 113 
17 1 Y 1 A THR 143 ? A THR 114 
18 1 Y 1 A LEU 144 ? A LEU 115 
19 1 Y 1 A GLU 145 ? A GLU 116 
20 1 Y 1 B ASP 8   ? B ASP 8   
21 1 Y 1 B GLN 9   ? B GLN 9   
22 1 Y 1 B ALA 10  ? B ALA 10  
# 
loop_
_chem_comp_atom.comp_id 
_chem_comp_atom.atom_id 
_chem_comp_atom.type_symbol 
_chem_comp_atom.pdbx_aromatic_flag 
_chem_comp_atom.pdbx_stereo_config 
_chem_comp_atom.pdbx_ordinal 
ALA N    N  N N 1   
ALA CA   C  N S 2   
ALA C    C  N N 3   
ALA O    O  N N 4   
ALA CB   C  N N 5   
ALA OXT  O  N N 6   
ALA H    H  N N 7   
ALA H2   H  N N 8   
ALA HA   H  N N 9   
ALA HB1  H  N N 10  
ALA HB2  H  N N 11  
ALA HB3  H  N N 12  
ALA HXT  H  N N 13  
ARG N    N  N N 14  
ARG CA   C  N S 15  
ARG C    C  N N 16  
ARG O    O  N N 17  
ARG CB   C  N N 18  
ARG CG   C  N N 19  
ARG CD   C  N N 20  
ARG NE   N  N N 21  
ARG CZ   C  N N 22  
ARG NH1  N  N N 23  
ARG NH2  N  N N 24  
ARG OXT  O  N N 25  
ARG H    H  N N 26  
ARG H2   H  N N 27  
ARG HA   H  N N 28  
ARG HB2  H  N N 29  
ARG HB3  H  N N 30  
ARG HG2  H  N N 31  
ARG HG3  H  N N 32  
ARG HD2  H  N N 33  
ARG HD3  H  N N 34  
ARG HE   H  N N 35  
ARG HH11 H  N N 36  
ARG HH12 H  N N 37  
ARG HH21 H  N N 38  
ARG HH22 H  N N 39  
ARG HXT  H  N N 40  
ASN N    N  N N 41  
ASN CA   C  N S 42  
ASN C    C  N N 43  
ASN O    O  N N 44  
ASN CB   C  N N 45  
ASN CG   C  N N 46  
ASN OD1  O  N N 47  
ASN ND2  N  N N 48  
ASN OXT  O  N N 49  
ASN H    H  N N 50  
ASN H2   H  N N 51  
ASN HA   H  N N 52  
ASN HB2  H  N N 53  
ASN HB3  H  N N 54  
ASN HD21 H  N N 55  
ASN HD22 H  N N 56  
ASN HXT  H  N N 57  
ASP N    N  N N 58  
ASP CA   C  N S 59  
ASP C    C  N N 60  
ASP O    O  N N 61  
ASP CB   C  N N 62  
ASP CG   C  N N 63  
ASP OD1  O  N N 64  
ASP OD2  O  N N 65  
ASP OXT  O  N N 66  
ASP H    H  N N 67  
ASP H2   H  N N 68  
ASP HA   H  N N 69  
ASP HB2  H  N N 70  
ASP HB3  H  N N 71  
ASP HD2  H  N N 72  
ASP HXT  H  N N 73  
CYS N    N  N N 74  
CYS CA   C  N R 75  
CYS C    C  N N 76  
CYS O    O  N N 77  
CYS CB   C  N N 78  
CYS SG   S  N N 79  
CYS OXT  O  N N 80  
CYS H    H  N N 81  
CYS H2   H  N N 82  
CYS HA   H  N N 83  
CYS HB2  H  N N 84  
CYS HB3  H  N N 85  
CYS HG   H  N N 86  
CYS HXT  H  N N 87  
GLN N    N  N N 88  
GLN CA   C  N S 89  
GLN C    C  N N 90  
GLN O    O  N N 91  
GLN CB   C  N N 92  
GLN CG   C  N N 93  
GLN CD   C  N N 94  
GLN OE1  O  N N 95  
GLN NE2  N  N N 96  
GLN OXT  O  N N 97  
GLN H    H  N N 98  
GLN H2   H  N N 99  
GLN HA   H  N N 100 
GLN HB2  H  N N 101 
GLN HB3  H  N N 102 
GLN HG2  H  N N 103 
GLN HG3  H  N N 104 
GLN HE21 H  N N 105 
GLN HE22 H  N N 106 
GLN HXT  H  N N 107 
GLU N    N  N N 108 
GLU CA   C  N S 109 
GLU C    C  N N 110 
GLU O    O  N N 111 
GLU CB   C  N N 112 
GLU CG   C  N N 113 
GLU CD   C  N N 114 
GLU OE1  O  N N 115 
GLU OE2  O  N N 116 
GLU OXT  O  N N 117 
GLU H    H  N N 118 
GLU H2   H  N N 119 
GLU HA   H  N N 120 
GLU HB2  H  N N 121 
GLU HB3  H  N N 122 
GLU HG2  H  N N 123 
GLU HG3  H  N N 124 
GLU HE2  H  N N 125 
GLU HXT  H  N N 126 
GLY N    N  N N 127 
GLY CA   C  N N 128 
GLY C    C  N N 129 
GLY O    O  N N 130 
GLY OXT  O  N N 131 
GLY H    H  N N 132 
GLY H2   H  N N 133 
GLY HA2  H  N N 134 
GLY HA3  H  N N 135 
GLY HXT  H  N N 136 
HIS N    N  N N 137 
HIS CA   C  N S 138 
HIS C    C  N N 139 
HIS O    O  N N 140 
HIS CB   C  N N 141 
HIS CG   C  Y N 142 
HIS ND1  N  Y N 143 
HIS CD2  C  Y N 144 
HIS CE1  C  Y N 145 
HIS NE2  N  Y N 146 
HIS OXT  O  N N 147 
HIS H    H  N N 148 
HIS H2   H  N N 149 
HIS HA   H  N N 150 
HIS HB2  H  N N 151 
HIS HB3  H  N N 152 
HIS HD1  H  N N 153 
HIS HD2  H  N N 154 
HIS HE1  H  N N 155 
HIS HE2  H  N N 156 
HIS HXT  H  N N 157 
HOH O    O  N N 158 
HOH H1   H  N N 159 
HOH H2   H  N N 160 
ILE N    N  N N 161 
ILE CA   C  N S 162 
ILE C    C  N N 163 
ILE O    O  N N 164 
ILE CB   C  N S 165 
ILE CG1  C  N N 166 
ILE CG2  C  N N 167 
ILE CD1  C  N N 168 
ILE OXT  O  N N 169 
ILE H    H  N N 170 
ILE H2   H  N N 171 
ILE HA   H  N N 172 
ILE HB   H  N N 173 
ILE HG12 H  N N 174 
ILE HG13 H  N N 175 
ILE HG21 H  N N 176 
ILE HG22 H  N N 177 
ILE HG23 H  N N 178 
ILE HD11 H  N N 179 
ILE HD12 H  N N 180 
ILE HD13 H  N N 181 
ILE HXT  H  N N 182 
LEU N    N  N N 183 
LEU CA   C  N S 184 
LEU C    C  N N 185 
LEU O    O  N N 186 
LEU CB   C  N N 187 
LEU CG   C  N N 188 
LEU CD1  C  N N 189 
LEU CD2  C  N N 190 
LEU OXT  O  N N 191 
LEU H    H  N N 192 
LEU H2   H  N N 193 
LEU HA   H  N N 194 
LEU HB2  H  N N 195 
LEU HB3  H  N N 196 
LEU HG   H  N N 197 
LEU HD11 H  N N 198 
LEU HD12 H  N N 199 
LEU HD13 H  N N 200 
LEU HD21 H  N N 201 
LEU HD22 H  N N 202 
LEU HD23 H  N N 203 
LEU HXT  H  N N 204 
LYS N    N  N N 205 
LYS CA   C  N S 206 
LYS C    C  N N 207 
LYS O    O  N N 208 
LYS CB   C  N N 209 
LYS CG   C  N N 210 
LYS CD   C  N N 211 
LYS CE   C  N N 212 
LYS NZ   N  N N 213 
LYS OXT  O  N N 214 
LYS H    H  N N 215 
LYS H2   H  N N 216 
LYS HA   H  N N 217 
LYS HB2  H  N N 218 
LYS HB3  H  N N 219 
LYS HG2  H  N N 220 
LYS HG3  H  N N 221 
LYS HD2  H  N N 222 
LYS HD3  H  N N 223 
LYS HE2  H  N N 224 
LYS HE3  H  N N 225 
LYS HZ1  H  N N 226 
LYS HZ2  H  N N 227 
LYS HZ3  H  N N 228 
LYS HXT  H  N N 229 
MET N    N  N N 230 
MET CA   C  N S 231 
MET C    C  N N 232 
MET O    O  N N 233 
MET CB   C  N N 234 
MET CG   C  N N 235 
MET SD   S  N N 236 
MET CE   C  N N 237 
MET OXT  O  N N 238 
MET H    H  N N 239 
MET H2   H  N N 240 
MET HA   H  N N 241 
MET HB2  H  N N 242 
MET HB3  H  N N 243 
MET HG2  H  N N 244 
MET HG3  H  N N 245 
MET HE1  H  N N 246 
MET HE2  H  N N 247 
MET HE3  H  N N 248 
MET HXT  H  N N 249 
PHE N    N  N N 250 
PHE CA   C  N S 251 
PHE C    C  N N 252 
PHE O    O  N N 253 
PHE CB   C  N N 254 
PHE CG   C  Y N 255 
PHE CD1  C  Y N 256 
PHE CD2  C  Y N 257 
PHE CE1  C  Y N 258 
PHE CE2  C  Y N 259 
PHE CZ   C  Y N 260 
PHE OXT  O  N N 261 
PHE H    H  N N 262 
PHE H2   H  N N 263 
PHE HA   H  N N 264 
PHE HB2  H  N N 265 
PHE HB3  H  N N 266 
PHE HD1  H  N N 267 
PHE HD2  H  N N 268 
PHE HE1  H  N N 269 
PHE HE2  H  N N 270 
PHE HZ   H  N N 271 
PHE HXT  H  N N 272 
PRO N    N  N N 273 
PRO CA   C  N S 274 
PRO C    C  N N 275 
PRO O    O  N N 276 
PRO CB   C  N N 277 
PRO CG   C  N N 278 
PRO CD   C  N N 279 
PRO OXT  O  N N 280 
PRO H    H  N N 281 
PRO HA   H  N N 282 
PRO HB2  H  N N 283 
PRO HB3  H  N N 284 
PRO HG2  H  N N 285 
PRO HG3  H  N N 286 
PRO HD2  H  N N 287 
PRO HD3  H  N N 288 
PRO HXT  H  N N 289 
SER N    N  N N 290 
SER CA   C  N S 291 
SER C    C  N N 292 
SER O    O  N N 293 
SER CB   C  N N 294 
SER OG   O  N N 295 
SER OXT  O  N N 296 
SER H    H  N N 297 
SER H2   H  N N 298 
SER HA   H  N N 299 
SER HB2  H  N N 300 
SER HB3  H  N N 301 
SER HG   H  N N 302 
SER HXT  H  N N 303 
THR N    N  N N 304 
THR CA   C  N S 305 
THR C    C  N N 306 
THR O    O  N N 307 
THR CB   C  N R 308 
THR OG1  O  N N 309 
THR CG2  C  N N 310 
THR OXT  O  N N 311 
THR H    H  N N 312 
THR H2   H  N N 313 
THR HA   H  N N 314 
THR HB   H  N N 315 
THR HG1  H  N N 316 
THR HG21 H  N N 317 
THR HG22 H  N N 318 
THR HG23 H  N N 319 
THR HXT  H  N N 320 
TRP N    N  N N 321 
TRP CA   C  N S 322 
TRP C    C  N N 323 
TRP O    O  N N 324 
TRP CB   C  N N 325 
TRP CG   C  Y N 326 
TRP CD1  C  Y N 327 
TRP CD2  C  Y N 328 
TRP NE1  N  Y N 329 
TRP CE2  C  Y N 330 
TRP CE3  C  Y N 331 
TRP CZ2  C  Y N 332 
TRP CZ3  C  Y N 333 
TRP CH2  C  Y N 334 
TRP OXT  O  N N 335 
TRP H    H  N N 336 
TRP H2   H  N N 337 
TRP HA   H  N N 338 
TRP HB2  H  N N 339 
TRP HB3  H  N N 340 
TRP HD1  H  N N 341 
TRP HE1  H  N N 342 
TRP HE3  H  N N 343 
TRP HZ2  H  N N 344 
TRP HZ3  H  N N 345 
TRP HH2  H  N N 346 
TRP HXT  H  N N 347 
TYR N    N  N N 348 
TYR CA   C  N S 349 
TYR C    C  N N 350 
TYR O    O  N N 351 
TYR CB   C  N N 352 
TYR CG   C  Y N 353 
TYR CD1  C  Y N 354 
TYR CD2  C  Y N 355 
TYR CE1  C  Y N 356 
TYR CE2  C  Y N 357 
TYR CZ   C  Y N 358 
TYR OH   O  N N 359 
TYR OXT  O  N N 360 
TYR H    H  N N 361 
TYR H2   H  N N 362 
TYR HA   H  N N 363 
TYR HB2  H  N N 364 
TYR HB3  H  N N 365 
TYR HD1  H  N N 366 
TYR HD2  H  N N 367 
TYR HE1  H  N N 368 
TYR HE2  H  N N 369 
TYR HH   H  N N 370 
TYR HXT  H  N N 371 
VAL N    N  N N 372 
VAL CA   C  N S 373 
VAL C    C  N N 374 
VAL O    O  N N 375 
VAL CB   C  N N 376 
VAL CG1  C  N N 377 
VAL CG2  C  N N 378 
VAL OXT  O  N N 379 
VAL H    H  N N 380 
VAL H2   H  N N 381 
VAL HA   H  N N 382 
VAL HB   H  N N 383 
VAL HG11 H  N N 384 
VAL HG12 H  N N 385 
VAL HG13 H  N N 386 
VAL HG21 H  N N 387 
VAL HG22 H  N N 388 
VAL HG23 H  N N 389 
VAL HXT  H  N N 390 
ZN  ZN   ZN N N 391 
# 
loop_
_chem_comp_bond.comp_id 
_chem_comp_bond.atom_id_1 
_chem_comp_bond.atom_id_2 
_chem_comp_bond.value_order 
_chem_comp_bond.pdbx_aromatic_flag 
_chem_comp_bond.pdbx_stereo_config 
_chem_comp_bond.pdbx_ordinal 
ALA N   CA   sing N N 1   
ALA N   H    sing N N 2   
ALA N   H2   sing N N 3   
ALA CA  C    sing N N 4   
ALA CA  CB   sing N N 5   
ALA CA  HA   sing N N 6   
ALA C   O    doub N N 7   
ALA C   OXT  sing N N 8   
ALA CB  HB1  sing N N 9   
ALA CB  HB2  sing N N 10  
ALA CB  HB3  sing N N 11  
ALA OXT HXT  sing N N 12  
ARG N   CA   sing N N 13  
ARG N   H    sing N N 14  
ARG N   H2   sing N N 15  
ARG CA  C    sing N N 16  
ARG CA  CB   sing N N 17  
ARG CA  HA   sing N N 18  
ARG C   O    doub N N 19  
ARG C   OXT  sing N N 20  
ARG CB  CG   sing N N 21  
ARG CB  HB2  sing N N 22  
ARG CB  HB3  sing N N 23  
ARG CG  CD   sing N N 24  
ARG CG  HG2  sing N N 25  
ARG CG  HG3  sing N N 26  
ARG CD  NE   sing N N 27  
ARG CD  HD2  sing N N 28  
ARG CD  HD3  sing N N 29  
ARG NE  CZ   sing N N 30  
ARG NE  HE   sing N N 31  
ARG CZ  NH1  sing N N 32  
ARG CZ  NH2  doub N N 33  
ARG NH1 HH11 sing N N 34  
ARG NH1 HH12 sing N N 35  
ARG NH2 HH21 sing N N 36  
ARG NH2 HH22 sing N N 37  
ARG OXT HXT  sing N N 38  
ASN N   CA   sing N N 39  
ASN N   H    sing N N 40  
ASN N   H2   sing N N 41  
ASN CA  C    sing N N 42  
ASN CA  CB   sing N N 43  
ASN CA  HA   sing N N 44  
ASN C   O    doub N N 45  
ASN C   OXT  sing N N 46  
ASN CB  CG   sing N N 47  
ASN CB  HB2  sing N N 48  
ASN CB  HB3  sing N N 49  
ASN CG  OD1  doub N N 50  
ASN CG  ND2  sing N N 51  
ASN ND2 HD21 sing N N 52  
ASN ND2 HD22 sing N N 53  
ASN OXT HXT  sing N N 54  
ASP N   CA   sing N N 55  
ASP N   H    sing N N 56  
ASP N   H2   sing N N 57  
ASP CA  C    sing N N 58  
ASP CA  CB   sing N N 59  
ASP CA  HA   sing N N 60  
ASP C   O    doub N N 61  
ASP C   OXT  sing N N 62  
ASP CB  CG   sing N N 63  
ASP CB  HB2  sing N N 64  
ASP CB  HB3  sing N N 65  
ASP CG  OD1  doub N N 66  
ASP CG  OD2  sing N N 67  
ASP OD2 HD2  sing N N 68  
ASP OXT HXT  sing N N 69  
CYS N   CA   sing N N 70  
CYS N   H    sing N N 71  
CYS N   H2   sing N N 72  
CYS CA  C    sing N N 73  
CYS CA  CB   sing N N 74  
CYS CA  HA   sing N N 75  
CYS C   O    doub N N 76  
CYS C   OXT  sing N N 77  
CYS CB  SG   sing N N 78  
CYS CB  HB2  sing N N 79  
CYS CB  HB3  sing N N 80  
CYS SG  HG   sing N N 81  
CYS OXT HXT  sing N N 82  
GLN N   CA   sing N N 83  
GLN N   H    sing N N 84  
GLN N   H2   sing N N 85  
GLN CA  C    sing N N 86  
GLN CA  CB   sing N N 87  
GLN CA  HA   sing N N 88  
GLN C   O    doub N N 89  
GLN C   OXT  sing N N 90  
GLN CB  CG   sing N N 91  
GLN CB  HB2  sing N N 92  
GLN CB  HB3  sing N N 93  
GLN CG  CD   sing N N 94  
GLN CG  HG2  sing N N 95  
GLN CG  HG3  sing N N 96  
GLN CD  OE1  doub N N 97  
GLN CD  NE2  sing N N 98  
GLN NE2 HE21 sing N N 99  
GLN NE2 HE22 sing N N 100 
GLN OXT HXT  sing N N 101 
GLU N   CA   sing N N 102 
GLU N   H    sing N N 103 
GLU N   H2   sing N N 104 
GLU CA  C    sing N N 105 
GLU CA  CB   sing N N 106 
GLU CA  HA   sing N N 107 
GLU C   O    doub N N 108 
GLU C   OXT  sing N N 109 
GLU CB  CG   sing N N 110 
GLU CB  HB2  sing N N 111 
GLU CB  HB3  sing N N 112 
GLU CG  CD   sing N N 113 
GLU CG  HG2  sing N N 114 
GLU CG  HG3  sing N N 115 
GLU CD  OE1  doub N N 116 
GLU CD  OE2  sing N N 117 
GLU OE2 HE2  sing N N 118 
GLU OXT HXT  sing N N 119 
GLY N   CA   sing N N 120 
GLY N   H    sing N N 121 
GLY N   H2   sing N N 122 
GLY CA  C    sing N N 123 
GLY CA  HA2  sing N N 124 
GLY CA  HA3  sing N N 125 
GLY C   O    doub N N 126 
GLY C   OXT  sing N N 127 
GLY OXT HXT  sing N N 128 
HIS N   CA   sing N N 129 
HIS N   H    sing N N 130 
HIS N   H2   sing N N 131 
HIS CA  C    sing N N 132 
HIS CA  CB   sing N N 133 
HIS CA  HA   sing N N 134 
HIS C   O    doub N N 135 
HIS C   OXT  sing N N 136 
HIS CB  CG   sing N N 137 
HIS CB  HB2  sing N N 138 
HIS CB  HB3  sing N N 139 
HIS CG  ND1  sing Y N 140 
HIS CG  CD2  doub Y N 141 
HIS ND1 CE1  doub Y N 142 
HIS ND1 HD1  sing N N 143 
HIS CD2 NE2  sing Y N 144 
HIS CD2 HD2  sing N N 145 
HIS CE1 NE2  sing Y N 146 
HIS CE1 HE1  sing N N 147 
HIS NE2 HE2  sing N N 148 
HIS OXT HXT  sing N N 149 
HOH O   H1   sing N N 150 
HOH O   H2   sing N N 151 
ILE N   CA   sing N N 152 
ILE N   H    sing N N 153 
ILE N   H2   sing N N 154 
ILE CA  C    sing N N 155 
ILE CA  CB   sing N N 156 
ILE CA  HA   sing N N 157 
ILE C   O    doub N N 158 
ILE C   OXT  sing N N 159 
ILE CB  CG1  sing N N 160 
ILE CB  CG2  sing N N 161 
ILE CB  HB   sing N N 162 
ILE CG1 CD1  sing N N 163 
ILE CG1 HG12 sing N N 164 
ILE CG1 HG13 sing N N 165 
ILE CG2 HG21 sing N N 166 
ILE CG2 HG22 sing N N 167 
ILE CG2 HG23 sing N N 168 
ILE CD1 HD11 sing N N 169 
ILE CD1 HD12 sing N N 170 
ILE CD1 HD13 sing N N 171 
ILE OXT HXT  sing N N 172 
LEU N   CA   sing N N 173 
LEU N   H    sing N N 174 
LEU N   H2   sing N N 175 
LEU CA  C    sing N N 176 
LEU CA  CB   sing N N 177 
LEU CA  HA   sing N N 178 
LEU C   O    doub N N 179 
LEU C   OXT  sing N N 180 
LEU CB  CG   sing N N 181 
LEU CB  HB2  sing N N 182 
LEU CB  HB3  sing N N 183 
LEU CG  CD1  sing N N 184 
LEU CG  CD2  sing N N 185 
LEU CG  HG   sing N N 186 
LEU CD1 HD11 sing N N 187 
LEU CD1 HD12 sing N N 188 
LEU CD1 HD13 sing N N 189 
LEU CD2 HD21 sing N N 190 
LEU CD2 HD22 sing N N 191 
LEU CD2 HD23 sing N N 192 
LEU OXT HXT  sing N N 193 
LYS N   CA   sing N N 194 
LYS N   H    sing N N 195 
LYS N   H2   sing N N 196 
LYS CA  C    sing N N 197 
LYS CA  CB   sing N N 198 
LYS CA  HA   sing N N 199 
LYS C   O    doub N N 200 
LYS C   OXT  sing N N 201 
LYS CB  CG   sing N N 202 
LYS CB  HB2  sing N N 203 
LYS CB  HB3  sing N N 204 
LYS CG  CD   sing N N 205 
LYS CG  HG2  sing N N 206 
LYS CG  HG3  sing N N 207 
LYS CD  CE   sing N N 208 
LYS CD  HD2  sing N N 209 
LYS CD  HD3  sing N N 210 
LYS CE  NZ   sing N N 211 
LYS CE  HE2  sing N N 212 
LYS CE  HE3  sing N N 213 
LYS NZ  HZ1  sing N N 214 
LYS NZ  HZ2  sing N N 215 
LYS NZ  HZ3  sing N N 216 
LYS OXT HXT  sing N N 217 
MET N   CA   sing N N 218 
MET N   H    sing N N 219 
MET N   H2   sing N N 220 
MET CA  C    sing N N 221 
MET CA  CB   sing N N 222 
MET CA  HA   sing N N 223 
MET C   O    doub N N 224 
MET C   OXT  sing N N 225 
MET CB  CG   sing N N 226 
MET CB  HB2  sing N N 227 
MET CB  HB3  sing N N 228 
MET CG  SD   sing N N 229 
MET CG  HG2  sing N N 230 
MET CG  HG3  sing N N 231 
MET SD  CE   sing N N 232 
MET CE  HE1  sing N N 233 
MET CE  HE2  sing N N 234 
MET CE  HE3  sing N N 235 
MET OXT HXT  sing N N 236 
PHE N   CA   sing N N 237 
PHE N   H    sing N N 238 
PHE N   H2   sing N N 239 
PHE CA  C    sing N N 240 
PHE CA  CB   sing N N 241 
PHE CA  HA   sing N N 242 
PHE C   O    doub N N 243 
PHE C   OXT  sing N N 244 
PHE CB  CG   sing N N 245 
PHE CB  HB2  sing N N 246 
PHE CB  HB3  sing N N 247 
PHE CG  CD1  doub Y N 248 
PHE CG  CD2  sing Y N 249 
PHE CD1 CE1  sing Y N 250 
PHE CD1 HD1  sing N N 251 
PHE CD2 CE2  doub Y N 252 
PHE CD2 HD2  sing N N 253 
PHE CE1 CZ   doub Y N 254 
PHE CE1 HE1  sing N N 255 
PHE CE2 CZ   sing Y N 256 
PHE CE2 HE2  sing N N 257 
PHE CZ  HZ   sing N N 258 
PHE OXT HXT  sing N N 259 
PRO N   CA   sing N N 260 
PRO N   CD   sing N N 261 
PRO N   H    sing N N 262 
PRO CA  C    sing N N 263 
PRO CA  CB   sing N N 264 
PRO CA  HA   sing N N 265 
PRO C   O    doub N N 266 
PRO C   OXT  sing N N 267 
PRO CB  CG   sing N N 268 
PRO CB  HB2  sing N N 269 
PRO CB  HB3  sing N N 270 
PRO CG  CD   sing N N 271 
PRO CG  HG2  sing N N 272 
PRO CG  HG3  sing N N 273 
PRO CD  HD2  sing N N 274 
PRO CD  HD3  sing N N 275 
PRO OXT HXT  sing N N 276 
SER N   CA   sing N N 277 
SER N   H    sing N N 278 
SER N   H2   sing N N 279 
SER CA  C    sing N N 280 
SER CA  CB   sing N N 281 
SER CA  HA   sing N N 282 
SER C   O    doub N N 283 
SER C   OXT  sing N N 284 
SER CB  OG   sing N N 285 
SER CB  HB2  sing N N 286 
SER CB  HB3  sing N N 287 
SER OG  HG   sing N N 288 
SER OXT HXT  sing N N 289 
THR N   CA   sing N N 290 
THR N   H    sing N N 291 
THR N   H2   sing N N 292 
THR CA  C    sing N N 293 
THR CA  CB   sing N N 294 
THR CA  HA   sing N N 295 
THR C   O    doub N N 296 
THR C   OXT  sing N N 297 
THR CB  OG1  sing N N 298 
THR CB  CG2  sing N N 299 
THR CB  HB   sing N N 300 
THR OG1 HG1  sing N N 301 
THR CG2 HG21 sing N N 302 
THR CG2 HG22 sing N N 303 
THR CG2 HG23 sing N N 304 
THR OXT HXT  sing N N 305 
TRP N   CA   sing N N 306 
TRP N   H    sing N N 307 
TRP N   H2   sing N N 308 
TRP CA  C    sing N N 309 
TRP CA  CB   sing N N 310 
TRP CA  HA   sing N N 311 
TRP C   O    doub N N 312 
TRP C   OXT  sing N N 313 
TRP CB  CG   sing N N 314 
TRP CB  HB2  sing N N 315 
TRP CB  HB3  sing N N 316 
TRP CG  CD1  doub Y N 317 
TRP CG  CD2  sing Y N 318 
TRP CD1 NE1  sing Y N 319 
TRP CD1 HD1  sing N N 320 
TRP CD2 CE2  doub Y N 321 
TRP CD2 CE3  sing Y N 322 
TRP NE1 CE2  sing Y N 323 
TRP NE1 HE1  sing N N 324 
TRP CE2 CZ2  sing Y N 325 
TRP CE3 CZ3  doub Y N 326 
TRP CE3 HE3  sing N N 327 
TRP CZ2 CH2  doub Y N 328 
TRP CZ2 HZ2  sing N N 329 
TRP CZ3 CH2  sing Y N 330 
TRP CZ3 HZ3  sing N N 331 
TRP CH2 HH2  sing N N 332 
TRP OXT HXT  sing N N 333 
TYR N   CA   sing N N 334 
TYR N   H    sing N N 335 
TYR N   H2   sing N N 336 
TYR CA  C    sing N N 337 
TYR CA  CB   sing N N 338 
TYR CA  HA   sing N N 339 
TYR C   O    doub N N 340 
TYR C   OXT  sing N N 341 
TYR CB  CG   sing N N 342 
TYR CB  HB2  sing N N 343 
TYR CB  HB3  sing N N 344 
TYR CG  CD1  doub Y N 345 
TYR CG  CD2  sing Y N 346 
TYR CD1 CE1  sing Y N 347 
TYR CD1 HD1  sing N N 348 
TYR CD2 CE2  doub Y N 349 
TYR CD2 HD2  sing N N 350 
TYR CE1 CZ   doub Y N 351 
TYR CE1 HE1  sing N N 352 
TYR CE2 CZ   sing Y N 353 
TYR CE2 HE2  sing N N 354 
TYR CZ  OH   sing N N 355 
TYR OH  HH   sing N N 356 
TYR OXT HXT  sing N N 357 
VAL N   CA   sing N N 358 
VAL N   H    sing N N 359 
VAL N   H2   sing N N 360 
VAL CA  C    sing N N 361 
VAL CA  CB   sing N N 362 
VAL CA  HA   sing N N 363 
VAL C   O    doub N N 364 
VAL C   OXT  sing N N 365 
VAL CB  CG1  sing N N 366 
VAL CB  CG2  sing N N 367 
VAL CB  HB   sing N N 368 
VAL CG1 HG11 sing N N 369 
VAL CG1 HG12 sing N N 370 
VAL CG1 HG13 sing N N 371 
VAL CG2 HG21 sing N N 372 
VAL CG2 HG22 sing N N 373 
VAL CG2 HG23 sing N N 374 
VAL OXT HXT  sing N N 375 
# 
_atom_sites.entry_id                    1SDZ 
_atom_sites.fract_transf_matrix[1][1]   0.00374493 
_atom_sites.fract_transf_matrix[1][2]   0.01260897 
_atom_sites.fract_transf_matrix[1][3]   0.00351987 
_atom_sites.fract_transf_matrix[2][1]   0.01107911 
_atom_sites.fract_transf_matrix[2][2]   0.00561866 
_atom_sites.fract_transf_matrix[2][3]   -0.00557733 
_atom_sites.fract_transf_matrix[3][1]   -0.01126746 
_atom_sites.fract_transf_matrix[3][2]   0.00748865 
_atom_sites.fract_transf_matrix[3][3]   -0.01483815 
_atom_sites.fract_transf_vector[1]      0.866496 
_atom_sites.fract_transf_vector[2]      0.515094 
_atom_sites.fract_transf_vector[3]      -0.001380 
# 
loop_
_atom_type.symbol 
C  
N  
O  
S  
ZN 
# 
loop_
_atom_site.group_PDB 
_atom_site.id 
_atom_site.type_symbol 
_atom_site.label_atom_id 
_atom_site.label_alt_id 
_atom_site.label_comp_id 
_atom_site.label_asym_id 
_atom_site.label_entity_id 
_atom_site.label_seq_id 
_atom_site.pdbx_PDB_ins_code 
_atom_site.Cartn_x 
_atom_site.Cartn_y 
_atom_site.Cartn_z 
_atom_site.occupancy 
_atom_site.B_iso_or_equiv 
_atom_site.pdbx_formal_charge 
_atom_site.auth_seq_id 
_atom_site.auth_comp_id 
_atom_site.auth_asym_id 
_atom_site.auth_atom_id 
_atom_site.pdbx_PDB_model_num 
ATOM   1    N  N   . ASN A 1 10  ? 6.565   -14.377 -5.956  1.00 49.95 ? 39  ASN A N   1 
ATOM   2    C  CA  . ASN A 1 10  ? 7.016   -13.178 -5.216  1.00 47.33 ? 39  ASN A CA  1 
ATOM   3    C  C   . ASN A 1 10  ? 7.316   -12.015 -6.139  1.00 47.38 ? 39  ASN A C   1 
ATOM   4    O  O   . ASN A 1 10  ? 8.057   -11.091 -5.771  1.00 45.65 ? 39  ASN A O   1 
ATOM   5    C  CB  . ASN A 1 10  ? 8.249   -13.524 -4.373  1.00 50.80 ? 39  ASN A CB  1 
ATOM   6    C  CG  . ASN A 1 10  ? 7.933   -13.602 -2.887  1.00 51.04 ? 39  ASN A CG  1 
ATOM   7    O  OD1 . ASN A 1 10  ? 6.903   -14.150 -2.483  1.00 51.35 ? 39  ASN A OD1 1 
ATOM   8    N  ND2 . ASN A 1 10  ? 8.815   -13.051 -2.068  1.00 51.39 ? 39  ASN A ND2 1 
ATOM   9    N  N   . ASP A 1 11  ? 6.765   -12.043 -7.354  1.00 44.98 ? 40  ASP A N   1 
ATOM   10   C  CA  . ASP A 1 11  ? 7.003   -10.903 -8.208  1.00 43.02 ? 40  ASP A CA  1 
ATOM   11   C  C   . ASP A 1 11  ? 6.167   -9.773  -7.626  1.00 39.63 ? 40  ASP A C   1 
ATOM   12   O  O   . ASP A 1 11  ? 6.280   -8.640  -8.068  1.00 40.13 ? 40  ASP A O   1 
ATOM   13   C  CB  . ASP A 1 11  ? 6.650   -11.152 -9.694  1.00 44.63 ? 40  ASP A CB  1 
ATOM   14   C  CG  . ASP A 1 11  ? 5.671   -12.286 -9.911  1.00 46.20 ? 40  ASP A CG  1 
ATOM   15   O  OD1 . ASP A 1 11  ? 4.542   -12.255 -9.381  1.00 45.68 ? 40  ASP A OD1 1 
ATOM   16   O  OD2 . ASP A 1 11  ? 6.028   -13.226 -10.662 1.00 51.30 ? 40  ASP A OD2 1 
ATOM   17   N  N   . LEU A 1 12  ? 5.348   -10.077 -6.615  1.00 37.69 ? 41  LEU A N   1 
ATOM   18   C  CA  . LEU A 1 12  ? 4.522   -9.034  -5.992  1.00 35.51 ? 41  LEU A CA  1 
ATOM   19   C  C   . LEU A 1 12  ? 5.367   -8.195  -5.055  1.00 34.21 ? 41  LEU A C   1 
ATOM   20   O  O   . LEU A 1 12  ? 4.891   -7.217  -4.483  1.00 35.09 ? 41  LEU A O   1 
ATOM   21   C  CB  . LEU A 1 12  ? 3.332   -9.620  -5.232  1.00 34.02 ? 41  LEU A CB  1 
ATOM   22   C  CG  . LEU A 1 12  ? 2.118   -9.986  -6.096  1.00 32.88 ? 41  LEU A CG  1 
ATOM   23   C  CD1 . LEU A 1 12  ? 1.090   -10.641 -5.210  1.00 31.42 ? 41  LEU A CD1 1 
ATOM   24   C  CD2 . LEU A 1 12  ? 1.530   -8.748  -6.776  1.00 29.63 ? 41  LEU A CD2 1 
ATOM   25   N  N   . ASN A 1 13  ? 6.624   -8.599  -4.898  1.00 33.16 ? 42  ASN A N   1 
ATOM   26   C  CA  . ASN A 1 13  ? 7.580   -7.860  -4.087  1.00 33.06 ? 42  ASN A CA  1 
ATOM   27   C  C   . ASN A 1 13  ? 7.974   -6.645  -4.916  1.00 30.47 ? 42  ASN A C   1 
ATOM   28   O  O   . ASN A 1 13  ? 8.487   -5.658  -4.396  1.00 32.01 ? 42  ASN A O   1 
ATOM   29   C  CB  . ASN A 1 13  ? 8.830   -8.692  -3.834  1.00 35.74 ? 42  ASN A CB  1 
ATOM   30   C  CG  . ASN A 1 13  ? 8.757   -9.460  -2.557  1.00 38.15 ? 42  ASN A CG  1 
ATOM   31   O  OD1 . ASN A 1 13  ? 8.410   -8.913  -1.517  1.00 40.92 ? 42  ASN A OD1 1 
ATOM   32   N  ND2 . ASN A 1 13  ? 9.091   -10.741 -2.618  1.00 41.99 ? 42  ASN A ND2 1 
ATOM   33   N  N   . ARG A 1 14  ? 7.719   -6.748  -6.217  1.00 29.13 ? 43  ARG A N   1 
ATOM   34   C  CA  . ARG A 1 14  ? 8.026   -5.705  -7.179  1.00 29.79 ? 43  ARG A CA  1 
ATOM   35   C  C   . ARG A 1 14  ? 6.843   -4.772  -7.371  1.00 29.68 ? 43  ARG A C   1 
ATOM   36   O  O   . ARG A 1 14  ? 5.735   -5.217  -7.665  1.00 28.81 ? 43  ARG A O   1 
ATOM   37   C  CB  . ARG A 1 14  ? 8.379   -6.324  -8.531  1.00 31.05 ? 43  ARG A CB  1 
ATOM   38   C  CG  . ARG A 1 14  ? 9.487   -7.372  -8.499  1.00 33.97 ? 43  ARG A CG  1 
ATOM   39   C  CD  . ARG A 1 14  ? 9.518   -8.145  -9.807  1.00 37.34 ? 43  ARG A CD  1 
ATOM   40   N  NE  . ARG A 1 14  ? 9.683   -7.262  -10.957 1.00 42.42 ? 43  ARG A NE  1 
ATOM   41   C  CZ  . ARG A 1 14  ? 10.796  -6.590  -11.226 1.00 45.54 ? 43  ARG A CZ  1 
ATOM   42   N  NH1 . ARG A 1 14  ? 11.844  -6.703  -10.423 1.00 46.90 ? 43  ARG A NH1 1 
ATOM   43   N  NH2 . ARG A 1 14  ? 10.861  -5.802  -12.293 1.00 48.15 ? 43  ARG A NH2 1 
ATOM   44   N  N   . GLU A 1 15  ? 7.090   -3.478  -7.217  1.00 28.93 ? 44  GLU A N   1 
ATOM   45   C  CA  . GLU A 1 15  ? 6.058   -2.466  -7.384  1.00 28.34 ? 44  GLU A CA  1 
ATOM   46   C  C   . GLU A 1 15  ? 5.425   -2.609  -8.769  1.00 29.98 ? 44  GLU A C   1 
ATOM   47   O  O   . GLU A 1 15  ? 4.217   -2.447  -8.936  1.00 28.28 ? 44  GLU A O   1 
ATOM   48   C  CB  . GLU A 1 15  ? 6.691   -1.084  -7.249  1.00 27.42 ? 44  GLU A CB  1 
ATOM   49   C  CG  . GLU A 1 15  ? 5.725   0.075   -7.366  1.00 26.48 ? 44  GLU A CG  1 
ATOM   50   C  CD  . GLU A 1 15  ? 6.446   1.395   -7.340  1.00 27.16 ? 44  GLU A CD  1 
ATOM   51   O  OE1 . GLU A 1 15  ? 7.521   1.454   -6.700  1.00 23.06 ? 44  GLU A OE1 1 
ATOM   52   O  OE2 . GLU A 1 15  ? 5.940   2.368   -7.948  1.00 24.02 ? 44  GLU A OE2 1 
ATOM   53   N  N   . GLU A 1 16  ? 6.265   -2.908  -9.754  1.00 29.93 ? 45  GLU A N   1 
ATOM   54   C  CA  . GLU A 1 16  ? 5.820   -3.066  -11.130 1.00 31.60 ? 45  GLU A CA  1 
ATOM   55   C  C   . GLU A 1 16  ? 4.757   -4.146  -11.229 1.00 30.24 ? 45  GLU A C   1 
ATOM   56   O  O   . GLU A 1 16  ? 3.762   -3.984  -11.926 1.00 31.79 ? 45  GLU A O   1 
ATOM   57   C  CB  . GLU A 1 16  ? 7.011   -3.417  -12.020 1.00 34.63 ? 45  GLU A CB  1 
ATOM   58   C  CG  . GLU A 1 16  ? 6.700   -3.446  -13.505 1.00 40.52 ? 45  GLU A CG  1 
ATOM   59   C  CD  . GLU A 1 16  ? 7.936   -3.720  -14.352 1.00 43.60 ? 45  GLU A CD  1 
ATOM   60   O  OE1 . GLU A 1 16  ? 7.807   -3.779  -15.595 1.00 45.30 ? 45  GLU A OE1 1 
ATOM   61   O  OE2 . GLU A 1 16  ? 9.037   -3.875  -13.773 1.00 43.00 ? 45  GLU A OE2 1 
ATOM   62   N  N   . THR A 1 17  ? 4.962   -5.251  -10.526 1.00 29.41 ? 46  THR A N   1 
ATOM   63   C  CA  . THR A 1 17  ? 3.995   -6.334  -10.557 1.00 29.69 ? 46  THR A CA  1 
ATOM   64   C  C   . THR A 1 17  ? 2.708   -5.934  -9.840  1.00 28.48 ? 46  THR A C   1 
ATOM   65   O  O   . THR A 1 17  ? 1.608   -6.214  -10.327 1.00 28.40 ? 46  THR A O   1 
ATOM   66   C  CB  . THR A 1 17  ? 4.566   -7.600  -9.912  1.00 28.67 ? 46  THR A CB  1 
ATOM   67   O  OG1 . THR A 1 17  ? 5.809   -7.934  -10.543 1.00 31.19 ? 46  THR A OG1 1 
ATOM   68   C  CG2 . THR A 1 17  ? 3.599   -8.763  -10.079 1.00 29.89 ? 46  THR A CG2 1 
ATOM   69   N  N   . ARG A 1 18  ? 2.843   -5.277  -8.688  1.00 26.75 ? 47  ARG A N   1 
ATOM   70   C  CA  . ARG A 1 18  ? 1.666   -4.847  -7.938  1.00 25.21 ? 47  ARG A CA  1 
ATOM   71   C  C   . ARG A 1 18  ? 0.849   -3.854  -8.775  1.00 26.10 ? 47  ARG A C   1 
ATOM   72   O  O   . ARG A 1 18  ? -0.379  -3.948  -8.835  1.00 29.13 ? 47  ARG A O   1 
ATOM   73   C  CB  . ARG A 1 18  ? 2.085   -4.227  -6.589  1.00 25.64 ? 47  ARG A CB  1 
ATOM   74   C  CG  . ARG A 1 18  ? 2.833   -5.206  -5.649  1.00 23.95 ? 47  ARG A CG  1 
ATOM   75   C  CD  . ARG A 1 18  ? 2.943   -4.671  -4.212  1.00 22.22 ? 47  ARG A CD  1 
ATOM   76   N  NE  . ARG A 1 18  ? 3.753   -3.457  -4.106  1.00 21.80 ? 47  ARG A NE  1 
ATOM   77   C  CZ  . ARG A 1 18  ? 5.085   -3.442  -4.076  1.00 26.17 ? 47  ARG A CZ  1 
ATOM   78   N  NH1 . ARG A 1 18  ? 5.769   -4.582  -4.143  1.00 24.53 ? 47  ARG A NH1 1 
ATOM   79   N  NH2 . ARG A 1 18  ? 5.738   -2.286  -3.962  1.00 21.11 ? 47  ARG A NH2 1 
ATOM   80   N  N   . LEU A 1 19  ? 1.523   -2.914  -9.433  1.00 24.27 ? 48  LEU A N   1 
ATOM   81   C  CA  . LEU A 1 19  ? 0.836   -1.934  -10.273 1.00 26.59 ? 48  LEU A CA  1 
ATOM   82   C  C   . LEU A 1 19  ? -0.044  -2.614  -11.328 1.00 28.54 ? 48  LEU A C   1 
ATOM   83   O  O   . LEU A 1 19  ? -1.153  -2.151  -11.615 1.00 28.98 ? 48  LEU A O   1 
ATOM   84   C  CB  . LEU A 1 19  ? 1.848   -1.031  -10.978 1.00 24.93 ? 48  LEU A CB  1 
ATOM   85   C  CG  . LEU A 1 19  ? 1.228   0.013   -11.903 1.00 26.49 ? 48  LEU A CG  1 
ATOM   86   C  CD1 . LEU A 1 19  ? 0.337   0.933   -11.086 1.00 26.66 ? 48  LEU A CD1 1 
ATOM   87   C  CD2 . LEU A 1 19  ? 2.315   0.808   -12.608 1.00 26.78 ? 48  LEU A CD2 1 
ATOM   88   N  N   . LYS A 1 20  ? 0.452   -3.708  -11.900 1.00 30.49 ? 49  LYS A N   1 
ATOM   89   C  CA  . LYS A 1 20  ? -0.283  -4.448  -12.926 1.00 33.48 ? 49  LYS A CA  1 
ATOM   90   C  C   . LYS A 1 20  ? -1.596  -5.076  -12.447 1.00 33.36 ? 49  LYS A C   1 
ATOM   91   O  O   . LYS A 1 20  ? -2.477  -5.371  -13.254 1.00 32.87 ? 49  LYS A O   1 
ATOM   92   C  CB  . LYS A 1 20  ? 0.608   -5.543  -13.525 1.00 37.24 ? 49  LYS A CB  1 
ATOM   93   C  CG  . LYS A 1 20  ? 1.592   -5.056  -14.587 1.00 43.13 ? 49  LYS A CG  1 
ATOM   94   C  CD  . LYS A 1 20  ? 2.336   -3.805  -14.149 1.00 47.06 ? 49  LYS A CD  1 
ATOM   95   C  CE  . LYS A 1 20  ? 3.494   -3.478  -15.087 1.00 51.13 ? 49  LYS A CE  1 
ATOM   96   N  NZ  . LYS A 1 20  ? 4.218   -2.245  -14.661 1.00 49.84 ? 49  LYS A NZ  1 
ATOM   97   N  N   . THR A 1 21  ? -1.731  -5.294  -11.145 1.00 32.25 ? 50  THR A N   1 
ATOM   98   C  CA  . THR A 1 21  ? -2.963  -5.885  -10.633 1.00 32.69 ? 50  THR A CA  1 
ATOM   99   C  C   . THR A 1 21  ? -4.093  -4.866  -10.528 1.00 31.31 ? 50  THR A C   1 
ATOM   100  O  O   . THR A 1 21  ? -5.231  -5.236  -10.266 1.00 31.54 ? 50  THR A O   1 
ATOM   101  C  CB  . THR A 1 21  ? -2.769  -6.504  -9.242  1.00 31.68 ? 50  THR A CB  1 
ATOM   102  O  OG1 . THR A 1 21  ? -2.478  -5.469  -8.295  1.00 33.31 ? 50  THR A OG1 1 
ATOM   103  C  CG2 . THR A 1 21  ? -1.633  -7.512  -9.270  1.00 33.73 ? 50  THR A CG2 1 
ATOM   104  N  N   . PHE A 1 22  ? -3.782  -3.588  -10.728 1.00 30.41 ? 51  PHE A N   1 
ATOM   105  C  CA  . PHE A 1 22  ? -4.802  -2.549  -10.627 1.00 30.47 ? 51  PHE A CA  1 
ATOM   106  C  C   . PHE A 1 22  ? -5.591  -2.299  -11.905 1.00 32.22 ? 51  PHE A C   1 
ATOM   107  O  O   . PHE A 1 22  ? -5.921  -1.159  -12.233 1.00 33.91 ? 51  PHE A O   1 
ATOM   108  C  CB  . PHE A 1 22  ? -4.193  -1.232  -10.126 1.00 28.36 ? 51  PHE A CB  1 
ATOM   109  C  CG  . PHE A 1 22  ? -3.926  -1.221  -8.645  1.00 27.01 ? 51  PHE A CG  1 
ATOM   110  C  CD1 . PHE A 1 22  ? -2.738  -1.736  -8.129  1.00 25.19 ? 51  PHE A CD1 1 
ATOM   111  C  CD2 . PHE A 1 22  ? -4.891  -0.742  -7.760  1.00 25.05 ? 51  PHE A CD2 1 
ATOM   112  C  CE1 . PHE A 1 22  ? -2.515  -1.775  -6.751  1.00 21.63 ? 51  PHE A CE1 1 
ATOM   113  C  CE2 . PHE A 1 22  ? -4.680  -0.778  -6.378  1.00 28.39 ? 51  PHE A CE2 1 
ATOM   114  C  CZ  . PHE A 1 22  ? -3.491  -1.295  -5.872  1.00 22.45 ? 51  PHE A CZ  1 
ATOM   115  N  N   . THR A 1 23  ? -5.885  -3.370  -12.631 1.00 34.10 ? 52  THR A N   1 
ATOM   116  C  CA  . THR A 1 23  ? -6.681  -3.259  -13.843 1.00 34.64 ? 52  THR A CA  1 
ATOM   117  C  C   . THR A 1 23  ? -8.121  -3.243  -13.336 1.00 34.36 ? 52  THR A C   1 
ATOM   118  O  O   . THR A 1 23  ? -8.450  -3.946  -12.379 1.00 35.32 ? 52  THR A O   1 
ATOM   119  C  CB  . THR A 1 23  ? -6.468  -4.471  -14.768 1.00 35.02 ? 52  THR A CB  1 
ATOM   120  O  OG1 . THR A 1 23  ? -6.767  -5.675  -14.054 1.00 37.68 ? 52  THR A OG1 1 
ATOM   121  C  CG2 . THR A 1 23  ? -5.029  -4.522  -15.252 1.00 34.34 ? 52  THR A CG2 1 
ATOM   122  N  N   . ASP A 1 24  ? -8.971  -2.431  -13.949 1.00 34.86 ? 53  ASP A N   1 
ATOM   123  C  CA  . ASP A 1 24  ? -10.362 -2.341  -13.509 1.00 35.69 ? 53  ASP A CA  1 
ATOM   124  C  C   . ASP A 1 24  ? -10.460 -1.789  -12.089 1.00 35.03 ? 53  ASP A C   1 
ATOM   125  O  O   . ASP A 1 24  ? -11.324 -2.203  -11.313 1.00 33.70 ? 53  ASP A O   1 
ATOM   126  C  CB  . ASP A 1 24  ? -11.036 -3.717  -13.566 1.00 38.98 ? 53  ASP A CB  1 
ATOM   127  C  CG  . ASP A 1 24  ? -11.251 -4.206  -14.986 1.00 40.98 ? 53  ASP A CG  1 
ATOM   128  O  OD1 . ASP A 1 24  ? -11.669 -5.369  -15.156 1.00 45.28 ? 53  ASP A OD1 1 
ATOM   129  O  OD2 . ASP A 1 24  ? -11.007 -3.428  -15.930 1.00 43.35 ? 53  ASP A OD2 1 
ATOM   130  N  N   . TRP A 1 25  ? -9.553  -0.875  -11.747 1.00 33.51 ? 54  TRP A N   1 
ATOM   131  C  CA  . TRP A 1 25  ? -9.546  -0.224  -10.433 1.00 31.76 ? 54  TRP A CA  1 
ATOM   132  C  C   . TRP A 1 25  ? -10.728 0.739   -10.482 1.00 31.55 ? 54  TRP A C   1 
ATOM   133  O  O   . TRP A 1 25  ? -10.753 1.645   -11.309 1.00 33.07 ? 54  TRP A O   1 
ATOM   134  C  CB  . TRP A 1 25  ? -8.243  0.558   -10.240 1.00 29.47 ? 54  TRP A CB  1 
ATOM   135  C  CG  . TRP A 1 25  ? -8.165  1.351   -8.964  1.00 27.10 ? 54  TRP A CG  1 
ATOM   136  C  CD1 . TRP A 1 25  ? -7.911  2.687   -8.851  1.00 27.25 ? 54  TRP A CD1 1 
ATOM   137  C  CD2 . TRP A 1 25  ? -8.291  0.852   -7.627  1.00 26.71 ? 54  TRP A CD2 1 
ATOM   138  N  NE1 . TRP A 1 25  ? -7.867  3.054   -7.528  1.00 28.05 ? 54  TRP A NE1 1 
ATOM   139  C  CE2 . TRP A 1 25  ? -8.098  1.946   -6.755  1.00 26.27 ? 54  TRP A CE2 1 
ATOM   140  C  CE3 . TRP A 1 25  ? -8.549  -0.408  -7.083  1.00 25.64 ? 54  TRP A CE3 1 
ATOM   141  C  CZ2 . TRP A 1 25  ? -8.152  1.816   -5.366  1.00 27.08 ? 54  TRP A CZ2 1 
ATOM   142  C  CZ3 . TRP A 1 25  ? -8.604  -0.538  -5.695  1.00 29.16 ? 54  TRP A CZ3 1 
ATOM   143  C  CH2 . TRP A 1 25  ? -8.407  0.573   -4.854  1.00 26.45 ? 54  TRP A CH2 1 
ATOM   144  N  N   . PRO A 1 26  ? -11.706 0.571   -9.580  1.00 31.72 ? 55  PRO A N   1 
ATOM   145  C  CA  . PRO A 1 26  ? -12.904 1.421   -9.531  1.00 32.94 ? 55  PRO A CA  1 
ATOM   146  C  C   . PRO A 1 26  ? -12.811 2.848   -8.982  1.00 34.08 ? 55  PRO A C   1 
ATOM   147  O  O   . PRO A 1 26  ? -13.755 3.624   -9.140  1.00 34.39 ? 55  PRO A O   1 
ATOM   148  C  CB  . PRO A 1 26  ? -13.880 0.571   -8.727  1.00 31.44 ? 55  PRO A CB  1 
ATOM   149  C  CG  . PRO A 1 26  ? -12.972 -0.070  -7.716  1.00 33.74 ? 55  PRO A CG  1 
ATOM   150  C  CD  . PRO A 1 26  ? -11.760 -0.476  -8.543  1.00 31.75 ? 55  PRO A CD  1 
ATOM   151  N  N   . LEU A 1 27  ? -11.699 3.209   -8.345  1.00 32.50 ? 56  LEU A N   1 
ATOM   152  C  CA  . LEU A 1 27  ? -11.574 4.556   -7.781  1.00 31.98 ? 56  LEU A CA  1 
ATOM   153  C  C   . LEU A 1 27  ? -10.668 5.490   -8.582  1.00 31.61 ? 56  LEU A C   1 
ATOM   154  O  O   . LEU A 1 27  ? -9.455  5.480   -8.405  1.00 32.82 ? 56  LEU A O   1 
ATOM   155  C  CB  . LEU A 1 27  ? -11.075 4.461   -6.334  1.00 32.45 ? 56  LEU A CB  1 
ATOM   156  C  CG  . LEU A 1 27  ? -12.070 4.027   -5.244  1.00 34.66 ? 56  LEU A CG  1 
ATOM   157  C  CD1 . LEU A 1 27  ? -13.034 2.997   -5.767  1.00 34.61 ? 56  LEU A CD1 1 
ATOM   158  C  CD2 . LEU A 1 27  ? -11.312 3.502   -4.039  1.00 33.55 ? 56  LEU A CD2 1 
ATOM   159  N  N   . ASP A 1 28  ? -11.258 6.314   -9.448  1.00 30.46 ? 57  ASP A N   1 
ATOM   160  C  CA  . ASP A 1 28  ? -10.476 7.237   -10.275 1.00 30.60 ? 57  ASP A CA  1 
ATOM   161  C  C   . ASP A 1 28  ? -9.710  8.280   -9.465  1.00 29.32 ? 57  ASP A C   1 
ATOM   162  O  O   . ASP A 1 28  ? -8.655  8.752   -9.895  1.00 27.82 ? 57  ASP A O   1 
ATOM   163  C  CB  . ASP A 1 28  ? -11.373 7.977   -11.271 1.00 34.07 ? 57  ASP A CB  1 
ATOM   164  C  CG  . ASP A 1 28  ? -12.110 7.046   -12.201 1.00 37.71 ? 57  ASP A CG  1 
ATOM   165  O  OD1 . ASP A 1 28  ? -11.594 5.945   -12.471 1.00 40.18 ? 57  ASP A OD1 1 
ATOM   166  O  OD2 . ASP A 1 28  ? -13.201 7.427   -12.676 1.00 42.31 ? 57  ASP A OD2 1 
ATOM   167  N  N   . TRP A 1 29  ? -10.253 8.635   -8.303  1.00 28.61 ? 58  TRP A N   1 
ATOM   168  C  CA  . TRP A 1 29  ? -9.660  9.638   -7.416  1.00 26.38 ? 58  TRP A CA  1 
ATOM   169  C  C   . TRP A 1 29  ? -8.583  9.119   -6.447  1.00 26.49 ? 58  TRP A C   1 
ATOM   170  O  O   . TRP A 1 29  ? -7.885  9.913   -5.822  1.00 25.71 ? 58  TRP A O   1 
ATOM   171  C  CB  . TRP A 1 29  ? -10.764 10.312  -6.604  1.00 27.04 ? 58  TRP A CB  1 
ATOM   172  C  CG  . TRP A 1 29  ? -11.692 9.311   -5.973  1.00 29.71 ? 58  TRP A CG  1 
ATOM   173  C  CD1 . TRP A 1 29  ? -12.789 8.732   -6.546  1.00 30.50 ? 58  TRP A CD1 1 
ATOM   174  C  CD2 . TRP A 1 29  ? -11.561 8.720   -4.674  1.00 27.71 ? 58  TRP A CD2 1 
ATOM   175  N  NE1 . TRP A 1 29  ? -13.348 7.816   -5.688  1.00 30.42 ? 58  TRP A NE1 1 
ATOM   176  C  CE2 . TRP A 1 29  ? -12.613 7.788   -4.531  1.00 30.42 ? 58  TRP A CE2 1 
ATOM   177  C  CE3 . TRP A 1 29  ? -10.654 8.885   -3.618  1.00 30.58 ? 58  TRP A CE3 1 
ATOM   178  C  CZ2 . TRP A 1 29  ? -12.785 7.024   -3.373  1.00 28.52 ? 58  TRP A CZ2 1 
ATOM   179  C  CZ3 . TRP A 1 29  ? -10.826 8.123   -2.464  1.00 29.53 ? 58  TRP A CZ3 1 
ATOM   180  C  CH2 . TRP A 1 29  ? -11.882 7.205   -2.352  1.00 30.34 ? 58  TRP A CH2 1 
ATOM   181  N  N   . LEU A 1 30  ? -8.466  7.804   -6.294  1.00 25.69 ? 59  LEU A N   1 
ATOM   182  C  CA  . LEU A 1 30  ? -7.453  7.244   -5.397  1.00 26.38 ? 59  LEU A CA  1 
ATOM   183  C  C   . LEU A 1 30  ? -6.354  6.664   -6.279  1.00 27.21 ? 59  LEU A C   1 
ATOM   184  O  O   . LEU A 1 30  ? -6.582  5.711   -7.025  1.00 28.89 ? 59  LEU A O   1 
ATOM   185  C  CB  . LEU A 1 30  ? -8.059  6.155   -4.490  1.00 24.49 ? 59  LEU A CB  1 
ATOM   186  C  CG  . LEU A 1 30  ? -7.266  5.704   -3.251  1.00 21.93 ? 59  LEU A CG  1 
ATOM   187  C  CD1 . LEU A 1 30  ? -6.972  6.887   -2.332  1.00 25.17 ? 59  LEU A CD1 1 
ATOM   188  C  CD2 . LEU A 1 30  ? -8.055  4.654   -2.492  1.00 23.80 ? 59  LEU A CD2 1 
ATOM   189  N  N   . ASP A 1 31  ? -5.168  7.256   -6.188  1.00 27.79 ? 60  ASP A N   1 
ATOM   190  C  CA  . ASP A 1 31  ? -4.003  6.867   -6.992  1.00 28.10 ? 60  ASP A CA  1 
ATOM   191  C  C   . ASP A 1 31  ? -3.516  5.428   -6.813  1.00 26.60 ? 60  ASP A C   1 
ATOM   192  O  O   . ASP A 1 31  ? -2.879  5.094   -5.810  1.00 25.83 ? 60  ASP A O   1 
ATOM   193  C  CB  . ASP A 1 31  ? -2.846  7.833   -6.698  1.00 28.20 ? 60  ASP A CB  1 
ATOM   194  C  CG  . ASP A 1 31  ? -1.798  7.858   -7.805  1.00 29.70 ? 60  ASP A CG  1 
ATOM   195  O  OD1 . ASP A 1 31  ? -1.810  6.965   -8.681  1.00 29.95 ? 60  ASP A OD1 1 
ATOM   196  O  OD2 . ASP A 1 31  ? -0.961  8.784   -7.793  1.00 31.10 ? 60  ASP A OD2 1 
ATOM   197  N  N   . LYS A 1 32  ? -3.802  4.585   -7.803  1.00 25.54 ? 61  LYS A N   1 
ATOM   198  C  CA  . LYS A 1 32  ? -3.384  3.186   -7.785  1.00 25.03 ? 61  LYS A CA  1 
ATOM   199  C  C   . LYS A 1 32  ? -1.861  3.059   -7.836  1.00 24.85 ? 61  LYS A C   1 
ATOM   200  O  O   . LYS A 1 32  ? -1.308  2.053   -7.401  1.00 23.39 ? 61  LYS A O   1 
ATOM   201  C  CB  . LYS A 1 32  ? -3.980  2.439   -8.977  1.00 28.27 ? 61  LYS A CB  1 
ATOM   202  C  CG  . LYS A 1 32  ? -3.697  3.102   -10.311 1.00 31.41 ? 61  LYS A CG  1 
ATOM   203  C  CD  . LYS A 1 32  ? -4.101  2.208   -11.466 1.00 35.72 ? 61  LYS A CD  1 
ATOM   204  C  CE  . LYS A 1 32  ? -4.293  3.024   -12.725 1.00 39.47 ? 61  LYS A CE  1 
ATOM   205  N  NZ  . LYS A 1 32  ? -5.390  4.013   -12.538 1.00 39.39 ? 61  LYS A NZ  1 
ATOM   206  N  N   . ARG A 1 33  ? -1.196  4.079   -8.377  1.00 23.65 ? 62  ARG A N   1 
ATOM   207  C  CA  . ARG A 1 33  ? 0.258   4.081   -8.484  1.00 25.59 ? 62  ARG A CA  1 
ATOM   208  C  C   . ARG A 1 33  ? 0.877   4.232   -7.097  1.00 25.83 ? 62  ARG A C   1 
ATOM   209  O  O   . ARG A 1 33  ? 1.852   3.555   -6.785  1.00 24.16 ? 62  ARG A O   1 
ATOM   210  C  CB  . ARG A 1 33  ? 0.746   5.221   -9.403  1.00 27.88 ? 62  ARG A CB  1 
ATOM   211  C  CG  . ARG A 1 33  ? 0.454   5.020   -10.910 1.00 30.86 ? 62  ARG A CG  1 
ATOM   212  C  CD  . ARG A 1 33  ? 0.990   6.191   -11.741 1.00 29.72 ? 62  ARG A CD  1 
ATOM   213  N  NE  . ARG A 1 33  ? 0.661   6.107   -13.166 1.00 30.51 ? 62  ARG A NE  1 
ATOM   214  C  CZ  . ARG A 1 33  ? 1.301   5.352   -14.058 1.00 32.75 ? 62  ARG A CZ  1 
ATOM   215  N  NH1 . ARG A 1 33  ? 2.323   4.592   -13.692 1.00 30.32 ? 62  ARG A NH1 1 
ATOM   216  N  NH2 . ARG A 1 33  ? 0.917   5.359   -15.328 1.00 31.10 ? 62  ARG A NH2 1 
ATOM   217  N  N   . GLN A 1 34  ? 0.306   5.112   -6.271  1.00 25.15 ? 63  GLN A N   1 
ATOM   218  C  CA  . GLN A 1 34  ? 0.816   5.330   -4.919  1.00 26.36 ? 63  GLN A CA  1 
ATOM   219  C  C   . GLN A 1 34  ? 0.477   4.144   -4.016  1.00 28.23 ? 63  GLN A C   1 
ATOM   220  O  O   . GLN A 1 34  ? 1.227   3.810   -3.096  1.00 30.79 ? 63  GLN A O   1 
ATOM   221  C  CB  . GLN A 1 34  ? 0.251   6.622   -4.319  1.00 27.94 ? 63  GLN A CB  1 
ATOM   222  C  CG  . GLN A 1 34  ? 1.027   7.107   -3.093  1.00 34.34 ? 63  GLN A CG  1 
ATOM   223  C  CD  . GLN A 1 34  ? 0.635   8.508   -2.638  1.00 35.47 ? 63  GLN A CD  1 
ATOM   224  O  OE1 . GLN A 1 34  ? -0.369  8.698   -1.946  1.00 36.36 ? 63  GLN A OE1 1 
ATOM   225  N  NE2 . GLN A 1 34  ? 1.427   9.498   -3.036  1.00 34.98 ? 63  GLN A NE2 1 
ATOM   226  N  N   . LEU A 1 35  ? -0.658  3.509   -4.272  1.00 27.59 ? 64  LEU A N   1 
ATOM   227  C  CA  . LEU A 1 35  ? -1.042  2.338   -3.493  1.00 27.81 ? 64  LEU A CA  1 
ATOM   228  C  C   . LEU A 1 35  ? -0.050  1.208   -3.797  1.00 27.80 ? 64  LEU A C   1 
ATOM   229  O  O   . LEU A 1 35  ? 0.506   0.596   -2.887  1.00 27.53 ? 64  LEU A O   1 
ATOM   230  C  CB  . LEU A 1 35  ? -2.460  1.902   -3.848  1.00 26.68 ? 64  LEU A CB  1 
ATOM   231  C  CG  . LEU A 1 35  ? -3.602  2.746   -3.270  1.00 26.28 ? 64  LEU A CG  1 
ATOM   232  C  CD1 . LEU A 1 35  ? -4.893  2.371   -3.961  1.00 21.29 ? 64  LEU A CD1 1 
ATOM   233  C  CD2 . LEU A 1 35  ? -3.707  2.526   -1.757  1.00 27.05 ? 64  LEU A CD2 1 
ATOM   234  N  N   . ALA A 1 36  ? 0.186   0.949   -5.079  1.00 26.78 ? 65  ALA A N   1 
ATOM   235  C  CA  . ALA A 1 36  ? 1.118   -0.107  -5.475  1.00 26.20 ? 65  ALA A CA  1 
ATOM   236  C  C   . ALA A 1 36  ? 2.514   0.195   -4.947  1.00 27.04 ? 65  ALA A C   1 
ATOM   237  O  O   . ALA A 1 36  ? 3.225   -0.690  -4.472  1.00 26.22 ? 65  ALA A O   1 
ATOM   238  C  CB  . ALA A 1 36  ? 1.148   -0.240  -6.990  1.00 24.39 ? 65  ALA A CB  1 
ATOM   239  N  N   . GLN A 1 37  ? 2.893   1.463   -5.035  1.00 27.14 ? 66  GLN A N   1 
ATOM   240  C  CA  . GLN A 1 37  ? 4.193   1.937   -4.577  1.00 27.97 ? 66  GLN A CA  1 
ATOM   241  C  C   . GLN A 1 37  ? 4.405   1.668   -3.084  1.00 27.53 ? 66  GLN A C   1 
ATOM   242  O  O   . GLN A 1 37  ? 5.510   1.343   -2.653  1.00 26.01 ? 66  GLN A O   1 
ATOM   243  C  CB  . GLN A 1 37  ? 4.280   3.438   -4.864  1.00 29.47 ? 66  GLN A CB  1 
ATOM   244  C  CG  . GLN A 1 37  ? 5.545   4.138   -4.447  1.00 30.20 ? 66  GLN A CG  1 
ATOM   245  C  CD  . GLN A 1 37  ? 5.536   5.593   -4.885  1.00 30.88 ? 66  GLN A CD  1 
ATOM   246  O  OE1 . GLN A 1 37  ? 4.598   6.330   -4.589  1.00 32.73 ? 66  GLN A OE1 1 
ATOM   247  N  NE2 . GLN A 1 37  ? 6.574   6.010   -5.594  1.00 28.71 ? 66  GLN A NE2 1 
ATOM   248  N  N   . THR A 1 38  ? 3.341   1.794   -2.298  1.00 25.57 ? 67  THR A N   1 
ATOM   249  C  CA  . THR A 1 38  ? 3.443   1.596   -0.859  1.00 25.60 ? 67  THR A CA  1 
ATOM   250  C  C   . THR A 1 38  ? 3.020   0.205   -0.362  1.00 25.55 ? 67  THR A C   1 
ATOM   251  O  O   . THR A 1 38  ? 2.456   0.060   0.723   1.00 26.68 ? 67  THR A O   1 
ATOM   252  C  CB  . THR A 1 38  ? 2.682   2.717   -0.101  1.00 26.31 ? 67  THR A CB  1 
ATOM   253  O  OG1 . THR A 1 38  ? 1.317   2.772   -0.533  1.00 27.51 ? 67  THR A OG1 1 
ATOM   254  C  CG2 . THR A 1 38  ? 3.339   4.072   -0.381  1.00 26.55 ? 67  THR A CG2 1 
ATOM   255  N  N   . GLY A 1 39  ? 3.298   -0.809  -1.177  1.00 25.21 ? 68  GLY A N   1 
ATOM   256  C  CA  . GLY A 1 39  ? 3.020   -2.187  -0.806  1.00 26.32 ? 68  GLY A CA  1 
ATOM   257  C  C   . GLY A 1 39  ? 1.720   -2.853  -1.200  1.00 26.61 ? 68  GLY A C   1 
ATOM   258  O  O   . GLY A 1 39  ? 1.605   -4.071  -1.100  1.00 26.11 ? 68  GLY A O   1 
ATOM   259  N  N   . MET A 1 40  ? 0.754   -2.076  -1.674  1.00 24.95 ? 69  MET A N   1 
ATOM   260  C  CA  . MET A 1 40  ? -0.550  -2.619  -2.016  1.00 25.12 ? 69  MET A CA  1 
ATOM   261  C  C   . MET A 1 40  ? -0.736  -3.216  -3.400  1.00 24.70 ? 69  MET A C   1 
ATOM   262  O  O   . MET A 1 40  ? -0.111  -2.788  -4.374  1.00 25.86 ? 69  MET A O   1 
ATOM   263  C  CB  . MET A 1 40  ? -1.613  -1.534  -1.816  1.00 22.17 ? 69  MET A CB  1 
ATOM   264  C  CG  . MET A 1 40  ? -1.558  -0.877  -0.449  1.00 25.22 ? 69  MET A CG  1 
ATOM   265  S  SD  . MET A 1 40  ? -1.998  -2.037  0.845   1.00 29.53 ? 69  MET A SD  1 
ATOM   266  C  CE  . MET A 1 40  ? -2.997  -0.975  1.915   1.00 29.03 ? 69  MET A CE  1 
ATOM   267  N  N   . TYR A 1 41  ? -1.598  -4.224  -3.467  1.00 27.19 ? 70  TYR A N   1 
ATOM   268  C  CA  . TYR A 1 41  ? -1.974  -4.841  -4.732  1.00 29.20 ? 70  TYR A CA  1 
ATOM   269  C  C   . TYR A 1 41  ? -3.492  -4.975  -4.686  1.00 30.42 ? 70  TYR A C   1 
ATOM   270  O  O   . TYR A 1 41  ? -4.080  -5.048  -3.608  1.00 30.10 ? 70  TYR A O   1 
ATOM   271  C  CB  . TYR A 1 41  ? -1.266  -6.190  -4.970  1.00 31.65 ? 70  TYR A CB  1 
ATOM   272  C  CG  . TYR A 1 41  ? -1.450  -7.286  -3.938  1.00 36.28 ? 70  TYR A CG  1 
ATOM   273  C  CD1 . TYR A 1 41  ? -2.604  -8.070  -3.910  1.00 38.62 ? 70  TYR A CD1 1 
ATOM   274  C  CD2 . TYR A 1 41  ? -0.424  -7.595  -3.044  1.00 37.90 ? 70  TYR A CD2 1 
ATOM   275  C  CE1 . TYR A 1 41  ? -2.728  -9.146  -3.020  1.00 40.49 ? 70  TYR A CE1 1 
ATOM   276  C  CE2 . TYR A 1 41  ? -0.536  -8.664  -2.155  1.00 42.12 ? 70  TYR A CE2 1 
ATOM   277  C  CZ  . TYR A 1 41  ? -1.687  -9.436  -2.150  1.00 41.41 ? 70  TYR A CZ  1 
ATOM   278  O  OH  . TYR A 1 41  ? -1.777  -10.504 -1.283  1.00 44.88 ? 70  TYR A OH  1 
ATOM   279  N  N   . PHE A 1 42  ? -4.130  -4.963  -5.852  1.00 31.00 ? 71  PHE A N   1 
ATOM   280  C  CA  . PHE A 1 42  ? -5.585  -5.044  -5.926  1.00 30.99 ? 71  PHE A CA  1 
ATOM   281  C  C   . PHE A 1 42  ? -6.077  -6.488  -5.810  1.00 31.45 ? 71  PHE A C   1 
ATOM   282  O  O   . PHE A 1 42  ? -5.594  -7.374  -6.517  1.00 32.25 ? 71  PHE A O   1 
ATOM   283  C  CB  . PHE A 1 42  ? -6.050  -4.402  -7.246  1.00 30.74 ? 71  PHE A CB  1 
ATOM   284  C  CG  . PHE A 1 42  ? -7.543  -4.248  -7.366  1.00 30.92 ? 71  PHE A CG  1 
ATOM   285  C  CD1 . PHE A 1 42  ? -8.315  -3.875  -6.270  1.00 31.28 ? 71  PHE A CD1 1 
ATOM   286  C  CD2 . PHE A 1 42  ? -8.174  -4.443  -8.589  1.00 31.35 ? 71  PHE A CD2 1 
ATOM   287  C  CE1 . PHE A 1 42  ? -9.698  -3.697  -6.393  1.00 31.04 ? 71  PHE A CE1 1 
ATOM   288  C  CE2 . PHE A 1 42  ? -9.553  -4.268  -8.722  1.00 30.84 ? 71  PHE A CE2 1 
ATOM   289  C  CZ  . PHE A 1 42  ? -10.314 -3.896  -7.625  1.00 30.08 ? 71  PHE A CZ  1 
ATOM   290  N  N   . THR A 1 43  ? -7.034  -6.726  -4.912  1.00 31.23 ? 72  THR A N   1 
ATOM   291  C  CA  . THR A 1 43  ? -7.575  -8.073  -4.717  1.00 31.98 ? 72  THR A CA  1 
ATOM   292  C  C   . THR A 1 43  ? -8.736  -8.394  -5.657  1.00 32.28 ? 72  THR A C   1 
ATOM   293  O  O   . THR A 1 43  ? -9.173  -9.539  -5.733  1.00 33.52 ? 72  THR A O   1 
ATOM   294  C  CB  . THR A 1 43  ? -8.068  -8.288  -3.269  1.00 31.68 ? 72  THR A CB  1 
ATOM   295  O  OG1 . THR A 1 43  ? -9.120  -7.363  -2.979  1.00 31.30 ? 72  THR A OG1 1 
ATOM   296  C  CG2 . THR A 1 43  ? -6.933  -8.089  -2.276  1.00 32.63 ? 72  THR A CG2 1 
ATOM   297  N  N   . HIS A 1 44  ? -9.224  -7.378  -6.363  1.00 33.49 ? 73  HIS A N   1 
ATOM   298  C  CA  . HIS A 1 44  ? -10.342 -7.511  -7.301  1.00 33.80 ? 73  HIS A CA  1 
ATOM   299  C  C   . HIS A 1 44  ? -11.679 -7.838  -6.653  1.00 33.38 ? 73  HIS A C   1 
ATOM   300  O  O   . HIS A 1 44  ? -12.582 -8.381  -7.292  1.00 32.95 ? 73  HIS A O   1 
ATOM   301  C  CB  . HIS A 1 44  ? -10.009 -8.528  -8.389  1.00 34.94 ? 73  HIS A CB  1 
ATOM   302  C  CG  . HIS A 1 44  ? -9.069  -7.992  -9.418  1.00 37.48 ? 73  HIS A CG  1 
ATOM   303  N  ND1 . HIS A 1 44  ? -9.465  -7.090  -10.382 1.00 38.19 ? 73  HIS A ND1 1 
ATOM   304  C  CD2 . HIS A 1 44  ? -7.731  -8.137  -9.565  1.00 36.50 ? 73  HIS A CD2 1 
ATOM   305  C  CE1 . HIS A 1 44  ? -8.412  -6.699  -11.074 1.00 39.97 ? 73  HIS A CE1 1 
ATOM   306  N  NE2 . HIS A 1 44  ? -7.346  -7.318  -10.597 1.00 38.80 ? 73  HIS A NE2 1 
ATOM   307  N  N   . ALA A 1 45  ? -11.794 -7.489  -5.379  1.00 32.13 ? 74  ALA A N   1 
ATOM   308  C  CA  . ALA A 1 45  ? -13.021 -7.686  -4.627  1.00 30.47 ? 74  ALA A CA  1 
ATOM   309  C  C   . ALA A 1 45  ? -13.373 -6.293  -4.122  1.00 30.64 ? 74  ALA A C   1 
ATOM   310  O  O   . ALA A 1 45  ? -12.755 -5.787  -3.195  1.00 31.66 ? 74  ALA A O   1 
ATOM   311  C  CB  . ALA A 1 45  ? -12.785 -8.646  -3.458  1.00 29.86 ? 74  ALA A CB  1 
ATOM   312  N  N   . GLY A 1 46  ? -14.351 -5.661  -4.758  1.00 29.46 ? 75  GLY A N   1 
ATOM   313  C  CA  . GLY A 1 46  ? -14.731 -4.325  -4.355  1.00 31.41 ? 75  GLY A CA  1 
ATOM   314  C  C   . GLY A 1 46  ? -13.575 -3.376  -4.612  1.00 31.38 ? 75  GLY A C   1 
ATOM   315  O  O   . GLY A 1 46  ? -13.049 -3.316  -5.718  1.00 30.19 ? 75  GLY A O   1 
ATOM   316  N  N   . ASP A 1 47  ? -13.172 -2.641  -3.585  1.00 31.29 ? 76  ASP A N   1 
ATOM   317  C  CA  . ASP A 1 47  ? -12.065 -1.705  -3.715  1.00 30.76 ? 76  ASP A CA  1 
ATOM   318  C  C   . ASP A 1 47  ? -10.982 -2.046  -2.696  1.00 31.29 ? 76  ASP A C   1 
ATOM   319  O  O   . ASP A 1 47  ? -10.179 -1.190  -2.335  1.00 29.25 ? 76  ASP A O   1 
ATOM   320  C  CB  . ASP A 1 47  ? -12.563 -0.279  -3.475  1.00 30.83 ? 76  ASP A CB  1 
ATOM   321  C  CG  . ASP A 1 47  ? -12.967 -0.034  -2.032  1.00 27.94 ? 76  ASP A CG  1 
ATOM   322  O  OD1 . ASP A 1 47  ? -13.178 -1.012  -1.284  1.00 27.91 ? 76  ASP A OD1 1 
ATOM   323  O  OD2 . ASP A 1 47  ? -13.089 1.143   -1.644  1.00 29.02 ? 76  ASP A OD2 1 
ATOM   324  N  N   . LYS A 1 48  ? -10.960 -3.291  -2.228  1.00 30.99 ? 77  LYS A N   1 
ATOM   325  C  CA  . LYS A 1 48  ? -9.962  -3.674  -1.237  1.00 32.35 ? 77  LYS A CA  1 
ATOM   326  C  C   . LYS A 1 48  ? -8.611  -4.071  -1.815  1.00 30.65 ? 77  LYS A C   1 
ATOM   327  O  O   . LYS A 1 48  ? -8.518  -4.799  -2.805  1.00 30.22 ? 77  LYS A O   1 
ATOM   328  C  CB  . LYS A 1 48  ? -10.487 -4.787  -0.313  1.00 35.19 ? 77  LYS A CB  1 
ATOM   329  C  CG  . LYS A 1 48  ? -11.648 -5.581  -0.847  1.00 40.61 ? 77  LYS A CG  1 
ATOM   330  C  CD  . LYS A 1 48  ? -11.254 -7.005  -1.208  1.00 45.10 ? 77  LYS A CD  1 
ATOM   331  C  CE  . LYS A 1 48  ? -10.919 -7.848  0.017   1.00 47.66 ? 77  LYS A CE  1 
ATOM   332  N  NZ  . LYS A 1 48  ? -10.760 -9.286  -0.348  1.00 49.48 ? 77  LYS A NZ  1 
ATOM   333  N  N   . VAL A 1 49  ? -7.564  -3.555  -1.184  1.00 28.68 ? 78  VAL A N   1 
ATOM   334  C  CA  . VAL A 1 49  ? -6.190  -3.820  -1.575  1.00 27.41 ? 78  VAL A CA  1 
ATOM   335  C  C   . VAL A 1 49  ? -5.555  -4.511  -0.385  1.00 28.25 ? 78  VAL A C   1 
ATOM   336  O  O   . VAL A 1 49  ? -6.097  -4.459  0.717   1.00 28.70 ? 78  VAL A O   1 
ATOM   337  C  CB  . VAL A 1 49  ? -5.421  -2.504  -1.877  1.00 26.52 ? 78  VAL A CB  1 
ATOM   338  C  CG1 . VAL A 1 49  ? -5.991  -1.841  -3.122  1.00 23.74 ? 78  VAL A CG1 1 
ATOM   339  C  CG2 . VAL A 1 49  ? -5.527  -1.553  -0.685  1.00 28.52 ? 78  VAL A CG2 1 
ATOM   340  N  N   . LYS A 1 50  ? -4.412  -5.155  -0.602  1.00 27.99 ? 79  LYS A N   1 
ATOM   341  C  CA  . LYS A 1 50  ? -3.730  -5.855  0.478   1.00 29.15 ? 79  LYS A CA  1 
ATOM   342  C  C   . LYS A 1 50  ? -2.239  -5.589  0.381   1.00 28.73 ? 79  LYS A C   1 
ATOM   343  O  O   . LYS A 1 50  ? -1.669  -5.610  -0.707  1.00 28.83 ? 79  LYS A O   1 
ATOM   344  C  CB  . LYS A 1 50  ? -4.014  -7.360  0.373   1.00 30.19 ? 79  LYS A CB  1 
ATOM   345  C  CG  . LYS A 1 50  ? -3.390  -8.234  1.448   1.00 32.49 ? 79  LYS A CG  1 
ATOM   346  C  CD  . LYS A 1 50  ? -3.775  -9.696  1.219   1.00 32.73 ? 79  LYS A CD  1 
ATOM   347  C  CE  . LYS A 1 50  ? -3.223  -10.623 2.295   1.00 35.51 ? 79  LYS A CE  1 
ATOM   348  N  NZ  . LYS A 1 50  ? -3.884  -10.446 3.623   1.00 33.99 ? 79  LYS A NZ  1 
ATOM   349  N  N   . CYS A 1 51  ? -1.619  -5.313  1.523   1.00 29.18 ? 80  CYS A N   1 
ATOM   350  C  CA  . CYS A 1 51  ? -0.194  -5.048  1.569   1.00 29.07 ? 80  CYS A CA  1 
ATOM   351  C  C   . CYS A 1 51  ? 0.562   -6.371  1.498   1.00 31.09 ? 80  CYS A C   1 
ATOM   352  O  O   . CYS A 1 51  ? 0.290   -7.302  2.259   1.00 29.89 ? 80  CYS A O   1 
ATOM   353  C  CB  . CYS A 1 51  ? 0.156   -4.293  2.856   1.00 28.48 ? 80  CYS A CB  1 
ATOM   354  S  SG  . CYS A 1 51  ? 1.918   -3.983  3.101   1.00 26.39 ? 80  CYS A SG  1 
ATOM   355  N  N   . PHE A 1 52  ? 1.509   -6.449  0.574   1.00 33.65 ? 81  PHE A N   1 
ATOM   356  C  CA  . PHE A 1 52  ? 2.300   -7.656  0.391   1.00 34.43 ? 81  PHE A CA  1 
ATOM   357  C  C   . PHE A 1 52  ? 3.320   -7.853  1.506   1.00 34.47 ? 81  PHE A C   1 
ATOM   358  O  O   . PHE A 1 52  ? 3.878   -8.938  1.659   1.00 34.70 ? 81  PHE A O   1 
ATOM   359  C  CB  . PHE A 1 52  ? 3.030   -7.601  -0.955  1.00 35.76 ? 81  PHE A CB  1 
ATOM   360  C  CG  . PHE A 1 52  ? 3.624   -8.914  -1.378  1.00 40.37 ? 81  PHE A CG  1 
ATOM   361  C  CD1 . PHE A 1 52  ? 2.803   -9.969  -1.768  1.00 41.91 ? 81  PHE A CD1 1 
ATOM   362  C  CD2 . PHE A 1 52  ? 5.002   -9.100  -1.384  1.00 41.91 ? 81  PHE A CD2 1 
ATOM   363  C  CE1 . PHE A 1 52  ? 3.353   -11.196 -2.161  1.00 44.56 ? 81  PHE A CE1 1 
ATOM   364  C  CE2 . PHE A 1 52  ? 5.560   -10.323 -1.772  1.00 44.15 ? 81  PHE A CE2 1 
ATOM   365  C  CZ  . PHE A 1 52  ? 4.735   -11.369 -2.162  1.00 43.26 ? 81  PHE A CZ  1 
ATOM   366  N  N   . PHE A 1 53  ? 3.546   -6.813  2.301   1.00 33.68 ? 82  PHE A N   1 
ATOM   367  C  CA  . PHE A 1 53  ? 4.536   -6.887  3.363   1.00 34.42 ? 82  PHE A CA  1 
ATOM   368  C  C   . PHE A 1 53  ? 4.027   -7.078  4.789   1.00 34.71 ? 82  PHE A C   1 
ATOM   369  O  O   . PHE A 1 53  ? 4.717   -7.686  5.611   1.00 35.66 ? 82  PHE A O   1 
ATOM   370  C  CB  . PHE A 1 53  ? 5.445   -5.662  3.266   1.00 33.35 ? 82  PHE A CB  1 
ATOM   371  C  CG  . PHE A 1 53  ? 6.120   -5.543  1.931   1.00 33.34 ? 82  PHE A CG  1 
ATOM   372  C  CD1 . PHE A 1 53  ? 7.197   -6.362  1.608   1.00 32.61 ? 82  PHE A CD1 1 
ATOM   373  C  CD2 . PHE A 1 53  ? 5.621   -4.684  0.961   1.00 32.48 ? 82  PHE A CD2 1 
ATOM   374  C  CE1 . PHE A 1 53  ? 7.758   -6.333  0.339   1.00 32.67 ? 82  PHE A CE1 1 
ATOM   375  C  CE2 . PHE A 1 53  ? 6.174   -4.647  -0.313  1.00 33.31 ? 82  PHE A CE2 1 
ATOM   376  C  CZ  . PHE A 1 53  ? 7.245   -5.475  -0.626  1.00 31.91 ? 82  PHE A CZ  1 
ATOM   377  N  N   . CYS A 1 54  ? 2.836   -6.574  5.096   1.00 33.22 ? 83  CYS A N   1 
ATOM   378  C  CA  . CYS A 1 54  ? 2.291   -6.748  6.442   1.00 30.33 ? 83  CYS A CA  1 
ATOM   379  C  C   . CYS A 1 54  ? 0.967   -7.514  6.371   1.00 30.86 ? 83  CYS A C   1 
ATOM   380  O  O   . CYS A 1 54  ? 0.453   -7.992  7.380   1.00 30.85 ? 83  CYS A O   1 
ATOM   381  C  CB  . CYS A 1 54  ? 2.088   -5.393  7.124   1.00 31.12 ? 83  CYS A CB  1 
ATOM   382  S  SG  . CYS A 1 54  ? 0.759   -4.393  6.419   1.00 27.85 ? 83  CYS A SG  1 
ATOM   383  N  N   . GLY A 1 55  ? 0.424   -7.630  5.163   1.00 30.92 ? 84  GLY A N   1 
ATOM   384  C  CA  . GLY A 1 55  ? -0.813  -8.363  4.967   1.00 30.82 ? 84  GLY A CA  1 
ATOM   385  C  C   . GLY A 1 55  ? -2.126  -7.669  5.285   1.00 29.52 ? 84  GLY A C   1 
ATOM   386  O  O   . GLY A 1 55  ? -3.185  -8.271  5.121   1.00 31.34 ? 84  GLY A O   1 
ATOM   387  N  N   . VAL A 1 56  ? -2.083  -6.421  5.735   1.00 30.08 ? 85  VAL A N   1 
ATOM   388  C  CA  . VAL A 1 56  ? -3.320  -5.710  6.048   1.00 30.50 ? 85  VAL A CA  1 
ATOM   389  C  C   . VAL A 1 56  ? -4.184  -5.576  4.794   1.00 31.98 ? 85  VAL A C   1 
ATOM   390  O  O   . VAL A 1 56  ? -3.667  -5.397  3.692   1.00 31.47 ? 85  VAL A O   1 
ATOM   391  C  CB  . VAL A 1 56  ? -3.036  -4.294  6.609   1.00 32.22 ? 85  VAL A CB  1 
ATOM   392  C  CG1 . VAL A 1 56  ? -2.459  -3.400  5.517   1.00 29.01 ? 85  VAL A CG1 1 
ATOM   393  C  CG2 . VAL A 1 56  ? -4.320  -3.692  7.180   1.00 30.01 ? 85  VAL A CG2 1 
ATOM   394  N  N   . GLU A 1 57  ? -5.498  -5.685  4.962   1.00 32.20 ? 86  GLU A N   1 
ATOM   395  C  CA  . GLU A 1 57  ? -6.426  -5.554  3.843   1.00 32.80 ? 86  GLU A CA  1 
ATOM   396  C  C   . GLU A 1 57  ? -7.313  -4.354  4.142   1.00 32.26 ? 86  GLU A C   1 
ATOM   397  O  O   . GLU A 1 57  ? -7.922  -4.284  5.213   1.00 29.85 ? 86  GLU A O   1 
ATOM   398  C  CB  . GLU A 1 57  ? -7.287  -6.814  3.696   1.00 35.25 ? 86  GLU A CB  1 
ATOM   399  C  CG  . GLU A 1 57  ? -6.500  -8.110  3.562   1.00 39.74 ? 86  GLU A CG  1 
ATOM   400  C  CD  . GLU A 1 57  ? -7.399  -9.310  3.291   1.00 44.12 ? 86  GLU A CD  1 
ATOM   401  O  OE1 . GLU A 1 57  ? -6.887  -10.454 3.286   1.00 43.15 ? 86  GLU A OE1 1 
ATOM   402  O  OE2 . GLU A 1 57  ? -8.615  -9.106  3.074   1.00 45.12 ? 86  GLU A OE2 1 
ATOM   403  N  N   . ILE A 1 58  ? -7.375  -3.410  3.203   1.00 32.11 ? 87  ILE A N   1 
ATOM   404  C  CA  . ILE A 1 58  ? -8.169  -2.197  3.383   1.00 30.81 ? 87  ILE A CA  1 
ATOM   405  C  C   . ILE A 1 58  ? -9.089  -1.904  2.197   1.00 31.22 ? 87  ILE A C   1 
ATOM   406  O  O   . ILE A 1 58  ? -8.664  -1.925  1.042   1.00 30.36 ? 87  ILE A O   1 
ATOM   407  C  CB  . ILE A 1 58  ? -7.252  -0.966  3.602   1.00 31.46 ? 87  ILE A CB  1 
ATOM   408  C  CG1 . ILE A 1 58  ? -6.281  -1.235  4.755   1.00 29.92 ? 87  ILE A CG1 1 
ATOM   409  C  CG2 . ILE A 1 58  ? -8.100  0.270   3.907   1.00 30.90 ? 87  ILE A CG2 1 
ATOM   410  C  CD1 . ILE A 1 58  ? -5.286  -0.109  4.994   1.00 31.85 ? 87  ILE A CD1 1 
ATOM   411  N  N   . GLY A 1 59  ? -10.352 -1.620  2.502   1.00 31.45 ? 88  GLY A N   1 
ATOM   412  C  CA  . GLY A 1 59  ? -11.328 -1.317  1.473   1.00 29.90 ? 88  GLY A CA  1 
ATOM   413  C  C   . GLY A 1 59  ? -12.287 -0.254  1.964   1.00 31.19 ? 88  GLY A C   1 
ATOM   414  O  O   . GLY A 1 59  ? -12.016 0.403   2.972   1.00 30.91 ? 88  GLY A O   1 
ATOM   415  N  N   . SER A 1 60  ? -13.414 -0.101  1.270   1.00 31.24 ? 89  SER A N   1 
ATOM   416  C  CA  . SER A 1 60  ? -14.416 0.903   1.609   1.00 31.15 ? 89  SER A CA  1 
ATOM   417  C  C   . SER A 1 60  ? -13.749 2.263   1.779   1.00 30.68 ? 89  SER A C   1 
ATOM   418  O  O   . SER A 1 60  ? -13.986 2.974   2.759   1.00 29.32 ? 89  SER A O   1 
ATOM   419  C  CB  . SER A 1 60  ? -15.150 0.518   2.895   1.00 32.23 ? 89  SER A CB  1 
ATOM   420  O  OG  . SER A 1 60  ? -15.881 -0.685  2.723   1.00 36.56 ? 89  SER A OG  1 
ATOM   421  N  N   . TRP A 1 61  ? -12.910 2.619   0.816   1.00 29.58 ? 90  TRP A N   1 
ATOM   422  C  CA  . TRP A 1 61  ? -12.197 3.892   0.855   1.00 30.05 ? 90  TRP A CA  1 
ATOM   423  C  C   . TRP A 1 61  ? -13.109 5.113   0.760   1.00 30.47 ? 90  TRP A C   1 
ATOM   424  O  O   . TRP A 1 61  ? -14.049 5.141   -0.035  1.00 29.84 ? 90  TRP A O   1 
ATOM   425  C  CB  . TRP A 1 61  ? -11.168 3.961   -0.277  1.00 27.79 ? 90  TRP A CB  1 
ATOM   426  C  CG  . TRP A 1 61  ? -10.049 2.965   -0.173  1.00 27.82 ? 90  TRP A CG  1 
ATOM   427  C  CD1 . TRP A 1 61  ? -10.034 1.688   -0.654  1.00 28.69 ? 90  TRP A CD1 1 
ATOM   428  C  CD2 . TRP A 1 61  ? -8.778  3.173   0.459   1.00 28.19 ? 90  TRP A CD2 1 
ATOM   429  N  NE1 . TRP A 1 61  ? -8.826  1.086   -0.364  1.00 27.78 ? 90  TRP A NE1 1 
ATOM   430  C  CE2 . TRP A 1 61  ? -8.041  1.976   0.321   1.00 26.96 ? 90  TRP A CE2 1 
ATOM   431  C  CE3 . TRP A 1 61  ? -8.193  4.257   1.130   1.00 27.41 ? 90  TRP A CE3 1 
ATOM   432  C  CZ2 . TRP A 1 61  ? -6.745  1.831   0.831   1.00 29.41 ? 90  TRP A CZ2 1 
ATOM   433  C  CZ3 . TRP A 1 61  ? -6.901  4.114   1.637   1.00 29.77 ? 90  TRP A CZ3 1 
ATOM   434  C  CH2 . TRP A 1 61  ? -6.194  2.908   1.483   1.00 30.02 ? 90  TRP A CH2 1 
ATOM   435  N  N   . GLU A 1 62  ? -12.825 6.118   1.582   1.00 30.36 ? 91  GLU A N   1 
ATOM   436  C  CA  . GLU A 1 62  ? -13.586 7.365   1.575   1.00 33.47 ? 91  GLU A CA  1 
ATOM   437  C  C   . GLU A 1 62  ? -12.670 8.386   0.903   1.00 32.67 ? 91  GLU A C   1 
ATOM   438  O  O   . GLU A 1 62  ? -11.450 8.346   1.092   1.00 28.34 ? 91  GLU A O   1 
ATOM   439  C  CB  . GLU A 1 62  ? -13.902 7.830   3.004   1.00 35.64 ? 91  GLU A CB  1 
ATOM   440  C  CG  . GLU A 1 62  ? -14.737 6.874   3.845   1.00 40.35 ? 91  GLU A CG  1 
ATOM   441  C  CD  . GLU A 1 62  ? -16.159 6.710   3.345   1.00 44.14 ? 91  GLU A CD  1 
ATOM   442  O  OE1 . GLU A 1 62  ? -16.619 7.548   2.539   1.00 45.58 ? 91  GLU A OE1 1 
ATOM   443  O  OE2 . GLU A 1 62  ? -16.822 5.742   3.773   1.00 48.15 ? 91  GLU A OE2 1 
ATOM   444  N  N   . GLN A 1 63  ? -13.239 9.292   0.119   1.00 33.62 ? 92  GLN A N   1 
ATOM   445  C  CA  . GLN A 1 63  ? -12.421 10.286  -0.568  1.00 38.46 ? 92  GLN A CA  1 
ATOM   446  C  C   . GLN A 1 63  ? -11.464 11.084  0.316   1.00 39.91 ? 92  GLN A C   1 
ATOM   447  O  O   . GLN A 1 63  ? -10.450 11.578  -0.168  1.00 42.04 ? 92  GLN A O   1 
ATOM   448  C  CB  . GLN A 1 63  ? -13.305 11.239  -1.378  1.00 41.33 ? 92  GLN A CB  1 
ATOM   449  C  CG  . GLN A 1 63  ? -13.745 10.640  -2.709  1.00 45.96 ? 92  GLN A CG  1 
ATOM   450  C  CD  . GLN A 1 63  ? -14.410 11.644  -3.630  1.00 48.76 ? 92  GLN A CD  1 
ATOM   451  O  OE1 . GLN A 1 63  ? -14.626 11.372  -4.808  1.00 52.81 ? 92  GLN A OE1 1 
ATOM   452  N  NE2 . GLN A 1 63  ? -14.748 12.805  -3.094  1.00 51.11 ? 92  GLN A NE2 1 
ATOM   453  N  N   . GLU A 1 64  ? -11.763 11.212  1.604   1.00 40.44 ? 93  GLU A N   1 
ATOM   454  C  CA  . GLU A 1 64  ? -10.863 11.956  2.478   1.00 42.07 ? 93  GLU A CA  1 
ATOM   455  C  C   . GLU A 1 64  ? -9.640  11.122  2.878   1.00 40.00 ? 93  GLU A C   1 
ATOM   456  O  O   . GLU A 1 64  ? -8.685  11.648  3.449   1.00 39.72 ? 93  GLU A O   1 
ATOM   457  C  CB  . GLU A 1 64  ? -11.593 12.434  3.743   1.00 44.93 ? 93  GLU A CB  1 
ATOM   458  C  CG  . GLU A 1 64  ? -12.791 11.589  4.156   1.00 50.74 ? 93  GLU A CG  1 
ATOM   459  C  CD  . GLU A 1 64  ? -14.018 11.867  3.302   1.00 52.56 ? 93  GLU A CD  1 
ATOM   460  O  OE1 . GLU A 1 64  ? -15.044 11.181  3.485   1.00 54.41 ? 93  GLU A OE1 1 
ATOM   461  O  OE2 . GLU A 1 64  ? -13.958 12.777  2.449   1.00 54.80 ? 93  GLU A OE2 1 
ATOM   462  N  N   . ASP A 1 65  ? -9.667  9.833   2.550   1.00 36.08 ? 94  ASP A N   1 
ATOM   463  C  CA  . ASP A 1 65  ? -8.578  8.919   2.898   1.00 34.10 ? 94  ASP A CA  1 
ATOM   464  C  C   . ASP A 1 65  ? -7.375  8.978   1.969   1.00 31.39 ? 94  ASP A C   1 
ATOM   465  O  O   . ASP A 1 65  ? -7.511  9.111   0.758   1.00 31.09 ? 94  ASP A O   1 
ATOM   466  C  CB  . ASP A 1 65  ? -9.079  7.466   2.928   1.00 33.00 ? 94  ASP A CB  1 
ATOM   467  C  CG  . ASP A 1 65  ? -10.231 7.259   3.887   1.00 32.68 ? 94  ASP A CG  1 
ATOM   468  O  OD1 . ASP A 1 65  ? -10.326 8.000   4.888   1.00 32.42 ? 94  ASP A OD1 1 
ATOM   469  O  OD2 . ASP A 1 65  ? -11.034 6.334   3.647   1.00 33.12 ? 94  ASP A OD2 1 
ATOM   470  N  N   . GLN A 1 66  ? -6.192  8.830   2.550   1.00 31.51 ? 95  GLN A N   1 
ATOM   471  C  CA  . GLN A 1 66  ? -4.954  8.849   1.791   1.00 31.84 ? 95  GLN A CA  1 
ATOM   472  C  C   . GLN A 1 66  ? -4.269  7.479   1.896   1.00 32.22 ? 95  GLN A C   1 
ATOM   473  O  O   . GLN A 1 66  ? -4.375  6.797   2.915   1.00 30.67 ? 95  GLN A O   1 
ATOM   474  C  CB  . GLN A 1 66  ? -4.045  9.957   2.318   1.00 32.66 ? 95  GLN A CB  1 
ATOM   475  C  CG  . GLN A 1 66  ? -4.650  11.355  2.224   1.00 34.31 ? 95  GLN A CG  1 
ATOM   476  C  CD  . GLN A 1 66  ? -4.975  11.759  0.793   1.00 35.96 ? 95  GLN A CD  1 
ATOM   477  O  OE1 . GLN A 1 66  ? -4.172  11.554  -0.114  1.00 35.55 ? 95  GLN A OE1 1 
ATOM   478  N  NE2 . GLN A 1 66  ? -6.150  12.349  0.590   1.00 36.19 ? 95  GLN A NE2 1 
ATOM   479  N  N   . PRO A 1 67  ? -3.557  7.061   0.837   1.00 31.86 ? 96  PRO A N   1 
ATOM   480  C  CA  . PRO A 1 67  ? -2.863  5.773   0.803   1.00 32.13 ? 96  PRO A CA  1 
ATOM   481  C  C   . PRO A 1 67  ? -1.941  5.421   1.967   1.00 31.55 ? 96  PRO A C   1 
ATOM   482  O  O   . PRO A 1 67  ? -2.128  4.392   2.608   1.00 29.67 ? 96  PRO A O   1 
ATOM   483  C  CB  . PRO A 1 67  ? -2.127  5.823   -0.531  1.00 31.73 ? 96  PRO A CB  1 
ATOM   484  C  CG  . PRO A 1 67  ? -3.097  6.572   -1.387  1.00 32.89 ? 96  PRO A CG  1 
ATOM   485  C  CD  . PRO A 1 67  ? -3.475  7.722   -0.478  1.00 32.53 ? 96  PRO A CD  1 
ATOM   486  N  N   . VAL A 1 68  ? -0.952  6.261   2.244   1.00 31.15 ? 97  VAL A N   1 
ATOM   487  C  CA  . VAL A 1 68  ? -0.013  5.968   3.324   1.00 32.37 ? 97  VAL A CA  1 
ATOM   488  C  C   . VAL A 1 68  ? -0.589  6.093   4.737   1.00 32.46 ? 97  VAL A C   1 
ATOM   489  O  O   . VAL A 1 68  ? -0.457  5.180   5.545   1.00 33.16 ? 97  VAL A O   1 
ATOM   490  C  CB  . VAL A 1 68  ? 1.255   6.836   3.197   1.00 31.98 ? 97  VAL A CB  1 
ATOM   491  C  CG1 . VAL A 1 68  ? 2.223   6.533   4.345   1.00 33.14 ? 97  VAL A CG1 1 
ATOM   492  C  CG2 . VAL A 1 68  ? 1.923   6.552   1.871   1.00 31.80 ? 97  VAL A CG2 1 
ATOM   493  N  N   . PRO A 1 69  ? -1.234  7.224   5.056   1.00 33.19 ? 98  PRO A N   1 
ATOM   494  C  CA  . PRO A 1 69  ? -1.803  7.377   6.399   1.00 33.48 ? 98  PRO A CA  1 
ATOM   495  C  C   . PRO A 1 69  ? -2.807  6.285   6.786   1.00 34.51 ? 98  PRO A C   1 
ATOM   496  O  O   . PRO A 1 69  ? -2.794  5.794   7.917   1.00 33.52 ? 98  PRO A O   1 
ATOM   497  C  CB  . PRO A 1 69  ? -2.443  8.762   6.338   1.00 32.91 ? 98  PRO A CB  1 
ATOM   498  C  CG  . PRO A 1 69  ? -1.492  9.508   5.434   1.00 32.09 ? 98  PRO A CG  1 
ATOM   499  C  CD  . PRO A 1 69  ? -1.276  8.504   4.321   1.00 32.21 ? 98  PRO A CD  1 
ATOM   500  N  N   . GLU A 1 70  ? -3.674  5.908   5.849   1.00 33.38 ? 99  GLU A N   1 
ATOM   501  C  CA  . GLU A 1 70  ? -4.682  4.881   6.105   1.00 32.48 ? 99  GLU A CA  1 
ATOM   502  C  C   . GLU A 1 70  ? -3.979  3.549   6.363   1.00 30.19 ? 99  GLU A C   1 
ATOM   503  O  O   . GLU A 1 70  ? -4.370  2.770   7.230   1.00 30.54 ? 99  GLU A O   1 
ATOM   504  C  CB  . GLU A 1 70  ? -5.618  4.769   4.898   1.00 32.21 ? 99  GLU A CB  1 
ATOM   505  C  CG  . GLU A 1 70  ? -6.984  4.182   5.195   1.00 32.68 ? 99  GLU A CG  1 
ATOM   506  C  CD  . GLU A 1 70  ? -7.715  4.913   6.315   1.00 32.14 ? 99  GLU A CD  1 
ATOM   507  O  OE1 . GLU A 1 70  ? -7.567  6.144   6.430   1.00 33.17 ? 99  GLU A OE1 1 
ATOM   508  O  OE2 . GLU A 1 70  ? -8.450  4.255   7.075   1.00 32.11 ? 99  GLU A OE2 1 
ATOM   509  N  N   . HIS A 1 71  ? -2.925  3.303   5.599   1.00 29.81 ? 100 HIS A N   1 
ATOM   510  C  CA  . HIS A 1 71  ? -2.134  2.090   5.719   1.00 27.32 ? 100 HIS A CA  1 
ATOM   511  C  C   . HIS A 1 71  ? -1.470  2.058   7.101   1.00 29.34 ? 100 HIS A C   1 
ATOM   512  O  O   . HIS A 1 71  ? -1.526  1.047   7.812   1.00 27.89 ? 100 HIS A O   1 
ATOM   513  C  CB  . HIS A 1 71  ? -1.084  2.081   4.600   1.00 28.47 ? 100 HIS A CB  1 
ATOM   514  C  CG  . HIS A 1 71  ? -0.357  0.781   4.443   1.00 28.41 ? 100 HIS A CG  1 
ATOM   515  N  ND1 . HIS A 1 71  ? 0.333   0.457   3.295   1.00 26.15 ? 100 HIS A ND1 1 
ATOM   516  C  CD2 . HIS A 1 71  ? -0.177  -0.256  5.295   1.00 26.71 ? 100 HIS A CD2 1 
ATOM   517  C  CE1 . HIS A 1 71  ? 0.908   -0.723  3.446   1.00 28.14 ? 100 HIS A CE1 1 
ATOM   518  N  NE2 . HIS A 1 71  ? 0.615   -1.178  4.652   1.00 30.43 ? 100 HIS A NE2 1 
ATOM   519  N  N   . GLN A 1 72  ? -0.858  3.174   7.489   1.00 30.54 ? 101 GLN A N   1 
ATOM   520  C  CA  . GLN A 1 72  ? -0.180  3.259   8.780   1.00 33.01 ? 101 GLN A CA  1 
ATOM   521  C  C   . GLN A 1 72  ? -1.179  3.162   9.925   1.00 35.25 ? 101 GLN A C   1 
ATOM   522  O  O   . GLN A 1 72  ? -0.882  2.608   10.986  1.00 34.89 ? 101 GLN A O   1 
ATOM   523  C  CB  . GLN A 1 72  ? 0.594   4.573   8.886   1.00 34.31 ? 101 GLN A CB  1 
ATOM   524  C  CG  . GLN A 1 72  ? 1.610   4.602   10.021  1.00 36.66 ? 101 GLN A CG  1 
ATOM   525  C  CD  . GLN A 1 72  ? 2.504   5.836   9.976   1.00 41.32 ? 101 GLN A CD  1 
ATOM   526  O  OE1 . GLN A 1 72  ? 3.603   5.840   10.536  1.00 42.38 ? 101 GLN A OE1 1 
ATOM   527  N  NE2 . GLN A 1 72  ? 2.033   6.887   9.313   1.00 40.06 ? 101 GLN A NE2 1 
ATOM   528  N  N   . ARG A 1 73  ? -2.366  3.709   9.700   1.00 36.09 ? 102 ARG A N   1 
ATOM   529  C  CA  . ARG A 1 73  ? -3.421  3.703   10.701  1.00 37.33 ? 102 ARG A CA  1 
ATOM   530  C  C   . ARG A 1 73  ? -3.790  2.293   11.155  1.00 36.38 ? 102 ARG A C   1 
ATOM   531  O  O   . ARG A 1 73  ? -3.905  2.026   12.353  1.00 35.80 ? 102 ARG A O   1 
ATOM   532  C  CB  . ARG A 1 73  ? -4.662  4.402   10.137  1.00 40.35 ? 102 ARG A CB  1 
ATOM   533  C  CG  . ARG A 1 73  ? -5.896  4.317   11.014  1.00 42.93 ? 102 ARG A CG  1 
ATOM   534  C  CD  . ARG A 1 73  ? -7.111  4.883   10.292  1.00 47.44 ? 102 ARG A CD  1 
ATOM   535  N  NE  . ARG A 1 73  ? -8.334  4.716   11.073  1.00 51.19 ? 102 ARG A NE  1 
ATOM   536  C  CZ  . ARG A 1 73  ? -9.562  4.937   10.608  1.00 53.72 ? 102 ARG A CZ  1 
ATOM   537  N  NH1 . ARG A 1 73  ? -9.744  5.337   9.357   1.00 54.40 ? 102 ARG A NH1 1 
ATOM   538  N  NH2 . ARG A 1 73  ? -10.611 4.755   11.398  1.00 56.72 ? 102 ARG A NH2 1 
ATOM   539  N  N   . TRP A 1 74  ? -3.968  1.392   10.195  1.00 35.27 ? 103 TRP A N   1 
ATOM   540  C  CA  . TRP A 1 74  ? -4.354  0.022   10.503  1.00 34.99 ? 103 TRP A CA  1 
ATOM   541  C  C   . TRP A 1 74  ? -3.187  -0.957  10.673  1.00 34.97 ? 103 TRP A C   1 
ATOM   542  O  O   . TRP A 1 74  ? -3.355  -2.045  11.224  1.00 33.99 ? 103 TRP A O   1 
ATOM   543  C  CB  . TRP A 1 74  ? -5.303  -0.496  9.420   1.00 35.16 ? 103 TRP A CB  1 
ATOM   544  C  CG  . TRP A 1 74  ? -6.553  0.336   9.239   1.00 34.98 ? 103 TRP A CG  1 
ATOM   545  C  CD1 . TRP A 1 74  ? -6.848  1.151   8.185   1.00 35.03 ? 103 TRP A CD1 1 
ATOM   546  C  CD2 . TRP A 1 74  ? -7.691  0.385   10.114  1.00 35.49 ? 103 TRP A CD2 1 
ATOM   547  N  NE1 . TRP A 1 74  ? -8.103  1.700   8.343   1.00 36.78 ? 103 TRP A NE1 1 
ATOM   548  C  CE2 . TRP A 1 74  ? -8.641  1.246   9.517   1.00 36.57 ? 103 TRP A CE2 1 
ATOM   549  C  CE3 . TRP A 1 74  ? -8.001  -0.218  11.338  1.00 37.93 ? 103 TRP A CE3 1 
ATOM   550  C  CZ2 . TRP A 1 74  ? -9.885  1.519   10.106  1.00 37.50 ? 103 TRP A CZ2 1 
ATOM   551  C  CZ3 . TRP A 1 74  ? -9.241  0.052   11.928  1.00 38.59 ? 103 TRP A CZ3 1 
ATOM   552  C  CH2 . TRP A 1 74  ? -10.166 0.914   11.307  1.00 38.73 ? 103 TRP A CH2 1 
ATOM   553  N  N   . SER A 1 75  ? -2.007  -0.579  10.203  1.00 33.01 ? 104 SER A N   1 
ATOM   554  C  CA  . SER A 1 75  ? -0.850  -1.458  10.323  1.00 33.54 ? 104 SER A CA  1 
ATOM   555  C  C   . SER A 1 75  ? 0.381   -0.615  10.629  1.00 32.96 ? 104 SER A C   1 
ATOM   556  O  O   . SER A 1 75  ? 1.318   -0.558  9.840   1.00 35.64 ? 104 SER A O   1 
ATOM   557  C  CB  . SER A 1 75  ? -0.660  -2.233  9.017   1.00 32.39 ? 104 SER A CB  1 
ATOM   558  O  OG  . SER A 1 75  ? 0.210   -3.333  9.192   1.00 30.22 ? 104 SER A OG  1 
ATOM   559  N  N   . PRO A 1 76  ? 0.394   0.043   11.799  1.00 33.59 ? 105 PRO A N   1 
ATOM   560  C  CA  . PRO A 1 76  ? 1.507   0.901   12.218  1.00 34.43 ? 105 PRO A CA  1 
ATOM   561  C  C   . PRO A 1 76  ? 2.879   0.233   12.245  1.00 35.75 ? 105 PRO A C   1 
ATOM   562  O  O   . PRO A 1 76  ? 3.905   0.911   12.181  1.00 35.99 ? 105 PRO A O   1 
ATOM   563  C  CB  . PRO A 1 76  ? 1.063   1.391   13.596  1.00 34.93 ? 105 PRO A CB  1 
ATOM   564  C  CG  . PRO A 1 76  ? 0.256   0.246   14.111  1.00 34.85 ? 105 PRO A CG  1 
ATOM   565  C  CD  . PRO A 1 76  ? -0.567  -0.139  12.902  1.00 34.01 ? 105 PRO A CD  1 
ATOM   566  N  N   . ASN A 1 77  ? 2.898   -1.091  12.314  1.00 36.61 ? 106 ASN A N   1 
ATOM   567  C  CA  . ASN A 1 77  ? 4.160   -1.812  12.365  1.00 37.74 ? 106 ASN A CA  1 
ATOM   568  C  C   . ASN A 1 77  ? 4.579   -2.476  11.049  1.00 36.72 ? 106 ASN A C   1 
ATOM   569  O  O   . ASN A 1 77  ? 5.448   -3.352  11.046  1.00 38.36 ? 106 ASN A O   1 
ATOM   570  C  CB  . ASN A 1 77  ? 4.105   -2.853  13.487  1.00 40.33 ? 106 ASN A CB  1 
ATOM   571  C  CG  . ASN A 1 77  ? 5.371   -2.876  14.314  1.00 44.54 ? 106 ASN A CG  1 
ATOM   572  O  OD1 . ASN A 1 77  ? 6.387   -3.442  13.907  1.00 46.29 ? 106 ASN A OD1 1 
ATOM   573  N  ND2 . ASN A 1 77  ? 5.326   -2.238  15.479  1.00 44.88 ? 106 ASN A ND2 1 
ATOM   574  N  N   . CYS A 1 78  ? 3.976   -2.059  9.935   1.00 34.33 ? 107 CYS A N   1 
ATOM   575  C  CA  . CYS A 1 78  ? 4.330   -2.624  8.628   1.00 32.10 ? 107 CYS A CA  1 
ATOM   576  C  C   . CYS A 1 78  ? 5.819   -2.395  8.367   1.00 30.52 ? 107 CYS A C   1 
ATOM   577  O  O   . CYS A 1 78  ? 6.317   -1.281  8.513   1.00 32.08 ? 107 CYS A O   1 
ATOM   578  C  CB  . CYS A 1 78  ? 3.513   -1.969  7.508   1.00 30.25 ? 107 CYS A CB  1 
ATOM   579  S  SG  . CYS A 1 78  ? 3.948   -2.534  5.825   1.00 31.53 ? 107 CYS A SG  1 
ATOM   580  N  N   . PRO A 1 79  ? 6.548   -3.448  7.974   1.00 30.46 ? 108 PRO A N   1 
ATOM   581  C  CA  . PRO A 1 79  ? 7.986   -3.356  7.694   1.00 30.49 ? 108 PRO A CA  1 
ATOM   582  C  C   . PRO A 1 79  ? 8.317   -2.299  6.639   1.00 29.67 ? 108 PRO A C   1 
ATOM   583  O  O   . PRO A 1 79  ? 9.307   -1.574  6.753   1.00 30.55 ? 108 PRO A O   1 
ATOM   584  C  CB  . PRO A 1 79  ? 8.331   -4.768  7.216   1.00 30.84 ? 108 PRO A CB  1 
ATOM   585  C  CG  . PRO A 1 79  ? 7.351   -5.620  7.969   1.00 31.57 ? 108 PRO A CG  1 
ATOM   586  C  CD  . PRO A 1 79  ? 6.074   -4.833  7.806   1.00 31.73 ? 108 PRO A CD  1 
ATOM   587  N  N   . LEU A 1 80  ? 7.482   -2.220  5.611   1.00 28.52 ? 109 LEU A N   1 
ATOM   588  C  CA  . LEU A 1 80  ? 7.698   -1.256  4.534   1.00 28.43 ? 109 LEU A CA  1 
ATOM   589  C  C   . LEU A 1 80  ? 7.588   0.170   5.045   1.00 27.15 ? 109 LEU A C   1 
ATOM   590  O  O   . LEU A 1 80  ? 8.505   0.969   4.860   1.00 26.79 ? 109 LEU A O   1 
ATOM   591  C  CB  . LEU A 1 80  ? 6.693   -1.487  3.399   1.00 27.10 ? 109 LEU A CB  1 
ATOM   592  C  CG  . LEU A 1 80  ? 6.907   -0.602  2.167   1.00 30.63 ? 109 LEU A CG  1 
ATOM   593  C  CD1 . LEU A 1 80  ? 8.304   -0.866  1.575   1.00 27.80 ? 109 LEU A CD1 1 
ATOM   594  C  CD2 . LEU A 1 80  ? 5.817   -0.880  1.145   1.00 28.24 ? 109 LEU A CD2 1 
ATOM   595  N  N   . LEU A 1 81  ? 6.476   0.480   5.710   1.00 27.90 ? 110 LEU A N   1 
ATOM   596  C  CA  . LEU A 1 81  ? 6.248   1.819   6.250   1.00 28.01 ? 110 LEU A CA  1 
ATOM   597  C  C   . LEU A 1 81  ? 7.237   2.201   7.347   1.00 28.68 ? 110 LEU A C   1 
ATOM   598  O  O   . LEU A 1 81  ? 7.674   3.346   7.414   1.00 26.40 ? 110 LEU A O   1 
ATOM   599  C  CB  . LEU A 1 81  ? 4.828   1.947   6.806   1.00 29.75 ? 110 LEU A CB  1 
ATOM   600  C  CG  . LEU A 1 81  ? 3.653   1.680   5.858   1.00 30.87 ? 110 LEU A CG  1 
ATOM   601  C  CD1 . LEU A 1 81  ? 2.369   2.134   6.539   1.00 31.03 ? 110 LEU A CD1 1 
ATOM   602  C  CD2 . LEU A 1 81  ? 3.842   2.427   4.550   1.00 31.46 ? 110 LEU A CD2 1 
ATOM   603  N  N   . ARG A 1 82  ? 7.575   1.243   8.205   1.00 28.22 ? 111 ARG A N   1 
ATOM   604  C  CA  . ARG A 1 82  ? 8.511   1.481   9.304   1.00 30.03 ? 111 ARG A CA  1 
ATOM   605  C  C   . ARG A 1 82  ? 9.940   1.685   8.819   1.00 29.28 ? 111 ARG A C   1 
ATOM   606  O  O   . ARG A 1 82  ? 10.843  1.945   9.619   1.00 30.40 ? 111 ARG A O   1 
ATOM   607  C  CB  . ARG A 1 82  ? 8.473   0.306   10.291  1.00 29.84 ? 111 ARG A CB  1 
ATOM   608  C  CG  . ARG A 1 82  ? 7.233   0.275   11.170  1.00 34.94 ? 111 ARG A CG  1 
ATOM   609  C  CD  . ARG A 1 82  ? 7.300   1.317   12.282  1.00 39.85 ? 111 ARG A CD  1 
ATOM   610  N  NE  . ARG A 1 82  ? 8.258   0.937   13.320  1.00 43.09 ? 111 ARG A NE  1 
ATOM   611  C  CZ  . ARG A 1 82  ? 8.604   1.708   14.347  1.00 46.71 ? 111 ARG A CZ  1 
ATOM   612  N  NH1 . ARG A 1 82  ? 8.077   2.920   14.489  1.00 47.58 ? 111 ARG A NH1 1 
ATOM   613  N  NH2 . ARG A 1 82  ? 9.475   1.261   15.244  1.00 48.14 ? 111 ARG A NH2 1 
ATOM   614  N  N   . ARG A 1 83  ? 10.140  1.564   7.509   1.00 27.74 ? 112 ARG A N   1 
ATOM   615  C  CA  . ARG A 1 83  ? 11.457  1.721   6.905   1.00 26.98 ? 112 ARG A CA  1 
ATOM   616  C  C   . ARG A 1 83  ? 12.512  0.694   7.350   1.00 28.29 ? 112 ARG A C   1 
ATOM   617  O  O   . ARG A 1 83  ? 13.695  1.018   7.524   1.00 25.40 ? 112 ARG A O   1 
ATOM   618  C  CB  . ARG A 1 83  ? 11.970  3.150   7.117   1.00 28.50 ? 112 ARG A CB  1 
ATOM   619  C  CG  . ARG A 1 83  ? 11.179  4.209   6.316   1.00 27.59 ? 112 ARG A CG  1 
ATOM   620  C  CD  . ARG A 1 83  ? 11.607  5.611   6.692   1.00 27.51 ? 112 ARG A CD  1 
ATOM   621  N  NE  . ARG A 1 83  ? 10.912  6.643   5.927   1.00 27.03 ? 112 ARG A NE  1 
ATOM   622  C  CZ  . ARG A 1 83  ? 11.306  7.102   4.745   1.00 27.64 ? 112 ARG A CZ  1 
ATOM   623  N  NH1 . ARG A 1 83  ? 12.406  6.625   4.173   1.00 26.21 ? 112 ARG A NH1 1 
ATOM   624  N  NH2 . ARG A 1 83  ? 10.605  8.057   4.140   1.00 23.75 ? 112 ARG A NH2 1 
ATOM   625  N  N   . ARG A 1 84  ? 12.082  -0.547  7.543   1.00 29.75 ? 113 ARG A N   1 
ATOM   626  C  CA  . ARG A 1 84  ? 13.028  -1.604  7.881   1.00 34.20 ? 113 ARG A CA  1 
ATOM   627  C  C   . ARG A 1 84  ? 13.207  -2.359  6.562   1.00 34.87 ? 113 ARG A C   1 
ATOM   628  O  O   . ARG A 1 84  ? 12.421  -2.168  5.629   1.00 34.75 ? 113 ARG A O   1 
ATOM   629  C  CB  . ARG A 1 84  ? 12.484  -2.545  8.972   1.00 36.58 ? 113 ARG A CB  1 
ATOM   630  C  CG  . ARG A 1 84  ? 11.027  -2.358  9.353   1.00 43.10 ? 113 ARG A CG  1 
ATOM   631  C  CD  . ARG A 1 84  ? 10.398  -3.716  9.693   1.00 48.66 ? 113 ARG A CD  1 
ATOM   632  N  NE  . ARG A 1 84  ? 10.136  -3.935  11.115  1.00 52.76 ? 113 ARG A NE  1 
ATOM   633  C  CZ  . ARG A 1 84  ? 9.042   -3.528  11.756  1.00 54.75 ? 113 ARG A CZ  1 
ATOM   634  N  NH1 . ARG A 1 84  ? 8.090   -2.870  11.110  1.00 54.47 ? 113 ARG A NH1 1 
ATOM   635  N  NH2 . ARG A 1 84  ? 8.891   -3.793  13.047  1.00 57.16 ? 113 ARG A NH2 1 
ATOM   636  N  N   . THR A 1 85  ? 14.229  -3.204  6.473   1.00 34.12 ? 114 THR A N   1 
ATOM   637  C  CA  . THR A 1 85  ? 14.488  -3.958  5.249   1.00 34.43 ? 114 THR A CA  1 
ATOM   638  C  C   . THR A 1 85  ? 13.313  -4.834  4.833   1.00 34.17 ? 114 THR A C   1 
ATOM   639  O  O   . THR A 1 85  ? 12.578  -5.335  5.677   1.00 34.86 ? 114 THR A O   1 
ATOM   640  C  CB  . THR A 1 85  ? 15.735  -4.872  5.401   1.00 34.70 ? 114 THR A CB  1 
ATOM   641  O  OG1 . THR A 1 85  ? 16.906  -4.065  5.564   1.00 35.76 ? 114 THR A OG1 1 
ATOM   642  C  CG2 . THR A 1 85  ? 15.905  -5.762  4.171   1.00 36.22 ? 114 THR A CG2 1 
ATOM   643  N  N   . THR A 1 86  ? 13.137  -4.990  3.522   1.00 33.94 ? 115 THR A N   1 
ATOM   644  C  CA  . THR A 1 86  ? 12.092  -5.839  2.950   1.00 32.18 ? 115 THR A CA  1 
ATOM   645  C  C   . THR A 1 86  ? 12.605  -6.264  1.577   1.00 32.28 ? 115 THR A C   1 
ATOM   646  O  O   . THR A 1 86  ? 13.641  -5.783  1.123   1.00 32.72 ? 115 THR A O   1 
ATOM   647  C  CB  . THR A 1 86  ? 10.752  -5.096  2.733   1.00 31.12 ? 115 THR A CB  1 
ATOM   648  O  OG1 . THR A 1 86  ? 10.867  -4.232  1.598   1.00 31.41 ? 115 THR A OG1 1 
ATOM   649  C  CG2 . THR A 1 86  ? 10.380  -4.277  3.948   1.00 29.45 ? 115 THR A CG2 1 
ATOM   650  N  N   . ASN A 1 87  ? 11.877  -7.157  0.919   1.00 32.86 ? 116 ASN A N   1 
ATOM   651  C  CA  . ASN A 1 87  ? 12.264  -7.628  -0.406  1.00 33.83 ? 116 ASN A CA  1 
ATOM   652  C  C   . ASN A 1 87  ? 11.622  -6.802  -1.512  1.00 32.26 ? 116 ASN A C   1 
ATOM   653  O  O   . ASN A 1 87  ? 11.647  -7.187  -2.679  1.00 29.85 ? 116 ASN A O   1 
ATOM   654  C  CB  . ASN A 1 87  ? 11.878  -9.097  -0.569  1.00 36.77 ? 116 ASN A CB  1 
ATOM   655  C  CG  . ASN A 1 87  ? 12.941  -10.030 -0.030  1.00 38.75 ? 116 ASN A CG  1 
ATOM   656  O  OD1 . ASN A 1 87  ? 13.688  -9.671  0.871   1.00 40.96 ? 116 ASN A OD1 1 
ATOM   657  N  ND2 . ASN A 1 87  ? 13.004  -11.238 -0.576  1.00 44.48 ? 116 ASN A ND2 1 
ATOM   658  N  N   . ASN A 1 88  ? 11.047  -5.667  -1.131  1.00 32.20 ? 117 ASN A N   1 
ATOM   659  C  CA  . ASN A 1 88  ? 10.398  -4.776  -2.086  1.00 31.55 ? 117 ASN A CA  1 
ATOM   660  C  C   . ASN A 1 88  ? 11.373  -4.267  -3.130  1.00 31.35 ? 117 ASN A C   1 
ATOM   661  O  O   . ASN A 1 88  ? 12.508  -3.912  -2.811  1.00 32.04 ? 117 ASN A O   1 
ATOM   662  C  CB  . ASN A 1 88  ? 9.786   -3.563  -1.372  1.00 29.82 ? 117 ASN A CB  1 
ATOM   663  C  CG  . ASN A 1 88  ? 9.082   -2.618  -2.335  1.00 30.45 ? 117 ASN A CG  1 
ATOM   664  O  OD1 . ASN A 1 88  ? 8.149   -3.015  -3.030  1.00 28.44 ? 117 ASN A OD1 1 
ATOM   665  N  ND2 . ASN A 1 88  ? 9.535   -1.365  -2.388  1.00 24.85 ? 117 ASN A ND2 1 
ATOM   666  N  N   . VAL A 1 89  ? 10.927  -4.250  -4.383  1.00 30.84 ? 118 VAL A N   1 
ATOM   667  C  CA  . VAL A 1 89  ? 11.736  -3.726  -5.476  1.00 29.50 ? 118 VAL A CA  1 
ATOM   668  C  C   . VAL A 1 89  ? 10.909  -2.583  -6.059  1.00 28.84 ? 118 VAL A C   1 
ATOM   669  O  O   . VAL A 1 89  ? 9.966   -2.806  -6.817  1.00 26.13 ? 118 VAL A O   1 
ATOM   670  C  CB  . VAL A 1 89  ? 11.982  -4.768  -6.590  1.00 28.33 ? 118 VAL A CB  1 
ATOM   671  C  CG1 . VAL A 1 89  ? 12.886  -4.168  -7.654  1.00 26.80 ? 118 VAL A CG1 1 
ATOM   672  C  CG2 . VAL A 1 89  ? 12.599  -6.044  -6.008  1.00 28.51 ? 118 VAL A CG2 1 
ATOM   673  N  N   . PRO A 1 90  ? 11.232  -1.342  -5.685  1.00 29.17 ? 119 PRO A N   1 
ATOM   674  C  CA  . PRO A 1 90  ? 10.458  -0.225  -6.227  1.00 28.83 ? 119 PRO A CA  1 
ATOM   675  C  C   . PRO A 1 90  ? 10.827  0.050   -7.676  1.00 28.92 ? 119 PRO A C   1 
ATOM   676  O  O   . PRO A 1 90  ? 11.808  -0.494  -8.187  1.00 26.24 ? 119 PRO A O   1 
ATOM   677  C  CB  . PRO A 1 90  ? 10.839  0.925   -5.310  1.00 26.69 ? 119 PRO A CB  1 
ATOM   678  C  CG  . PRO A 1 90  ? 12.285  0.608   -4.988  1.00 29.30 ? 119 PRO A CG  1 
ATOM   679  C  CD  . PRO A 1 90  ? 12.221  -0.874  -4.696  1.00 29.37 ? 119 PRO A CD  1 
ATOM   680  N  N   . ILE A 1 91  ? 10.019  0.881   -8.328  1.00 28.78 ? 120 ILE A N   1 
ATOM   681  C  CA  . ILE A 1 91  ? 10.256  1.289   -9.709  1.00 29.12 ? 120 ILE A CA  1 
ATOM   682  C  C   . ILE A 1 91  ? 11.251  2.438   -9.606  1.00 28.30 ? 120 ILE A C   1 
ATOM   683  O  O   . ILE A 1 91  ? 12.205  2.531   -10.376 1.00 27.36 ? 120 ILE A O   1 
ATOM   684  C  CB  . ILE A 1 91  ? 8.956   1.790   -10.374 1.00 29.47 ? 120 ILE A CB  1 
ATOM   685  C  CG1 . ILE A 1 91  ? 7.969   0.628   -10.512 1.00 28.77 ? 120 ILE A CG1 1 
ATOM   686  C  CG2 . ILE A 1 91  ? 9.273   2.424   -11.711 1.00 31.80 ? 120 ILE A CG2 1 
ATOM   687  C  CD1 . ILE A 1 91  ? 6.689   0.978   -11.238 1.00 31.15 ? 120 ILE A CD1 1 
ATOM   688  N  N   . ASN A 1 92  ? 11.015  3.312   -8.633  1.00 27.51 ? 121 ASN A N   1 
ATOM   689  C  CA  . ASN A 1 92  ? 11.900  4.435   -8.380  1.00 26.54 ? 121 ASN A CA  1 
ATOM   690  C  C   . ASN A 1 92  ? 12.074  4.591   -6.866  1.00 25.20 ? 121 ASN A C   1 
ATOM   691  O  O   . ASN A 1 92  ? 11.157  5.009   -6.163  1.00 22.63 ? 121 ASN A O   1 
ATOM   692  C  CB  . ASN A 1 92  ? 11.338  5.712   -8.994  1.00 28.05 ? 121 ASN A CB  1 
ATOM   693  C  CG  . ASN A 1 92  ? 12.291  6.875   -8.865  1.00 30.93 ? 121 ASN A CG  1 
ATOM   694  O  OD1 . ASN A 1 92  ? 12.582  7.333   -7.765  1.00 29.64 ? 121 ASN A OD1 1 
ATOM   695  N  ND2 . ASN A 1 92  ? 12.795  7.354   -9.995  1.00 34.40 ? 121 ASN A ND2 1 
ATOM   696  N  N   . ALA A 1 93  ? 13.262  4.241   -6.378  1.00 24.25 ? 122 ALA A N   1 
ATOM   697  C  CA  . ALA A 1 93  ? 13.578  4.287   -4.953  1.00 22.63 ? 122 ALA A CA  1 
ATOM   698  C  C   . ALA A 1 93  ? 13.349  5.637   -4.311  1.00 23.39 ? 122 ALA A C   1 
ATOM   699  O  O   . ALA A 1 93  ? 12.786  5.728   -3.218  1.00 22.56 ? 122 ALA A O   1 
ATOM   700  C  CB  . ALA A 1 93  ? 15.015  3.855   -4.732  1.00 24.19 ? 122 ALA A CB  1 
ATOM   701  N  N   . GLU A 1 94  ? 13.800  6.691   -4.983  1.00 23.08 ? 123 GLU A N   1 
ATOM   702  C  CA  . GLU A 1 94  ? 13.639  8.034   -4.456  1.00 23.99 ? 123 GLU A CA  1 
ATOM   703  C  C   . GLU A 1 94  ? 12.160  8.415   -4.284  1.00 22.02 ? 123 GLU A C   1 
ATOM   704  O  O   . GLU A 1 94  ? 11.797  9.067   -3.316  1.00 23.14 ? 123 GLU A O   1 
ATOM   705  C  CB  . GLU A 1 94  ? 14.359  9.027   -5.372  1.00 26.37 ? 123 GLU A CB  1 
ATOM   706  C  CG  . GLU A 1 94  ? 14.224  10.490  -4.964  1.00 26.38 ? 123 GLU A CG  1 
ATOM   707  C  CD  . GLU A 1 94  ? 14.829  10.812  -3.607  1.00 30.00 ? 123 GLU A CD  1 
ATOM   708  O  OE1 . GLU A 1 94  ? 15.560  9.972   -3.037  1.00 33.44 ? 123 GLU A OE1 1 
ATOM   709  O  OE2 . GLU A 1 94  ? 14.578  11.930  -3.115  1.00 30.48 ? 123 GLU A OE2 1 
ATOM   710  N  N   . ALA A 1 95  ? 11.307  8.004   -5.216  1.00 24.46 ? 124 ALA A N   1 
ATOM   711  C  CA  . ALA A 1 95  ? 9.877   8.315   -5.126  1.00 23.10 ? 124 ALA A CA  1 
ATOM   712  C  C   . ALA A 1 95  ? 9.277   7.602   -3.911  1.00 23.69 ? 124 ALA A C   1 
ATOM   713  O  O   . ALA A 1 95  ? 8.401   8.133   -3.223  1.00 22.54 ? 124 ALA A O   1 
ATOM   714  C  CB  . ALA A 1 95  ? 9.158   7.869   -6.399  1.00 25.39 ? 124 ALA A CB  1 
ATOM   715  N  N   . LEU A 1 96  ? 9.753   6.386   -3.664  1.00 23.83 ? 125 LEU A N   1 
ATOM   716  C  CA  . LEU A 1 96  ? 9.288   5.604   -2.528  1.00 22.91 ? 125 LEU A CA  1 
ATOM   717  C  C   . LEU A 1 96  ? 9.703   6.309   -1.235  1.00 24.22 ? 125 LEU A C   1 
ATOM   718  O  O   . LEU A 1 96  ? 8.887   6.502   -0.335  1.00 22.95 ? 125 LEU A O   1 
ATOM   719  C  CB  . LEU A 1 96  ? 9.900   4.203   -2.567  1.00 21.70 ? 125 LEU A CB  1 
ATOM   720  C  CG  . LEU A 1 96  ? 9.612   3.330   -1.339  1.00 22.61 ? 125 LEU A CG  1 
ATOM   721  C  CD1 . LEU A 1 96  ? 8.114   3.161   -1.169  1.00 21.06 ? 125 LEU A CD1 1 
ATOM   722  C  CD2 . LEU A 1 96  ? 10.288  1.980   -1.508  1.00 22.41 ? 125 LEU A CD2 1 
ATOM   723  N  N   . ASP A 1 97  ? 10.977  6.689   -1.155  1.00 24.84 ? 126 ASP A N   1 
ATOM   724  C  CA  . ASP A 1 97  ? 11.508  7.373   0.026   1.00 24.94 ? 126 ASP A CA  1 
ATOM   725  C  C   . ASP A 1 97  ? 10.673  8.602   0.340   1.00 27.46 ? 126 ASP A C   1 
ATOM   726  O  O   . ASP A 1 97  ? 10.336  8.876   1.497   1.00 27.01 ? 126 ASP A O   1 
ATOM   727  C  CB  . ASP A 1 97  ? 12.959  7.809   -0.216  1.00 25.11 ? 126 ASP A CB  1 
ATOM   728  C  CG  . ASP A 1 97  ? 13.560  8.539   0.985   1.00 26.62 ? 126 ASP A CG  1 
ATOM   729  O  OD1 . ASP A 1 97  ? 13.837  7.876   2.003   1.00 24.14 ? 126 ASP A OD1 1 
ATOM   730  O  OD2 . ASP A 1 97  ? 13.740  9.777   0.918   1.00 24.06 ? 126 ASP A OD2 1 
ATOM   731  N  N   . ARG A 1 98  ? 10.343  9.340   -0.714  1.00 26.92 ? 127 ARG A N   1 
ATOM   732  C  CA  . ARG A 1 98  ? 9.565   10.560  -0.606  1.00 26.05 ? 127 ARG A CA  1 
ATOM   733  C  C   . ARG A 1 98  ? 8.195   10.359  0.023   1.00 24.10 ? 127 ARG A C   1 
ATOM   734  O  O   . ARG A 1 98  ? 7.714   11.218  0.761   1.00 23.97 ? 127 ARG A O   1 
ATOM   735  C  CB  . ARG A 1 98  ? 9.380   11.175  -2.004  1.00 27.67 ? 127 ARG A CB  1 
ATOM   736  C  CG  . ARG A 1 98  ? 8.776   12.573  -2.007  1.00 30.65 ? 127 ARG A CG  1 
ATOM   737  C  CD  . ARG A 1 98  ? 9.780   13.599  -1.514  1.00 30.77 ? 127 ARG A CD  1 
ATOM   738  N  NE  . ARG A 1 98  ? 11.029  13.542  -2.275  1.00 31.18 ? 127 ARG A NE  1 
ATOM   739  C  CZ  . ARG A 1 98  ? 11.238  14.153  -3.439  1.00 33.14 ? 127 ARG A CZ  1 
ATOM   740  N  NH1 . ARG A 1 98  ? 10.282  14.891  -4.000  1.00 30.54 ? 127 ARG A NH1 1 
ATOM   741  N  NH2 . ARG A 1 98  ? 12.408  14.023  -4.046  1.00 30.96 ? 127 ARG A NH2 1 
ATOM   742  N  N   . ILE A 1 99  ? 7.565   9.227   -0.269  1.00 26.17 ? 128 ILE A N   1 
ATOM   743  C  CA  . ILE A 1 99  ? 6.220   8.963   0.226   1.00 27.04 ? 128 ILE A CA  1 
ATOM   744  C  C   . ILE A 1 99  ? 6.108   8.197   1.548   1.00 28.53 ? 128 ILE A C   1 
ATOM   745  O  O   . ILE A 1 99  ? 5.135   8.376   2.284   1.00 26.91 ? 128 ILE A O   1 
ATOM   746  C  CB  . ILE A 1 99  ? 5.374   8.233   -0.869  1.00 27.85 ? 128 ILE A CB  1 
ATOM   747  C  CG1 . ILE A 1 99  ? 3.887   8.346   -0.544  1.00 28.80 ? 128 ILE A CG1 1 
ATOM   748  C  CG2 . ILE A 1 99  ? 5.777   6.777   -0.973  1.00 24.17 ? 128 ILE A CG2 1 
ATOM   749  C  CD1 . ILE A 1 99  ? 3.382   9.783   -0.559  1.00 35.71 ? 128 ILE A CD1 1 
ATOM   750  N  N   . LEU A 1 100 ? 7.088   7.354   1.859   1.00 28.14 ? 129 LEU A N   1 
ATOM   751  C  CA  . LEU A 1 100 ? 7.037   6.595   3.115   1.00 28.77 ? 129 LEU A CA  1 
ATOM   752  C  C   . LEU A 1 100 ? 7.024   7.531   4.325   1.00 28.33 ? 129 LEU A C   1 
ATOM   753  O  O   . LEU A 1 100 ? 7.620   8.608   4.300   1.00 28.88 ? 129 LEU A O   1 
ATOM   754  C  CB  . LEU A 1 100 ? 8.219   5.626   3.211   1.00 27.11 ? 129 LEU A CB  1 
ATOM   755  C  CG  . LEU A 1 100 ? 8.164   4.397   2.291   1.00 27.95 ? 129 LEU A CG  1 
ATOM   756  C  CD1 . LEU A 1 100 ? 9.430   3.564   2.463   1.00 27.56 ? 129 LEU A CD1 1 
ATOM   757  C  CD2 . LEU A 1 100 ? 6.933   3.560   2.621   1.00 25.12 ? 129 LEU A CD2 1 
ATOM   758  N  N   . PRO A 1 101 ? 6.338   7.129   5.403   1.00 29.06 ? 130 PRO A N   1 
ATOM   759  C  CA  . PRO A 1 101 ? 6.259   7.956   6.611   1.00 30.16 ? 130 PRO A CA  1 
ATOM   760  C  C   . PRO A 1 101 ? 7.639   8.331   7.134   1.00 30.70 ? 130 PRO A C   1 
ATOM   761  O  O   . PRO A 1 101 ? 8.574   7.532   7.063   1.00 26.50 ? 130 PRO A O   1 
ATOM   762  C  CB  . PRO A 1 101 ? 5.508   7.060   7.602   1.00 29.92 ? 130 PRO A CB  1 
ATOM   763  C  CG  . PRO A 1 101 ? 4.700   6.161   6.721   1.00 29.37 ? 130 PRO A CG  1 
ATOM   764  C  CD  . PRO A 1 101 ? 5.668   5.835   5.613   1.00 28.11 ? 130 PRO A CD  1 
ATOM   765  N  N   . PRO A 1 102 ? 7.786   9.565   7.642   1.00 33.20 ? 131 PRO A N   1 
ATOM   766  C  CA  . PRO A 1 102 ? 9.066   10.026  8.180   1.00 33.21 ? 131 PRO A CA  1 
ATOM   767  C  C   . PRO A 1 102 ? 9.457   9.125   9.345   1.00 34.66 ? 131 PRO A C   1 
ATOM   768  O  O   . PRO A 1 102 ? 8.590   8.584   10.032  1.00 32.05 ? 131 PRO A O   1 
ATOM   769  C  CB  . PRO A 1 102 ? 8.751   11.447  8.631   1.00 35.00 ? 131 PRO A CB  1 
ATOM   770  C  CG  . PRO A 1 102 ? 7.740   11.885  7.610   1.00 35.10 ? 131 PRO A CG  1 
ATOM   771  C  CD  . PRO A 1 102 ? 6.829   10.683  7.559   1.00 34.53 ? 131 PRO A CD  1 
ATOM   772  N  N   . ILE A 1 103 ? 10.756  8.959   9.563   1.00 36.59 ? 132 ILE A N   1 
ATOM   773  C  CA  . ILE A 1 103 ? 11.220  8.114   10.645  1.00 40.58 ? 132 ILE A CA  1 
ATOM   774  C  C   . ILE A 1 103 ? 10.702  8.676   11.969  1.00 44.06 ? 132 ILE A C   1 
ATOM   775  O  O   . ILE A 1 103 ? 10.875  9.858   12.275  1.00 43.26 ? 132 ILE A O   1 
ATOM   776  C  CB  . ILE A 1 103 ? 12.776  8.021   10.652  1.00 40.69 ? 132 ILE A CB  1 
ATOM   777  C  CG1 . ILE A 1 103 ? 13.217  6.725   11.336  1.00 42.79 ? 132 ILE A CG1 1 
ATOM   778  C  CG2 . ILE A 1 103 ? 13.385  9.233   11.344  1.00 40.58 ? 132 ILE A CG2 1 
ATOM   779  C  CD1 . ILE A 1 103 ? 12.717  6.561   12.756  1.00 45.70 ? 132 ILE A CD1 1 
ATOM   780  N  N   . SER A 1 104 ? 10.027  7.829   12.734  1.00 47.23 ? 133 SER A N   1 
ATOM   781  C  CA  . SER A 1 104 ? 9.499   8.247   14.018  1.00 53.02 ? 133 SER A CA  1 
ATOM   782  C  C   . SER A 1 104 ? 9.441   7.038   14.934  1.00 56.80 ? 133 SER A C   1 
ATOM   783  O  O   . SER A 1 104 ? 8.731   6.066   14.673  1.00 58.10 ? 133 SER A O   1 
ATOM   784  C  CB  . SER A 1 104 ? 8.100   8.859   13.871  1.00 51.80 ? 133 SER A CB  1 
ATOM   785  O  OG  . SER A 1 104 ? 7.100   7.858   13.834  1.00 52.97 ? 133 SER A OG  1 
ATOM   786  N  N   . TYR A 1 105 ? 10.216  7.107   16.006  1.00 60.74 ? 134 TYR A N   1 
ATOM   787  C  CA  . TYR A 1 105 ? 10.277  6.038   16.980  1.00 64.46 ? 134 TYR A CA  1 
ATOM   788  C  C   . TYR A 1 105 ? 9.046   6.045   17.867  1.00 66.18 ? 134 TYR A C   1 
ATOM   789  O  O   . TYR A 1 105 ? 8.898   6.915   18.726  1.00 66.69 ? 134 TYR A O   1 
ATOM   790  C  CB  . TYR A 1 105 ? 11.538  6.190   17.835  1.00 66.15 ? 134 TYR A CB  1 
ATOM   791  C  CG  . TYR A 1 105 ? 11.755  7.587   18.382  1.00 67.80 ? 134 TYR A CG  1 
ATOM   792  C  CD1 . TYR A 1 105 ? 11.977  7.796   19.741  1.00 69.41 ? 134 TYR A CD1 1 
ATOM   793  C  CD2 . TYR A 1 105 ? 11.734  8.704   17.542  1.00 69.10 ? 134 TYR A CD2 1 
ATOM   794  C  CE1 . TYR A 1 105 ? 12.169  9.079   20.253  1.00 70.51 ? 134 TYR A CE1 1 
ATOM   795  C  CE2 . TYR A 1 105 ? 11.927  9.989   18.043  1.00 70.44 ? 134 TYR A CE2 1 
ATOM   796  C  CZ  . TYR A 1 105 ? 12.142  10.168  19.400  1.00 70.86 ? 134 TYR A CZ  1 
ATOM   797  O  OH  . TYR A 1 105 ? 12.312  11.434  19.917  1.00 72.50 ? 134 TYR A OH  1 
ATOM   798  N  N   . ASP A 1 106 ? 8.158   5.084   17.657  1.00 67.98 ? 135 ASP A N   1 
ATOM   799  C  CA  . ASP A 1 106 ? 6.959   5.007   18.473  1.00 69.57 ? 135 ASP A CA  1 
ATOM   800  C  C   . ASP A 1 106 ? 7.227   4.220   19.749  1.00 70.38 ? 135 ASP A C   1 
ATOM   801  O  O   . ASP A 1 106 ? 8.321   3.679   19.933  1.00 70.99 ? 135 ASP A O   1 
ATOM   802  C  CB  . ASP A 1 106 ? 5.822   4.362   17.688  1.00 70.03 ? 135 ASP A CB  1 
ATOM   803  C  CG  . ASP A 1 106 ? 5.046   5.369   16.870  1.00 71.22 ? 135 ASP A CG  1 
ATOM   804  O  OD1 . ASP A 1 106 ? 5.636   5.967   15.945  1.00 70.11 ? 135 ASP A OD1 1 
ATOM   805  O  OD2 . ASP A 1 106 ? 3.846   5.573   17.163  1.00 72.76 ? 135 ASP A OD2 1 
ATOM   806  N  N   . ALA B 2 1   ? -11.210 4.517   5.934   1.00 32.32 ? 1   ALA B N   1 
ATOM   807  C  CA  . ALA B 2 1   ? -11.379 3.251   5.238   1.00 31.51 ? 1   ALA B CA  1 
ATOM   808  C  C   . ALA B 2 1   ? -11.557 2.160   6.285   1.00 33.26 ? 1   ALA B C   1 
ATOM   809  O  O   . ALA B 2 1   ? -11.370 2.404   7.474   1.00 33.25 ? 1   ALA B O   1 
ATOM   810  C  CB  . ALA B 2 1   ? -10.156 2.960   4.371   1.00 29.23 ? 1   ALA B CB  1 
ATOM   811  N  N   . VAL B 2 2   ? -11.909 0.961   5.836   1.00 33.13 ? 2   VAL B N   1 
ATOM   812  C  CA  . VAL B 2 2   ? -12.124 -0.168  6.733   1.00 33.22 ? 2   VAL B CA  1 
ATOM   813  C  C   . VAL B 2 2   ? -11.061 -1.249  6.549   1.00 33.55 ? 2   VAL B C   1 
ATOM   814  O  O   . VAL B 2 2   ? -10.748 -1.643  5.426   1.00 34.35 ? 2   VAL B O   1 
ATOM   815  C  CB  . VAL B 2 2   ? -13.517 -0.799  6.494   1.00 32.52 ? 2   VAL B CB  1 
ATOM   816  C  CG1 . VAL B 2 2   ? -13.673 -2.074  7.314   1.00 33.02 ? 2   VAL B CG1 1 
ATOM   817  C  CG2 . VAL B 2 2   ? -14.605 0.201   6.861   1.00 33.85 ? 2   VAL B CG2 1 
ATOM   818  N  N   . ALA B 2 3   ? -10.506 -1.724  7.657   1.00 34.22 ? 3   ALA B N   1 
ATOM   819  C  CA  . ALA B 2 3   ? -9.499  -2.774  7.600   1.00 35.42 ? 3   ALA B CA  1 
ATOM   820  C  C   . ALA B 2 3   ? -10.208 -4.112  7.766   1.00 36.80 ? 3   ALA B C   1 
ATOM   821  O  O   . ALA B 2 3   ? -10.776 -4.395  8.818   1.00 35.05 ? 3   ALA B O   1 
ATOM   822  C  CB  . ALA B 2 3   ? -8.477  -2.587  8.706   1.00 34.55 ? 3   ALA B CB  1 
ATOM   823  N  N   . PHE B 2 4   ? -10.181 -4.929  6.721   1.00 40.22 ? 4   PHE B N   1 
ATOM   824  C  CA  . PHE B 2 4   ? -10.822 -6.232  6.767   1.00 44.68 ? 4   PHE B CA  1 
ATOM   825  C  C   . PHE B 2 4   ? -9.895  -7.262  7.399   1.00 47.70 ? 4   PHE B C   1 
ATOM   826  O  O   . PHE B 2 4   ? -10.349 -8.280  7.922   1.00 47.98 ? 4   PHE B O   1 
ATOM   827  C  CB  . PHE B 2 4   ? -11.240 -6.658  5.357   1.00 43.52 ? 4   PHE B CB  1 
ATOM   828  C  CG  . PHE B 2 4   ? -12.223 -5.720  4.720   1.00 43.42 ? 4   PHE B CG  1 
ATOM   829  C  CD1 . PHE B 2 4   ? -11.804 -4.496  4.209   1.00 43.35 ? 4   PHE B CD1 1 
ATOM   830  C  CD2 . PHE B 2 4   ? -13.576 -6.038  4.675   1.00 43.71 ? 4   PHE B CD2 1 
ATOM   831  C  CE1 . PHE B 2 4   ? -12.719 -3.597  3.664   1.00 42.62 ? 4   PHE B CE1 1 
ATOM   832  C  CE2 . PHE B 2 4   ? -14.504 -5.145  4.133   1.00 44.42 ? 4   PHE B CE2 1 
ATOM   833  C  CZ  . PHE B 2 4   ? -14.070 -3.920  3.626   1.00 44.23 ? 4   PHE B CZ  1 
ATOM   834  N  N   . TYR B 2 5   ? -8.598  -6.979  7.356   1.00 50.93 ? 5   TYR B N   1 
ATOM   835  C  CA  . TYR B 2 5   ? -7.582  -7.848  7.942   1.00 53.91 ? 5   TYR B CA  1 
ATOM   836  C  C   . TYR B 2 5   ? -6.569  -6.982  8.676   1.00 54.78 ? 5   TYR B C   1 
ATOM   837  O  O   . TYR B 2 5   ? -6.018  -6.042  8.105   1.00 54.12 ? 5   TYR B O   1 
ATOM   838  C  CB  . TYR B 2 5   ? -6.861  -8.659  6.862   1.00 56.99 ? 5   TYR B CB  1 
ATOM   839  C  CG  . TYR B 2 5   ? -5.738  -9.532  7.396   1.00 60.80 ? 5   TYR B CG  1 
ATOM   840  C  CD1 . TYR B 2 5   ? -4.627  -8.971  8.032   1.00 61.93 ? 5   TYR B CD1 1 
ATOM   841  C  CD2 . TYR B 2 5   ? -5.792  -10.921 7.279   1.00 62.97 ? 5   TYR B CD2 1 
ATOM   842  C  CE1 . TYR B 2 5   ? -3.606  -9.763  8.542   1.00 63.24 ? 5   TYR B CE1 1 
ATOM   843  C  CE2 . TYR B 2 5   ? -4.771  -11.727 7.787   1.00 63.70 ? 5   TYR B CE2 1 
ATOM   844  C  CZ  . TYR B 2 5   ? -3.684  -11.139 8.418   1.00 64.21 ? 5   TYR B CZ  1 
ATOM   845  O  OH  . TYR B 2 5   ? -2.682  -11.925 8.938   1.00 64.43 ? 5   TYR B OH  1 
ATOM   846  N  N   . ILE B 2 6   ? -6.322  -7.308  9.941   1.00 56.06 ? 6   ILE B N   1 
ATOM   847  C  CA  . ILE B 2 6   ? -5.367  -6.563  10.755  1.00 57.79 ? 6   ILE B CA  1 
ATOM   848  C  C   . ILE B 2 6   ? -4.242  -7.474  11.242  1.00 59.33 ? 6   ILE B C   1 
ATOM   849  O  O   . ILE B 2 6   ? -4.489  -8.502  11.880  1.00 59.66 ? 6   ILE B O   1 
ATOM   850  C  CB  . ILE B 2 6   ? -6.065  -5.912  11.974  1.00 57.25 ? 6   ILE B CB  1 
ATOM   851  C  CG1 . ILE B 2 6   ? -7.006  -4.804  11.497  1.00 57.80 ? 6   ILE B CG1 1 
ATOM   852  C  CG2 . ILE B 2 6   ? -5.035  -5.331  12.926  1.00 56.12 ? 6   ILE B CG2 1 
ATOM   853  C  CD1 . ILE B 2 6   ? -6.297  -3.710  10.734  1.00 58.80 ? 6   ILE B CD1 1 
ATOM   854  N  N   . PRO B 2 7   ? -2.987  -7.107  10.940  1.00 60.44 ? 7   PRO B N   1 
ATOM   855  C  CA  . PRO B 2 7   ? -1.807  -7.878  11.339  1.00 61.29 ? 7   PRO B CA  1 
ATOM   856  C  C   . PRO B 2 7   ? -1.806  -8.252  12.821  1.00 62.02 ? 7   PRO B C   1 
ATOM   857  O  O   . PRO B 2 7   ? -1.529  -7.419  13.680  1.00 61.64 ? 7   PRO B O   1 
ATOM   858  C  CB  . PRO B 2 7   ? -0.657  -6.946  10.978  1.00 61.79 ? 7   PRO B CB  1 
ATOM   859  C  CG  . PRO B 2 7   ? -1.172  -6.264  9.756   1.00 60.72 ? 7   PRO B CG  1 
ATOM   860  C  CD  . PRO B 2 7   ? -2.590  -5.923  10.156  1.00 60.37 ? 7   PRO B CD  1 
HETATM 861  ZN ZN  . ZN  C 3 .   ? 1.968   -2.979  4.962   1.00 27.63 ? 155 ZN  A ZN  1 
HETATM 862  O  O   . HOH D 4 .   ? 8.780   5.388   8.833   1.00 17.90 ? 156 HOH A O   1 
HETATM 863  O  O   . HOH D 4 .   ? -0.226  8.643   0.961   1.00 21.40 ? 157 HOH A O   1 
HETATM 864  O  O   . HOH D 4 .   ? -0.529  2.209   1.280   1.00 19.31 ? 158 HOH A O   1 
HETATM 865  O  O   . HOH D 4 .   ? 6.555   10.003  -4.328  1.00 26.71 ? 159 HOH A O   1 
HETATM 866  O  O   . HOH D 4 .   ? 7.738   0.379   -4.198  1.00 22.25 ? 160 HOH A O   1 
HETATM 867  O  O   . HOH D 4 .   ? 12.060  -0.665  -0.777  1.00 26.35 ? 161 HOH A O   1 
HETATM 868  O  O   . HOH D 4 .   ? 9.239   -3.094  -9.488  1.00 24.64 ? 162 HOH A O   1 
HETATM 869  O  O   . HOH D 4 .   ? 11.097  0.028   3.940   1.00 28.59 ? 163 HOH A O   1 
HETATM 870  O  O   . HOH D 4 .   ? 10.536  16.116  -6.726  1.00 28.65 ? 164 HOH A O   1 
HETATM 871  O  O   . HOH D 4 .   ? 3.368   2.531   -8.911  1.00 26.16 ? 165 HOH A O   1 
HETATM 872  O  O   . HOH D 4 .   ? -14.952 3.182   -1.944  1.00 27.62 ? 166 HOH A O   1 
HETATM 873  O  O   . HOH D 4 .   ? 3.750   4.030   -11.251 1.00 26.56 ? 167 HOH A O   1 
HETATM 874  O  O   . HOH D 4 .   ? -8.668  10.123  -1.414  1.00 36.15 ? 168 HOH A O   1 
HETATM 875  O  O   . HOH D 4 .   ? 1.632   8.874   -8.350  1.00 28.18 ? 169 HOH A O   1 
HETATM 876  O  O   . HOH D 4 .   ? -2.297  11.227  -8.286  1.00 28.62 ? 170 HOH A O   1 
HETATM 877  O  O   . HOH D 4 .   ? 14.307  4.053   4.021   1.00 30.08 ? 171 HOH A O   1 
HETATM 878  O  O   . HOH D 4 .   ? 9.996   -8.569  2.520   1.00 34.62 ? 172 HOH A O   1 
HETATM 879  O  O   . HOH D 4 .   ? 5.811   9.091   -6.869  1.00 31.83 ? 173 HOH A O   1 
HETATM 880  O  O   . HOH D 4 .   ? -7.024  7.540   -11.757 1.00 30.79 ? 174 HOH A O   1 
HETATM 881  O  O   . HOH D 4 .   ? 8.482   4.170   -6.971  1.00 30.32 ? 175 HOH A O   1 
HETATM 882  O  O   . HOH D 4 .   ? 5.356   11.945  2.320   1.00 32.16 ? 176 HOH A O   1 
HETATM 883  O  O   . HOH D 4 .   ? -6.285  8.351   5.427   1.00 31.85 ? 177 HOH A O   1 
HETATM 884  O  O   . HOH D 4 .   ? -6.857  10.905  -3.179  1.00 31.76 ? 178 HOH A O   1 
HETATM 885  O  O   . HOH D 4 .   ? 12.791  11.695  -0.713  1.00 35.40 ? 179 HOH A O   1 
HETATM 886  O  O   . HOH D 4 .   ? 11.745  -2.015  -10.522 1.00 32.93 ? 180 HOH A O   1 
HETATM 887  O  O   . HOH D 4 .   ? -5.723  5.682   -9.984  1.00 30.08 ? 181 HOH A O   1 
HETATM 888  O  O   . HOH D 4 .   ? 14.926  9.629   3.752   1.00 34.68 ? 182 HOH A O   1 
HETATM 889  O  O   . HOH D 4 .   ? 12.498  10.028  7.597   1.00 38.27 ? 183 HOH A O   1 
HETATM 890  O  O   . HOH D 4 .   ? 10.761  -7.398  6.394   1.00 36.87 ? 184 HOH A O   1 
HETATM 891  O  O   . HOH D 4 .   ? 14.151  -2.800  1.857   1.00 35.34 ? 185 HOH A O   1 
HETATM 892  O  O   . HOH D 4 .   ? 12.894  1.967   2.900   1.00 38.60 ? 186 HOH A O   1 
HETATM 893  O  O   . HOH D 4 .   ? 3.803   10.077  3.851   1.00 35.05 ? 187 HOH A O   1 
HETATM 894  O  O   . HOH D 4 .   ? -4.804  9.783   -4.572  1.00 38.46 ? 188 HOH A O   1 
HETATM 895  O  O   . HOH D 4 .   ? -14.373 6.724   -9.657  1.00 43.01 ? 189 HOH A O   1 
HETATM 896  O  O   . HOH D 4 .   ? -15.381 3.686   4.914   1.00 36.63 ? 190 HOH A O   1 
HETATM 897  O  O   . HOH D 4 .   ? 3.981   -13.110 -5.811  1.00 36.88 ? 191 HOH A O   1 
HETATM 898  O  O   . HOH D 4 .   ? 3.870   9.200   -4.275  1.00 45.04 ? 192 HOH A O   1 
HETATM 899  O  O   . HOH D 4 .   ? -14.013 -4.037  -8.121  1.00 36.11 ? 193 HOH A O   1 
HETATM 900  O  O   . HOH D 4 .   ? 14.543  8.287   6.974   1.00 40.75 ? 194 HOH A O   1 
HETATM 901  O  O   . HOH D 4 .   ? -2.529  7.951   9.879   1.00 40.50 ? 195 HOH A O   1 
HETATM 902  O  O   . HOH D 4 .   ? -16.518 6.090   -4.608  1.00 51.89 ? 196 HOH A O   1 
HETATM 903  O  O   . HOH D 4 .   ? 1.382   -3.414  11.650  1.00 40.74 ? 197 HOH A O   1 
HETATM 904  O  O   . HOH D 4 .   ? 5.647   5.031   -9.518  1.00 50.92 ? 198 HOH A O   1 
HETATM 905  O  O   . HOH D 4 .   ? -18.419 -0.368  3.763   1.00 34.55 ? 199 HOH A O   1 
HETATM 906  O  O   . HOH D 4 .   ? 14.002  11.947  2.679   1.00 63.57 ? 200 HOH A O   1 
HETATM 907  O  O   . HOH D 4 .   ? -8.606  -11.092 -0.627  1.00 43.90 ? 201 HOH A O   1 
HETATM 908  O  O   . HOH D 4 .   ? 8.359   -10.155 0.987   1.00 40.86 ? 202 HOH A O   1 
HETATM 909  O  O   . HOH D 4 .   ? 11.851  -1.561  1.895   1.00 34.76 ? 203 HOH A O   1 
HETATM 910  O  O   . HOH D 4 .   ? 4.108   3.690   12.384  1.00 35.42 ? 204 HOH A O   1 
HETATM 911  O  O   . HOH D 4 .   ? -17.228 -1.431  -3.148  1.00 48.20 ? 205 HOH A O   1 
HETATM 912  O  O   . HOH D 4 .   ? 7.927   -9.860  -12.218 1.00 47.64 ? 206 HOH A O   1 
HETATM 913  O  O   . HOH D 4 .   ? 6.105   7.397   11.298  1.00 42.42 ? 207 HOH A O   1 
HETATM 914  O  O   . HOH D 4 .   ? -4.410  12.018  -2.812  1.00 42.98 ? 208 HOH A O   1 
HETATM 915  O  O   . HOH D 4 .   ? 16.841  7.629   -3.560  1.00 42.99 ? 209 HOH A O   1 
HETATM 916  O  O   . HOH D 4 .   ? 10.377  6.619   -12.572 1.00 52.00 ? 210 HOH A O   1 
HETATM 917  O  O   . HOH D 4 .   ? 3.248   7.010   -7.230  1.00 36.62 ? 211 HOH A O   1 
HETATM 918  O  O   . HOH D 4 .   ? -13.568 4.940   9.619   1.00 46.56 ? 212 HOH A O   1 
HETATM 919  O  O   . HOH D 4 .   ? 8.629   13.378  2.276   1.00 49.84 ? 213 HOH A O   1 
HETATM 920  O  O   . HOH D 4 .   ? -7.427  -6.805  -7.651  1.00 88.63 ? 214 HOH A O   1 
HETATM 921  O  O   . HOH D 4 .   ? -16.511 6.926   -1.435  1.00 45.15 ? 215 HOH A O   1 
HETATM 922  O  O   . HOH D 4 .   ? 12.960  1.139   -12.496 1.00 44.94 ? 216 HOH A O   1 
HETATM 923  O  O   . HOH D 4 .   ? 12.878  0.273   16.540  1.00 41.07 ? 217 HOH A O   1 
HETATM 924  O  O   . HOH D 4 .   ? 15.656  8.683   -8.949  1.00 42.84 ? 218 HOH A O   1 
HETATM 925  O  O   . HOH D 4 .   ? 0.608   -8.654  -11.777 1.00 40.54 ? 219 HOH A O   1 
HETATM 926  O  O   . HOH D 4 .   ? -15.038 -2.950  -0.568  1.00 47.23 ? 220 HOH A O   1 
HETATM 927  O  O   . HOH D 4 .   ? -0.166  -9.970  1.723   1.00 38.92 ? 221 HOH A O   1 
HETATM 928  O  O   . HOH D 4 .   ? 13.385  -6.451  8.111   1.00 44.51 ? 222 HOH A O   1 
HETATM 929  O  O   . HOH D 4 .   ? -8.723  -1.186  -16.448 1.00 53.04 ? 223 HOH A O   1 
HETATM 930  O  O   . HOH D 4 .   ? -12.526 -6.796  -17.270 1.00 48.99 ? 224 HOH A O   1 
HETATM 931  O  O   . HOH D 4 .   ? 10.328  2.456   18.455  1.00 61.51 ? 225 HOH A O   1 
HETATM 932  O  O   . HOH D 4 .   ? 3.329   3.503   -16.348 1.00 48.57 ? 226 HOH A O   1 
HETATM 933  O  O   . HOH D 4 .   ? 6.818   -9.421  5.462   1.00 34.78 ? 227 HOH A O   1 
HETATM 934  O  O   . HOH D 4 .   ? -1.755  10.698  0.551   1.00 64.11 ? 228 HOH A O   1 
HETATM 935  O  O   . HOH D 4 .   ? 3.851   -0.460  3.686   1.00 94.76 ? 229 HOH A O   1 
HETATM 936  O  O   . HOH D 4 .   ? 8.404   11.987  4.571   1.00 56.15 ? 230 HOH A O   1 
HETATM 937  O  O   . HOH D 4 .   ? 10.179  -4.377  -18.124 1.00 56.37 ? 231 HOH A O   1 
HETATM 938  O  O   . HOH D 4 .   ? 5.338   -11.165 2.271   1.00 50.54 ? 232 HOH A O   1 
HETATM 939  O  O   . HOH D 4 .   ? 9.726   -14.972 -7.423  1.00 61.28 ? 233 HOH A O   1 
HETATM 940  O  O   . HOH D 4 .   ? 10.784  -5.764  14.980  1.00 48.49 ? 234 HOH A O   1 
HETATM 941  O  O   . HOH D 4 .   ? 5.341   -14.176 0.081   1.00 55.85 ? 235 HOH A O   1 
HETATM 942  O  O   . HOH D 4 .   ? -11.368 -7.661  -13.114 1.00 60.69 ? 236 HOH A O   1 
HETATM 943  O  O   . HOH D 4 .   ? -2.345  10.024  -3.320  1.00 43.00 ? 237 HOH A O   1 
HETATM 944  O  O   . HOH D 4 .   ? 7.455   4.671   22.645  1.00 74.36 ? 238 HOH A O   1 
HETATM 945  O  O   . HOH D 4 .   ? -15.851 5.125   -7.977  1.00 52.85 ? 239 HOH A O   1 
HETATM 946  O  O   . HOH D 4 .   ? 6.202   -0.121  17.076  1.00 43.52 ? 240 HOH A O   1 
HETATM 947  O  O   . HOH D 4 .   ? -12.593 2.883   -13.676 1.00 54.00 ? 241 HOH A O   1 
HETATM 948  O  O   . HOH D 4 .   ? 4.196   -3.812  18.294  1.00 48.32 ? 242 HOH A O   1 
HETATM 949  O  O   . HOH D 4 .   ? 8.722   11.756  12.639  1.00 48.84 ? 243 HOH A O   1 
HETATM 950  O  O   . HOH D 4 .   ? 9.012   -14.970 -10.084 1.00 56.48 ? 244 HOH A O   1 
HETATM 951  O  O   . HOH D 4 .   ? -1.935  -5.389  -16.182 1.00 43.82 ? 245 HOH A O   1 
HETATM 952  O  O   . HOH D 4 .   ? 10.409  -1.041  17.410  1.00 54.81 ? 246 HOH A O   1 
HETATM 953  O  O   . HOH D 4 .   ? -12.677 8.025   6.335   1.00 40.94 ? 247 HOH A O   1 
HETATM 954  O  O   . HOH D 4 .   ? -8.107  12.994  6.135   1.00 59.05 ? 248 HOH A O   1 
HETATM 955  O  O   . HOH D 4 .   ? -6.223  -10.425 -6.263  1.00 58.21 ? 249 HOH A O   1 
HETATM 956  O  O   . HOH D 4 .   ? 2.533   7.702   14.199  1.00 64.76 ? 250 HOH A O   1 
HETATM 957  O  O   . HOH D 4 .   ? -14.627 -7.960  -9.027  1.00 63.74 ? 251 HOH A O   1 
HETATM 958  O  O   . HOH D 4 .   ? -17.250 3.267   0.295   1.00 61.05 ? 252 HOH A O   1 
HETATM 959  O  O   . HOH D 4 .   ? 7.469   -16.035 -0.138  1.00 64.23 ? 253 HOH A O   1 
HETATM 960  O  O   . HOH D 4 .   ? -2.641  -12.193 5.464   1.00 44.59 ? 254 HOH A O   1 
HETATM 961  O  O   . HOH D 4 .   ? 8.879   -3.893  17.042  1.00 61.52 ? 255 HOH A O   1 
HETATM 962  O  O   . HOH D 4 .   ? -16.146 9.343   0.055   1.00 45.20 ? 256 HOH A O   1 
HETATM 963  O  O   . HOH D 4 .   ? -4.620  -7.302  -13.858 1.00 57.06 ? 257 HOH A O   1 
HETATM 964  O  O   . HOH D 4 .   ? 9.641   -1.342  -14.844 1.00 59.92 ? 258 HOH A O   1 
HETATM 965  O  O   . HOH D 4 .   ? -17.219 -1.634  0.627   1.00 53.43 ? 259 HOH A O   1 
HETATM 966  O  O   . HOH D 4 .   ? 3.088   -6.454  10.646  1.00 42.77 ? 260 HOH A O   1 
HETATM 967  O  O   . HOH D 4 .   ? -0.545  10.414  -5.290  1.00 45.63 ? 261 HOH A O   1 
HETATM 968  O  O   . HOH D 4 .   ? 8.597   9.666   17.200  1.00 55.74 ? 262 HOH A O   1 
HETATM 969  O  O   . HOH D 4 .   ? -15.199 9.354   -9.914  1.00 43.68 ? 263 HOH A O   1 
HETATM 970  O  O   . HOH D 4 .   ? 5.799   8.247   17.771  1.00 48.96 ? 264 HOH A O   1 
HETATM 971  O  O   . HOH D 4 .   ? -15.553 -6.070  -7.277  1.00 48.65 ? 265 HOH A O   1 
HETATM 972  O  O   . HOH D 4 .   ? 5.725   -6.922  11.302  1.00 54.73 ? 266 HOH A O   1 
HETATM 973  O  O   . HOH D 4 .   ? 10.067  -1.209  13.756  1.00 66.41 ? 267 HOH A O   1 
HETATM 974  O  O   . HOH D 4 .   ? -5.896  0.826   15.291  1.00 54.92 ? 268 HOH A O   1 
HETATM 975  O  O   . HOH D 4 .   ? 8.572   1.949   24.526  1.00 47.50 ? 269 HOH A O   1 
HETATM 976  O  O   . HOH D 4 .   ? 0.621   1.701   -16.226 1.00 56.75 ? 270 HOH A O   1 
HETATM 977  O  O   . HOH D 4 .   ? -17.207 1.173   -1.349  1.00 53.32 ? 271 HOH A O   1 
HETATM 978  O  O   . HOH D 4 .   ? 5.338   0.374   -14.757 1.00 57.84 ? 272 HOH A O   1 
HETATM 979  O  O   . HOH D 4 .   ? -16.779 12.070  1.628   1.00 60.92 ? 273 HOH A O   1 
HETATM 980  O  O   . HOH D 4 .   ? 12.091  -10.002 -6.487  1.00 48.96 ? 274 HOH A O   1 
HETATM 981  O  O   . HOH D 4 .   ? 14.543  9.725   -11.298 1.00 61.95 ? 275 HOH A O   1 
HETATM 982  O  O   . HOH D 4 .   ? 1.090   8.061   7.114   1.00 65.42 ? 276 HOH A O   1 
HETATM 983  O  O   . HOH D 4 .   ? -17.459 13.050  -6.315  1.00 59.30 ? 277 HOH A O   1 
HETATM 984  O  O   . HOH D 4 .   ? 7.687   -6.408  -12.824 1.00 53.91 ? 278 HOH A O   1 
HETATM 985  O  O   . HOH D 4 .   ? -9.652  10.114  6.434   1.00 49.38 ? 279 HOH A O   1 
HETATM 986  O  O   . HOH D 4 .   ? 5.998   1.927   0.439   1.00 83.45 ? 280 HOH A O   1 
HETATM 987  O  O   . HOH D 4 .   ? -7.304  -13.284 5.975   1.00 64.82 ? 281 HOH A O   1 
HETATM 988  O  O   . HOH D 4 .   ? 13.626  12.912  21.638  1.00 53.43 ? 282 HOH A O   1 
HETATM 989  O  O   . HOH D 4 .   ? -6.436  -13.162 3.118   1.00 53.79 ? 283 HOH A O   1 
HETATM 990  O  O   . HOH D 4 .   ? -14.711 5.689   -14.176 1.00 51.55 ? 284 HOH A O   1 
HETATM 991  O  O   . HOH D 4 .   ? 4.721   2.506   10.096  1.00 69.43 ? 285 HOH A O   1 
HETATM 992  O  O   . HOH D 4 .   ? -12.747 14.072  -0.131  1.00 67.81 ? 286 HOH A O   1 
HETATM 993  O  O   . HOH D 4 .   ? 3.756   9.192   9.693   1.00 62.16 ? 287 HOH A O   1 
HETATM 994  O  O   . HOH D 4 .   ? -15.272 -5.909  -16.002 1.00 61.82 ? 288 HOH A O   1 
HETATM 995  O  O   . HOH D 4 .   ? -18.859 4.355   5.972   1.00 53.43 ? 289 HOH A O   1 
HETATM 996  O  O   . HOH D 4 .   ? -9.750  -4.140  -18.906 1.00 63.61 ? 290 HOH A O   1 
HETATM 997  O  O   . HOH D 4 .   ? 11.750  11.560  5.404   1.00 51.64 ? 291 HOH A O   1 
HETATM 998  O  O   . HOH D 4 .   ? 5.662   -5.972  -17.579 1.00 57.91 ? 292 HOH A O   1 
HETATM 999  O  O   . HOH D 4 .   ? -8.504  4.790   14.541  1.00 60.87 ? 293 HOH A O   1 
HETATM 1000 O  O   . HOH D 4 .   ? 1.389   9.344   12.248  1.00 59.75 ? 294 HOH A O   1 
HETATM 1001 O  O   . HOH D 4 .   ? 5.103   1.909   20.917  1.00 72.94 ? 295 HOH A O   1 
HETATM 1002 O  O   . HOH D 4 .   ? -11.690 -9.598  2.684   1.00 53.85 ? 296 HOH A O   1 
HETATM 1003 O  O   . HOH D 4 .   ? -13.077 -4.642  -10.650 1.00 59.12 ? 297 HOH A O   1 
HETATM 1004 O  O   . HOH D 4 .   ? 6.188   -1.911  -1.511  1.00 90.62 ? 298 HOH A O   1 
HETATM 1005 O  O   . HOH D 4 .   ? -7.279  2.525   13.700  1.00 79.08 ? 299 HOH A O   1 
HETATM 1006 O  O   . HOH D 4 .   ? 5.060   10.040  13.765  1.00 78.40 ? 300 HOH A O   1 
HETATM 1007 O  O   . HOH D 4 .   ? -16.013 0.337   -4.886  1.00 50.87 ? 301 HOH A O   1 
HETATM 1008 O  O   . HOH D 4 .   ? 11.076  -11.981 -4.654  1.00 49.70 ? 302 HOH A O   1 
HETATM 1009 O  O   . HOH E 4 .   ? -6.700  -10.734 13.220  1.00 48.37 ? 55  HOH B O   1 
HETATM 1010 O  O   . HOH E 4 .   ? -8.115  -8.481  11.887  1.00 61.47 ? 89  HOH B O   1 
HETATM 1011 O  O   . HOH E 4 .   ? -9.800  -10.065 10.317  1.00 46.26 ? 91  HOH B O   1 
HETATM 1012 O  O   . HOH E 4 .   ? 1.275   -7.892  14.294  1.00 52.90 ? 99  HOH B O   1 
HETATM 1013 O  O   . HOH E 4 .   ? -0.684  -4.683  13.666  1.00 50.15 ? 102 HOH B O   1 
HETATM 1014 O  O   . HOH E 4 .   ? -10.202 -5.554  11.157  1.00 56.90 ? 132 HOH B O   1 
HETATM 1015 O  O   . HOH E 4 .   ? -13.816 5.104   6.890   1.00 49.36 ? 138 HOH B O   1 
# 
